data_4CN4
#
_entry.id   4CN4
#
_cell.length_a   113.000
_cell.length_b   113.000
_cell.length_c   312.860
_cell.angle_alpha   90.00
_cell.angle_beta   90.00
_cell.angle_gamma   90.00
#
_symmetry.space_group_name_H-M   'P 41 21 2'
#
loop_
_entity.id
_entity.type
_entity.pdbx_description
1 polymer 'ALPHA-1,4-GLUCAN\:MALTOSE-1-PHOSPHATE MALTOSYLTRANSFERASE 1'
2 branched alpha-D-glucopyranose-(1-4)-2-deoxy-2-fluoro-beta-D-glucopyranose
3 water water
#
_entity_poly.entity_id   1
_entity_poly.type   'polypeptide(L)'
_entity_poly.pdbx_seq_one_letter_code
;MGSSHHHHHHSSGLVPRGSHMPATHHSSATSAERPTVVGRIPVLDVRPVVQRGRRPAKAVTGESFEVSATVFREGHDAVG
ANVVLRDPRGRPGPWTPMRELAPGTDRWGATVTAGETGTWSYTVEAWGDPVTTWRHHARIKIPAGLDTDLVLEEGARLYE
RAAADVPGREDRRELLAAVDALRDESRPAASRLAAALTPQVDAVLARHPLRDLVTSSDPLPLLVERERALYGAWYEFFPR
SEGTPHTPHGTFRTAARRLPAIAAMGFDVVYLPPIHPIGTTHRKGRNNTLSATGDDVGVPWAIGSPEGGHDSIHPALGTL
DDFDHFVTEAGKLGLEIALDFALQCSPDHPWVHKHPEWFHHRPDGTIAHAENPPKKYQDIYPIAFDADPDGLATETVRIL
RHWMDHGVRIFRVDNPHTKPVAFWERVIADINGTDPDVIFLAAAFTRPAMMATLAQIGFQQSYTYFTWRNTKQELTEYLT
ELSGEAASYMRPNFFANTPDILHAYLQHGGRPAFEVRAVLAATLSPTWGIYSGYELCENTPLREGSEEYLDSEKYQLKPR
DWTRAAREGTTIAPLVTRLNTIRRENPALRQLRDLHFHPTDKEEVIAYSKRQGSNTVLVVVNLDPRHTQEATVSLDMPQL
GLDWHESVPVRDELTGETYHWGRANYVRLEPGRTPAHVCTVLRPSHPQIGGSHTT
;
_entity_poly.pdbx_strand_id   A,B
#
loop_
_chem_comp.id
_chem_comp.type
_chem_comp.name
_chem_comp.formula
GLC D-saccharide, alpha linking alpha-D-glucopyranose 'C6 H12 O6'
SHG D-saccharide, beta linking 2-deoxy-2-fluoro-beta-D-glucopyranose 'C6 H11 F O5'
#
# COMPACT_ATOMS: atom_id res chain seq x y z
N PRO A 35 13.45 1.74 -24.24
CA PRO A 35 13.69 2.11 -22.85
C PRO A 35 13.25 1.03 -21.85
N THR A 36 13.86 1.02 -20.66
CA THR A 36 13.44 0.14 -19.59
C THR A 36 12.67 0.93 -18.53
N VAL A 37 11.73 0.27 -17.88
CA VAL A 37 11.02 0.87 -16.75
C VAL A 37 12.00 1.24 -15.63
N VAL A 38 12.96 0.36 -15.34
CA VAL A 38 13.85 0.60 -14.19
C VAL A 38 15.11 1.26 -14.74
N GLY A 39 15.67 2.13 -13.95
CA GLY A 39 16.87 2.84 -14.35
C GLY A 39 18.12 2.12 -13.91
N ARG A 40 19.26 2.76 -14.09
CA ARG A 40 20.55 2.12 -13.87
C ARG A 40 20.70 1.82 -12.40
N ILE A 41 20.33 2.80 -11.58
CA ILE A 41 20.26 2.60 -10.15
C ILE A 41 18.79 2.68 -9.75
N PRO A 42 18.20 1.54 -9.33
CA PRO A 42 16.77 1.50 -9.03
C PRO A 42 16.31 2.55 -8.02
N VAL A 43 15.32 3.34 -8.42
CA VAL A 43 14.65 4.22 -7.51
C VAL A 43 13.17 4.01 -7.76
N LEU A 44 12.49 3.42 -6.78
CA LEU A 44 11.14 2.89 -6.96
C LEU A 44 10.22 3.41 -5.87
N ASP A 45 8.93 3.43 -6.18
CA ASP A 45 7.86 3.71 -5.22
C ASP A 45 8.08 4.99 -4.45
N VAL A 46 8.32 6.06 -5.14
CA VAL A 46 8.47 7.33 -4.48
C VAL A 46 7.16 7.74 -3.83
N ARG A 47 7.24 8.22 -2.60
CA ARG A 47 6.08 8.68 -1.89
C ARG A 47 6.38 10.03 -1.30
N PRO A 48 5.36 10.87 -1.08
CA PRO A 48 3.94 10.58 -1.25
C PRO A 48 3.53 10.45 -2.68
N VAL A 49 2.45 9.72 -2.91
CA VAL A 49 1.84 9.64 -4.21
C VAL A 49 0.33 9.51 -3.99
N VAL A 50 -0.45 10.17 -4.85
CA VAL A 50 -1.88 10.19 -4.71
C VAL A 50 -2.44 9.75 -6.05
N GLN A 51 -3.22 8.68 -6.03
CA GLN A 51 -3.89 8.23 -7.23
C GLN A 51 -2.84 7.91 -8.34
N ARG A 52 -1.77 7.24 -7.94
CA ARG A 52 -0.72 6.84 -8.84
C ARG A 52 -0.09 8.00 -9.62
N GLY A 53 -0.07 9.20 -9.06
CA GLY A 53 0.48 10.37 -9.75
C GLY A 53 -0.48 11.29 -10.48
N ARG A 54 -1.75 10.89 -10.56
CA ARG A 54 -2.75 11.67 -11.32
C ARG A 54 -3.38 12.84 -10.55
N ARG A 55 -3.06 12.96 -9.26
CA ARG A 55 -3.53 14.04 -8.40
C ARG A 55 -2.36 14.46 -7.56
N PRO A 56 -2.29 15.73 -7.21
CA PRO A 56 -1.12 16.09 -6.44
C PRO A 56 -1.15 15.73 -4.96
N ALA A 57 0.01 15.46 -4.41
CA ALA A 57 0.16 15.46 -2.98
C ALA A 57 0.07 16.89 -2.52
N LYS A 58 -0.16 17.09 -1.23
CA LYS A 58 -0.46 18.44 -0.69
C LYS A 58 0.56 18.92 0.32
N ALA A 59 0.75 20.22 0.36
CA ALA A 59 1.44 20.86 1.46
C ALA A 59 0.98 22.30 1.54
N VAL A 60 1.44 22.99 2.58
CA VAL A 60 1.30 24.44 2.65
C VAL A 60 2.64 25.10 2.82
N THR A 61 2.71 26.36 2.45
CA THR A 61 3.88 27.19 2.66
C THR A 61 4.47 26.98 4.05
N GLY A 62 5.76 26.67 4.11
CA GLY A 62 6.46 26.47 5.37
C GLY A 62 6.34 25.08 5.99
N GLU A 63 5.56 24.17 5.41
CA GLU A 63 5.36 22.83 5.97
C GLU A 63 6.42 21.83 5.52
N SER A 64 6.93 21.04 6.44
CA SER A 64 7.92 20.02 6.13
C SER A 64 7.30 18.67 6.07
N PHE A 65 7.78 17.84 5.17
CA PHE A 65 7.28 16.48 5.04
C PHE A 65 8.30 15.58 4.43
N GLU A 66 8.11 14.28 4.62
CA GLU A 66 9.09 13.31 4.17
C GLU A 66 8.81 12.88 2.74
N VAL A 67 9.82 13.04 1.88
CA VAL A 67 9.81 12.37 0.57
C VAL A 67 10.62 11.08 0.71
N SER A 68 10.10 9.96 0.22
CA SER A 68 10.77 8.68 0.42
C SER A 68 10.76 7.85 -0.85
N ALA A 69 11.60 6.83 -0.87
CA ALA A 69 11.73 5.98 -2.04
C ALA A 69 12.45 4.71 -1.68
N THR A 70 12.29 3.70 -2.52
CA THR A 70 13.04 2.48 -2.40
C THR A 70 14.23 2.58 -3.37
N VAL A 71 15.45 2.54 -2.81
CA VAL A 71 16.67 2.78 -3.54
C VAL A 71 17.71 1.73 -3.14
N PHE A 72 18.33 1.09 -4.14
CA PHE A 72 19.29 0.02 -3.92
C PHE A 72 20.01 -0.21 -5.23
N ARG A 73 21.09 -1.00 -5.23
CA ARG A 73 21.73 -1.38 -6.49
C ARG A 73 22.14 -2.82 -6.51
N GLU A 74 22.63 -3.27 -7.65
CA GLU A 74 23.14 -4.60 -7.81
C GLU A 74 24.54 -4.64 -7.22
N GLY A 75 24.93 -5.81 -6.72
CA GLY A 75 26.23 -5.96 -6.06
C GLY A 75 26.16 -5.41 -4.65
N HIS A 76 27.31 -5.13 -4.06
CA HIS A 76 27.40 -4.84 -2.61
C HIS A 76 27.87 -3.45 -2.30
N ASP A 77 28.10 -2.65 -3.33
CA ASP A 77 28.59 -1.29 -3.14
C ASP A 77 27.45 -0.39 -2.67
N ALA A 78 27.82 0.76 -2.13
CA ALA A 78 26.88 1.59 -1.44
C ALA A 78 26.16 2.49 -2.44
N VAL A 79 24.92 2.84 -2.09
CA VAL A 79 24.20 3.86 -2.84
C VAL A 79 23.98 5.10 -2.00
N GLY A 80 23.68 6.18 -2.70
CA GLY A 80 23.19 7.40 -2.06
C GLY A 80 21.94 7.87 -2.79
N ALA A 81 21.25 8.83 -2.21
CA ALA A 81 20.11 9.42 -2.86
C ALA A 81 19.79 10.81 -2.33
N ASN A 82 19.00 11.58 -3.09
CA ASN A 82 18.68 12.97 -2.76
C ASN A 82 17.38 13.39 -3.40
N VAL A 83 16.77 14.44 -2.87
CA VAL A 83 15.49 14.91 -3.35
C VAL A 83 15.64 16.23 -4.07
N VAL A 84 15.09 16.30 -5.28
CA VAL A 84 15.11 17.54 -6.02
C VAL A 84 13.68 18.05 -6.08
N LEU A 85 13.44 19.08 -5.30
CA LEU A 85 12.15 19.73 -5.23
C LEU A 85 12.21 20.95 -6.16
N ARG A 86 11.32 20.97 -7.15
CA ARG A 86 11.29 22.10 -8.09
C ARG A 86 10.06 22.98 -7.87
N ASP A 87 10.27 24.30 -7.92
CA ASP A 87 9.21 25.26 -7.68
C ASP A 87 8.39 25.48 -8.93
N PRO A 88 7.34 26.30 -8.84
CA PRO A 88 6.47 26.43 -10.01
C PRO A 88 7.17 26.96 -11.27
N ARG A 89 8.25 27.74 -11.10
CA ARG A 89 9.06 28.21 -12.24
C ARG A 89 10.13 27.19 -12.65
N GLY A 90 10.18 26.04 -11.98
CA GLY A 90 11.14 24.97 -12.31
C GLY A 90 12.49 25.02 -11.60
N ARG A 91 12.69 26.02 -10.75
CA ARG A 91 13.95 26.18 -10.04
C ARG A 91 14.10 25.13 -8.94
N PRO A 92 15.21 24.40 -8.94
CA PRO A 92 15.42 23.33 -7.97
C PRO A 92 15.77 23.88 -6.61
N GLY A 93 15.42 23.15 -5.57
CA GLY A 93 15.66 23.62 -4.21
C GLY A 93 17.04 23.27 -3.81
N PRO A 94 17.32 23.28 -2.50
CA PRO A 94 18.69 23.02 -2.11
C PRO A 94 19.03 21.54 -2.13
N TRP A 95 20.33 21.25 -2.13
CA TRP A 95 20.85 19.91 -1.92
C TRP A 95 20.18 19.26 -0.71
N THR A 96 19.59 18.09 -0.93
CA THR A 96 18.76 17.46 0.09
C THR A 96 19.01 15.94 0.11
N PRO A 97 20.10 15.53 0.76
CA PRO A 97 20.44 14.10 0.75
C PRO A 97 19.52 13.30 1.61
N MET A 98 19.36 12.03 1.25
CA MET A 98 18.51 11.09 1.95
C MET A 98 19.33 10.14 2.77
N ARG A 99 18.67 9.46 3.69
CA ARG A 99 19.29 8.43 4.51
CA ARG A 99 19.29 8.43 4.51
C ARG A 99 18.38 7.20 4.48
N GLU A 100 18.94 6.02 4.65
CA GLU A 100 18.14 4.81 4.80
C GLU A 100 17.39 4.91 6.10
N LEU A 101 16.08 4.70 6.05
CA LEU A 101 15.19 4.91 7.21
C LEU A 101 15.21 3.84 8.28
N ALA A 102 15.54 2.60 7.90
CA ALA A 102 15.71 1.49 8.85
C ALA A 102 16.63 0.45 8.20
N PRO A 103 17.51 -0.16 9.00
CA PRO A 103 18.48 -1.09 8.37
C PRO A 103 17.87 -2.29 7.62
N GLY A 104 18.48 -2.67 6.50
CA GLY A 104 17.97 -3.76 5.65
C GLY A 104 16.71 -3.52 4.82
N THR A 105 16.12 -2.33 4.87
CA THR A 105 14.85 -2.09 4.19
C THR A 105 14.97 -1.44 2.81
N ASP A 106 16.12 -0.84 2.54
CA ASP A 106 16.31 -0.11 1.29
C ASP A 106 15.28 1.00 1.09
N ARG A 107 14.65 1.45 2.17
CA ARG A 107 13.73 2.59 2.11
C ARG A 107 14.49 3.82 2.55
N TRP A 108 14.50 4.84 1.72
CA TRP A 108 15.28 6.03 1.98
C TRP A 108 14.35 7.24 2.08
N GLY A 109 14.75 8.21 2.89
CA GLY A 109 13.97 9.41 3.09
C GLY A 109 14.72 10.69 3.37
N ALA A 110 14.04 11.80 3.12
CA ALA A 110 14.52 13.11 3.53
C ALA A 110 13.37 14.09 3.63
N THR A 111 13.54 15.06 4.51
CA THR A 111 12.57 16.07 4.75
C THR A 111 12.75 17.24 3.77
N VAL A 112 11.64 17.68 3.18
CA VAL A 112 11.67 18.86 2.33
C VAL A 112 10.64 19.82 2.88
N THR A 113 10.79 21.09 2.53
CA THR A 113 9.96 22.15 3.04
C THR A 113 9.42 22.95 1.87
N ALA A 114 8.11 23.08 1.81
CA ALA A 114 7.47 23.78 0.73
C ALA A 114 7.59 25.28 0.97
N GLY A 115 7.74 26.05 -0.10
CA GLY A 115 7.86 27.51 -0.03
C GLY A 115 6.61 28.23 -0.55
N GLU A 116 6.77 29.08 -1.55
CA GLU A 116 5.64 29.82 -2.12
C GLU A 116 4.58 28.86 -2.65
N THR A 117 3.37 29.37 -2.77
CA THR A 117 2.24 28.62 -3.24
C THR A 117 2.32 28.36 -4.75
N GLY A 118 1.67 27.28 -5.15
CA GLY A 118 1.60 26.89 -6.55
C GLY A 118 1.88 25.40 -6.72
N THR A 119 2.06 24.99 -7.97
CA THR A 119 2.33 23.61 -8.30
C THR A 119 3.82 23.38 -8.43
N TRP A 120 4.32 22.55 -7.52
CA TRP A 120 5.71 22.14 -7.47
C TRP A 120 5.85 20.73 -8.04
N SER A 121 7.08 20.25 -8.14
CA SER A 121 7.34 18.85 -8.49
C SER A 121 8.50 18.34 -7.66
N TYR A 122 8.53 17.04 -7.44
CA TYR A 122 9.65 16.43 -6.77
C TYR A 122 10.11 15.15 -7.43
N THR A 123 11.41 14.98 -7.34
CA THR A 123 12.13 13.92 -8.01
C THR A 123 13.10 13.37 -7.00
N VAL A 124 13.31 12.06 -7.03
CA VAL A 124 14.35 11.43 -6.23
C VAL A 124 15.46 10.99 -7.17
N GLU A 125 16.69 11.35 -6.84
CA GLU A 125 17.85 10.93 -7.63
C GLU A 125 18.57 9.90 -6.80
N ALA A 126 18.88 8.76 -7.42
CA ALA A 126 19.68 7.71 -6.76
C ALA A 126 20.98 7.56 -7.50
N TRP A 127 22.01 7.11 -6.79
CA TRP A 127 23.33 7.01 -7.38
C TRP A 127 24.22 6.03 -6.61
N GLY A 128 25.23 5.51 -7.31
CA GLY A 128 26.31 4.77 -6.68
C GLY A 128 27.13 5.77 -5.87
N ASP A 129 27.46 5.37 -4.65
CA ASP A 129 28.30 6.19 -3.79
C ASP A 129 29.66 5.50 -3.67
N PRO A 130 30.53 5.68 -4.67
CA PRO A 130 31.82 4.96 -4.68
C PRO A 130 32.74 5.34 -3.53
N VAL A 131 32.63 6.58 -3.03
CA VAL A 131 33.51 7.03 -1.95
C VAL A 131 33.21 6.35 -0.62
N THR A 132 31.94 6.22 -0.27
CA THR A 132 31.60 5.48 0.94
C THR A 132 32.10 4.06 0.83
N THR A 133 31.91 3.46 -0.35
CA THR A 133 32.34 2.09 -0.62
C THR A 133 33.84 1.94 -0.48
N TRP A 134 34.59 2.87 -1.06
CA TRP A 134 36.04 2.81 -1.03
C TRP A 134 36.55 3.05 0.40
N ARG A 135 35.94 3.99 1.13
CA ARG A 135 36.31 4.27 2.51
C ARG A 135 36.13 3.04 3.39
N HIS A 136 34.96 2.44 3.32
CA HIS A 136 34.68 1.25 4.11
C HIS A 136 35.76 0.19 3.89
N HIS A 137 36.20 0.02 2.64
CA HIS A 137 37.18 -1.01 2.33
C HIS A 137 38.58 -0.60 2.75
N ALA A 138 38.93 0.65 2.47
CA ALA A 138 40.22 1.20 2.83
C ALA A 138 40.45 1.13 4.34
N ARG A 139 39.40 1.41 5.11
CA ARG A 139 39.51 1.35 6.58
C ARG A 139 39.88 -0.05 7.10
N ILE A 140 39.50 -1.11 6.39
CA ILE A 140 39.89 -2.46 6.80
C ILE A 140 41.27 -2.82 6.23
N LYS A 141 41.50 -2.46 4.97
CA LYS A 141 42.67 -2.95 4.22
C LYS A 141 44.02 -2.29 4.57
N ILE A 142 44.02 -0.99 4.87
CA ILE A 142 45.26 -0.30 5.24
C ILE A 142 45.85 -0.81 6.59
N PRO A 143 45.02 -0.89 7.65
CA PRO A 143 45.51 -1.52 8.89
C PRO A 143 45.96 -2.98 8.73
N ALA A 144 45.23 -3.77 7.96
CA ALA A 144 45.61 -5.17 7.70
C ALA A 144 46.70 -5.34 6.61
N GLY A 145 47.19 -4.24 6.03
CA GLY A 145 48.33 -4.25 5.07
C GLY A 145 48.10 -4.90 3.71
N LEU A 146 46.84 -4.98 3.25
CA LEU A 146 46.48 -5.71 2.02
C LEU A 146 46.34 -4.78 0.80
N ASP A 147 47.31 -4.86 -0.12
CA ASP A 147 47.28 -4.13 -1.41
C ASP A 147 47.28 -2.63 -1.25
N THR A 148 48.04 -2.10 -0.30
CA THR A 148 47.85 -0.71 0.14
C THR A 148 48.09 0.34 -0.95
N ASP A 149 49.09 0.14 -1.81
CA ASP A 149 49.39 1.11 -2.89
C ASP A 149 48.23 1.15 -3.89
N LEU A 150 47.68 -0.02 -4.13
CA LEU A 150 46.62 -0.19 -5.07
C LEU A 150 45.34 0.46 -4.51
N VAL A 151 45.01 0.15 -3.26
CA VAL A 151 43.86 0.75 -2.58
C VAL A 151 43.95 2.28 -2.59
N LEU A 152 45.07 2.81 -2.12
CA LEU A 152 45.20 4.26 -2.00
C LEU A 152 45.18 4.98 -3.34
N GLU A 153 45.76 4.38 -4.37
CA GLU A 153 45.70 4.99 -5.71
C GLU A 153 44.24 5.01 -6.27
N GLU A 154 43.45 3.98 -5.93
CA GLU A 154 42.03 3.93 -6.29
C GLU A 154 41.29 5.07 -5.63
N GLY A 155 41.61 5.35 -4.37
CA GLY A 155 41.05 6.50 -3.69
C GLY A 155 41.40 7.83 -4.37
N ALA A 156 42.65 7.97 -4.74
CA ALA A 156 43.13 9.18 -5.36
C ALA A 156 42.30 9.48 -6.60
N ARG A 157 42.06 8.45 -7.42
CA ARG A 157 41.31 8.59 -8.66
C ARG A 157 39.86 8.98 -8.44
N LEU A 158 39.23 8.49 -7.37
CA LEU A 158 37.86 8.90 -6.99
C LEU A 158 37.85 10.39 -6.63
N TYR A 159 38.76 10.78 -5.73
CA TYR A 159 38.82 12.15 -5.22
C TYR A 159 39.13 13.13 -6.36
N GLU A 160 39.88 12.67 -7.35
CA GLU A 160 40.19 13.46 -8.56
C GLU A 160 38.90 13.69 -9.37
N ARG A 161 38.10 12.63 -9.53
CA ARG A 161 36.81 12.74 -10.20
C ARG A 161 35.85 13.63 -9.40
N ALA A 162 35.92 13.53 -8.07
CA ALA A 162 35.13 14.38 -7.19
C ALA A 162 35.43 15.83 -7.45
N ALA A 163 36.71 16.18 -7.42
CA ALA A 163 37.18 17.55 -7.60
C ALA A 163 36.75 18.20 -8.93
N ALA A 164 36.73 17.40 -9.99
CA ALA A 164 36.30 17.85 -11.32
C ALA A 164 34.95 18.57 -11.32
N ASP A 165 34.01 18.02 -10.54
CA ASP A 165 32.63 18.48 -10.47
C ASP A 165 32.37 19.55 -9.40
N VAL A 166 33.34 19.82 -8.54
CA VAL A 166 33.21 20.87 -7.52
C VAL A 166 33.37 22.27 -8.16
N PRO A 167 32.37 23.16 -8.01
CA PRO A 167 32.43 24.51 -8.62
C PRO A 167 33.29 25.58 -7.88
N GLY A 168 33.61 25.36 -6.60
CA GLY A 168 34.45 26.30 -5.84
C GLY A 168 35.94 26.00 -5.95
N ARG A 169 36.74 27.03 -6.26
CA ARG A 169 38.22 26.89 -6.36
C ARG A 169 38.82 26.40 -5.02
N GLU A 170 38.36 26.98 -3.91
CA GLU A 170 38.84 26.61 -2.57
C GLU A 170 38.48 25.16 -2.18
N ASP A 171 37.26 24.75 -2.49
CA ASP A 171 36.80 23.36 -2.29
C ASP A 171 37.61 22.38 -3.15
N ARG A 172 37.72 22.69 -4.44
CA ARG A 172 38.53 21.91 -5.39
C ARG A 172 39.96 21.73 -4.87
N ARG A 173 40.62 22.83 -4.50
CA ARG A 173 42.02 22.81 -3.95
C ARG A 173 42.14 21.86 -2.73
N GLU A 174 41.12 21.81 -1.86
CA GLU A 174 41.09 20.92 -0.70
C GLU A 174 41.14 19.42 -1.06
N LEU A 175 40.27 19.03 -2.02
CA LEU A 175 40.24 17.66 -2.53
C LEU A 175 41.56 17.26 -3.25
N LEU A 176 42.09 18.17 -4.08
CA LEU A 176 43.33 17.90 -4.80
C LEU A 176 44.51 17.75 -3.84
N ALA A 177 44.40 18.31 -2.64
CA ALA A 177 45.44 18.17 -1.61
C ALA A 177 45.41 16.77 -1.03
N ALA A 178 44.21 16.27 -0.73
CA ALA A 178 44.04 14.90 -0.27
C ALA A 178 44.44 13.88 -1.37
N VAL A 179 44.20 14.21 -2.64
CA VAL A 179 44.71 13.38 -3.76
C VAL A 179 46.23 13.28 -3.70
N ASP A 180 46.91 14.42 -3.56
CA ASP A 180 48.38 14.46 -3.55
C ASP A 180 48.95 13.74 -2.31
N ALA A 181 48.29 13.90 -1.15
CA ALA A 181 48.66 13.16 0.08
C ALA A 181 48.41 11.64 -0.06
N LEU A 182 47.28 11.28 -0.70
CA LEU A 182 46.99 9.87 -1.04
C LEU A 182 48.05 9.24 -1.94
N ARG A 183 48.62 10.02 -2.85
CA ARG A 183 49.62 9.51 -3.82
C ARG A 183 51.05 9.60 -3.33
N ASP A 184 51.27 10.21 -2.19
CA ASP A 184 52.61 10.40 -1.68
C ASP A 184 53.16 9.10 -1.06
N GLU A 185 53.89 8.33 -1.88
CA GLU A 185 54.43 7.01 -1.47
C GLU A 185 55.52 7.03 -0.40
N SER A 186 55.99 8.22 -0.02
CA SER A 186 57.01 8.38 1.05
C SER A 186 56.41 8.46 2.47
N ARG A 187 55.08 8.56 2.57
CA ARG A 187 54.41 8.60 3.87
C ARG A 187 53.83 7.23 4.17
N PRO A 188 53.72 6.89 5.47
CA PRO A 188 53.06 5.64 5.89
C PRO A 188 51.64 5.55 5.32
N ALA A 189 51.19 4.33 5.06
CA ALA A 189 49.87 4.11 4.51
C ALA A 189 48.76 4.72 5.38
N ALA A 190 48.88 4.57 6.71
CA ALA A 190 47.85 5.07 7.65
C ALA A 190 47.62 6.57 7.50
N SER A 191 48.70 7.32 7.24
CA SER A 191 48.63 8.80 7.16
C SER A 191 48.24 9.30 5.77
N ARG A 192 48.63 8.58 4.71
CA ARG A 192 48.10 8.86 3.36
C ARG A 192 46.57 8.73 3.33
N LEU A 193 46.05 7.69 4.00
CA LEU A 193 44.59 7.47 4.16
C LEU A 193 43.93 8.53 5.05
N ALA A 194 44.48 8.79 6.23
CA ALA A 194 43.93 9.81 7.15
C ALA A 194 43.71 11.17 6.48
N ALA A 195 44.62 11.56 5.56
CA ALA A 195 44.52 12.83 4.79
C ALA A 195 43.29 12.93 3.89
N ALA A 196 42.69 11.78 3.58
CA ALA A 196 41.44 11.67 2.82
C ALA A 196 40.15 11.54 3.69
N LEU A 197 40.31 11.44 5.01
CA LEU A 197 39.18 11.28 5.96
C LEU A 197 39.02 12.46 6.92
N THR A 198 39.57 13.62 6.55
CA THR A 198 39.51 14.82 7.40
C THR A 198 38.08 15.36 7.40
N PRO A 199 37.64 15.96 8.53
CA PRO A 199 36.36 16.70 8.50
C PRO A 199 36.22 17.75 7.37
N GLN A 200 37.33 18.35 6.93
CA GLN A 200 37.29 19.40 5.87
C GLN A 200 36.99 18.79 4.46
N VAL A 201 37.52 17.59 4.20
CA VAL A 201 37.14 16.81 3.02
C VAL A 201 35.69 16.31 3.16
N ASP A 202 35.37 15.69 4.30
CA ASP A 202 33.99 15.26 4.60
C ASP A 202 32.98 16.31 4.18
N ALA A 203 33.24 17.57 4.55
CA ALA A 203 32.31 18.68 4.29
C ALA A 203 32.18 19.02 2.80
N VAL A 204 33.29 18.94 2.04
CA VAL A 204 33.21 19.18 0.59
C VAL A 204 32.39 18.06 -0.10
N LEU A 205 32.64 16.81 0.30
CA LEU A 205 31.94 15.65 -0.26
C LEU A 205 30.48 15.56 0.17
N ALA A 206 30.18 15.93 1.42
CA ALA A 206 28.79 16.01 1.89
C ALA A 206 28.04 17.05 1.08
N ARG A 207 28.71 18.15 0.71
CA ARG A 207 28.06 19.20 -0.09
C ARG A 207 28.10 18.93 -1.60
N HIS A 208 29.15 18.28 -2.11
CA HIS A 208 29.27 17.97 -3.55
C HIS A 208 29.80 16.55 -3.78
N PRO A 209 28.98 15.53 -3.51
CA PRO A 209 29.55 14.18 -3.48
C PRO A 209 29.73 13.61 -4.88
N LEU A 210 30.53 12.57 -4.98
CA LEU A 210 30.74 11.89 -6.25
C LEU A 210 29.64 10.87 -6.38
N ARG A 211 28.80 11.11 -7.37
CA ARG A 211 27.65 10.32 -7.60
C ARG A 211 27.87 9.59 -8.91
N ASP A 212 27.88 8.27 -8.87
CA ASP A 212 27.88 7.47 -10.09
C ASP A 212 26.46 7.14 -10.58
N LEU A 213 26.31 7.15 -11.88
CA LEU A 213 25.22 6.51 -12.56
C LEU A 213 23.90 7.08 -12.07
N VAL A 214 23.90 8.40 -11.88
CA VAL A 214 22.74 9.13 -11.37
C VAL A 214 21.50 8.74 -12.15
N THR A 215 20.44 8.41 -11.40
CA THR A 215 19.22 7.91 -11.96
C THR A 215 18.10 8.63 -11.28
N SER A 216 17.13 9.01 -12.08
CA SER A 216 16.09 9.86 -11.62
C SER A 216 14.74 9.19 -11.68
N SER A 217 13.89 9.45 -10.70
CA SER A 217 12.49 9.05 -10.78
C SER A 217 11.75 9.99 -11.73
N ASP A 218 10.55 9.62 -12.17
CA ASP A 218 9.71 10.56 -12.91
C ASP A 218 9.16 11.56 -11.90
N PRO A 219 9.01 12.83 -12.28
CA PRO A 219 8.52 13.88 -11.38
C PRO A 219 7.15 13.59 -10.81
N LEU A 220 6.93 13.93 -9.56
CA LEU A 220 5.62 13.82 -8.95
C LEU A 220 5.11 15.21 -8.55
N PRO A 221 3.80 15.47 -8.74
CA PRO A 221 3.25 16.80 -8.49
C PRO A 221 2.96 17.05 -7.02
N LEU A 222 3.29 18.26 -6.57
CA LEU A 222 2.99 18.74 -5.24
C LEU A 222 2.19 20.05 -5.34
N LEU A 223 1.01 20.11 -4.71
CA LEU A 223 0.23 21.36 -4.65
C LEU A 223 0.48 22.07 -3.33
N VAL A 224 1.07 23.26 -3.38
CA VAL A 224 1.37 23.98 -2.18
C VAL A 224 0.37 25.11 -2.04
N GLU A 225 -0.27 25.16 -0.89
CA GLU A 225 -1.35 26.11 -0.67
C GLU A 225 -1.04 26.98 0.53
N ARG A 226 -1.86 27.98 0.79
CA ARG A 226 -1.56 28.96 1.86
C ARG A 226 -1.66 28.34 3.25
N GLU A 227 -0.99 28.97 4.21
CA GLU A 227 -0.90 28.48 5.58
C GLU A 227 -2.25 28.04 6.16
N ARG A 228 -3.28 28.83 5.89
CA ARG A 228 -4.59 28.64 6.51
C ARG A 228 -5.27 27.34 6.10
N ALA A 229 -4.86 26.76 4.98
CA ALA A 229 -5.43 25.48 4.57
C ALA A 229 -5.10 24.41 5.58
N LEU A 230 -3.93 24.51 6.18
CA LEU A 230 -3.51 23.51 7.18
C LEU A 230 -3.75 23.97 8.60
N TYR A 231 -3.59 25.27 8.86
CA TYR A 231 -3.49 25.82 10.24
C TYR A 231 -4.49 26.93 10.48
N GLY A 232 -5.32 26.74 11.50
CA GLY A 232 -6.29 27.76 11.90
C GLY A 232 -7.25 27.29 12.97
N ALA A 233 -7.73 28.24 13.76
CA ALA A 233 -8.79 27.97 14.71
C ALA A 233 -10.11 28.54 14.20
N TRP A 234 -11.14 27.69 14.21
CA TRP A 234 -12.45 28.03 13.64
C TRP A 234 -13.53 28.16 14.71
N TYR A 235 -14.43 29.14 14.55
CA TYR A 235 -15.59 29.31 15.42
C TYR A 235 -16.86 29.43 14.60
N GLU A 236 -17.83 28.58 14.91
CA GLU A 236 -19.10 28.59 14.24
C GLU A 236 -20.19 29.22 15.09
N PHE A 237 -20.97 30.15 14.50
CA PHE A 237 -22.16 30.68 15.14
C PHE A 237 -23.21 31.21 14.15
N PHE A 238 -24.46 31.30 14.64
CA PHE A 238 -25.62 31.72 13.87
C PHE A 238 -25.87 33.19 14.13
N PRO A 239 -25.64 34.05 13.13
CA PRO A 239 -25.82 35.48 13.37
C PRO A 239 -27.22 35.83 13.94
N ARG A 240 -28.24 35.15 13.45
CA ARG A 240 -29.61 35.42 13.84
C ARG A 240 -29.86 35.27 15.33
N SER A 241 -29.04 34.50 16.03
CA SER A 241 -29.21 34.30 17.45
C SER A 241 -28.73 35.51 18.25
N GLU A 242 -27.95 36.39 17.64
CA GLU A 242 -27.36 37.51 18.33
C GLU A 242 -28.13 38.80 18.02
N GLY A 243 -29.34 38.88 18.56
CA GLY A 243 -30.23 40.01 18.36
C GLY A 243 -30.44 40.84 19.62
N THR A 244 -31.59 41.50 19.71
CA THR A 244 -31.87 42.46 20.79
C THR A 244 -33.23 42.15 21.38
N PRO A 245 -33.58 42.78 22.51
CA PRO A 245 -34.91 42.57 23.07
C PRO A 245 -36.01 43.06 22.15
N HIS A 246 -35.80 44.18 21.47
CA HIS A 246 -36.83 44.69 20.54
CA HIS A 246 -36.81 44.71 20.56
C HIS A 246 -36.82 43.96 19.20
N THR A 247 -35.70 43.34 18.83
CA THR A 247 -35.57 42.58 17.55
C THR A 247 -34.76 41.29 17.77
N PRO A 248 -35.41 40.25 18.33
CA PRO A 248 -34.76 38.98 18.69
C PRO A 248 -33.94 38.33 17.55
N HIS A 249 -34.43 38.45 16.32
CA HIS A 249 -33.70 37.94 15.16
C HIS A 249 -32.57 38.91 14.86
N GLY A 250 -31.34 38.45 15.11
CA GLY A 250 -30.14 39.22 14.83
C GLY A 250 -29.98 39.61 13.39
N THR A 251 -29.18 40.63 13.16
CA THR A 251 -28.78 41.07 11.81
C THR A 251 -27.28 40.93 11.67
N PHE A 252 -26.76 41.13 10.47
CA PHE A 252 -25.31 41.27 10.34
C PHE A 252 -24.73 42.41 11.20
N ARG A 253 -25.52 43.46 11.42
CA ARG A 253 -25.05 44.59 12.21
C ARG A 253 -24.99 44.30 13.71
N THR A 254 -26.01 43.61 14.25
CA THR A 254 -25.97 43.22 15.65
C THR A 254 -24.96 42.09 15.86
N ALA A 255 -24.95 41.12 14.96
CA ALA A 255 -24.02 39.97 15.09
C ALA A 255 -22.56 40.36 15.02
N ALA A 256 -22.22 41.45 14.32
CA ALA A 256 -20.83 41.94 14.30
C ALA A 256 -20.32 42.23 15.71
N ARG A 257 -21.22 42.51 16.66
CA ARG A 257 -20.82 42.90 18.01
C ARG A 257 -20.15 41.73 18.66
N ARG A 258 -20.45 40.56 18.15
CA ARG A 258 -19.98 39.34 18.74
C ARG A 258 -18.55 39.01 18.25
N LEU A 259 -18.11 39.68 17.18
CA LEU A 259 -16.79 39.38 16.62
C LEU A 259 -15.61 39.67 17.56
N PRO A 260 -15.63 40.80 18.26
CA PRO A 260 -14.43 41.08 19.11
C PRO A 260 -14.15 39.97 20.08
N ALA A 261 -15.20 39.41 20.68
CA ALA A 261 -15.04 38.29 21.59
C ALA A 261 -14.51 37.04 20.91
N ILE A 262 -14.96 36.79 19.69
CA ILE A 262 -14.43 35.64 18.94
C ILE A 262 -12.92 35.84 18.69
N ALA A 263 -12.51 37.01 18.20
CA ALA A 263 -11.08 37.32 18.02
C ALA A 263 -10.27 37.25 19.32
N ALA A 264 -10.89 37.63 20.43
CA ALA A 264 -10.23 37.62 21.73
C ALA A 264 -9.97 36.20 22.22
N MET A 265 -10.81 35.26 21.75
CA MET A 265 -10.59 33.85 22.06
C MET A 265 -9.49 33.23 21.18
N GLY A 266 -8.92 34.03 20.30
CA GLY A 266 -7.82 33.58 19.43
C GLY A 266 -8.26 32.76 18.23
N PHE A 267 -9.47 33.00 17.74
CA PHE A 267 -9.92 32.30 16.51
C PHE A 267 -9.46 33.08 15.28
N ASP A 268 -9.34 32.37 14.16
CA ASP A 268 -8.93 32.97 12.90
C ASP A 268 -10.01 32.94 11.84
N VAL A 269 -10.94 32.00 11.96
CA VAL A 269 -12.01 31.84 10.96
C VAL A 269 -13.37 31.82 11.63
N VAL A 270 -14.34 32.52 11.04
CA VAL A 270 -15.70 32.48 11.53
C VAL A 270 -16.51 31.74 10.49
N TYR A 271 -17.11 30.62 10.92
CA TYR A 271 -17.94 29.82 10.04
C TYR A 271 -19.42 30.14 10.33
N LEU A 272 -20.11 30.58 9.27
CA LEU A 272 -21.52 30.93 9.32
C LEU A 272 -22.34 29.90 8.62
N PRO A 273 -23.39 29.41 9.28
CA PRO A 273 -24.37 28.60 8.56
C PRO A 273 -25.02 29.42 7.45
N PRO A 274 -25.77 28.76 6.57
CA PRO A 274 -26.27 29.50 5.40
C PRO A 274 -27.00 30.80 5.78
N ILE A 275 -26.69 31.85 5.01
CA ILE A 275 -27.14 33.20 5.29
C ILE A 275 -28.20 33.67 4.33
N HIS A 276 -28.84 32.71 3.64
CA HIS A 276 -29.76 33.04 2.57
C HIS A 276 -31.21 33.02 3.09
N PRO A 277 -32.15 33.44 2.25
CA PRO A 277 -33.54 33.30 2.67
C PRO A 277 -33.84 31.83 2.88
N ILE A 278 -34.88 31.57 3.65
CA ILE A 278 -35.20 30.26 4.12
C ILE A 278 -36.64 29.94 3.73
N GLY A 279 -36.88 28.79 3.12
CA GLY A 279 -38.19 28.48 2.60
C GLY A 279 -39.25 28.43 3.69
N THR A 280 -40.52 28.48 3.25
CA THR A 280 -41.71 28.34 4.08
C THR A 280 -42.43 26.99 3.92
N THR A 281 -42.47 26.42 2.72
CA THR A 281 -43.16 25.15 2.50
C THR A 281 -42.39 24.04 3.18
N HIS A 282 -43.08 23.27 4.02
CA HIS A 282 -42.49 22.20 4.86
C HIS A 282 -41.43 22.68 5.86
N ARG A 283 -41.47 23.97 6.18
CA ARG A 283 -40.56 24.53 7.15
C ARG A 283 -40.61 23.71 8.43
N LYS A 284 -39.47 23.42 9.00
CA LYS A 284 -39.45 22.65 10.25
C LYS A 284 -39.62 23.57 11.45
N GLY A 285 -40.26 23.08 12.50
CA GLY A 285 -40.34 23.82 13.79
C GLY A 285 -39.27 23.41 14.79
N ARG A 286 -39.41 23.91 16.02
CA ARG A 286 -38.44 23.68 17.10
CA ARG A 286 -38.44 23.68 17.10
C ARG A 286 -38.21 22.18 17.37
N ASN A 287 -36.98 21.83 17.76
CA ASN A 287 -36.61 20.43 18.03
C ASN A 287 -36.94 19.49 16.85
N ASN A 288 -36.73 19.99 15.65
CA ASN A 288 -36.89 19.17 14.47
C ASN A 288 -38.31 18.58 14.35
N THR A 289 -39.31 19.42 14.59
CA THR A 289 -40.70 19.02 14.38
C THR A 289 -41.09 19.36 12.94
N LEU A 290 -42.11 18.69 12.42
CA LEU A 290 -42.46 18.80 10.98
C LEU A 290 -43.22 20.08 10.62
N SER A 291 -43.95 20.66 11.57
CA SER A 291 -44.78 21.84 11.32
C SER A 291 -44.33 23.06 12.08
N ALA A 292 -43.89 24.07 11.35
CA ALA A 292 -43.54 25.36 11.95
C ALA A 292 -44.78 26.12 12.36
N THR A 293 -44.71 26.84 13.49
CA THR A 293 -45.74 27.84 13.83
C THR A 293 -45.41 29.13 13.09
N GLY A 294 -46.23 30.16 13.28
CA GLY A 294 -46.04 31.43 12.58
C GLY A 294 -44.77 32.16 12.97
N ASP A 295 -44.31 32.00 14.20
CA ASP A 295 -43.06 32.63 14.63
C ASP A 295 -41.78 31.86 14.22
N ASP A 296 -41.89 30.54 14.09
CA ASP A 296 -40.71 29.70 13.90
C ASP A 296 -39.81 30.19 12.78
N VAL A 297 -38.49 30.16 13.00
CA VAL A 297 -37.56 30.73 12.03
C VAL A 297 -37.10 29.76 10.95
N GLY A 298 -37.22 28.48 11.21
CA GLY A 298 -36.78 27.48 10.27
C GLY A 298 -35.29 27.23 10.30
N VAL A 299 -34.86 26.31 9.44
CA VAL A 299 -33.49 25.83 9.38
C VAL A 299 -32.71 26.53 8.27
N PRO A 300 -31.56 27.14 8.60
CA PRO A 300 -30.87 27.90 7.58
C PRO A 300 -30.54 27.12 6.32
N TRP A 301 -30.35 25.81 6.46
CA TRP A 301 -30.02 24.91 5.34
C TRP A 301 -31.16 24.69 4.37
N ALA A 302 -32.35 25.14 4.73
CA ALA A 302 -33.50 25.05 3.83
C ALA A 302 -33.55 26.29 2.96
N ILE A 303 -32.61 26.35 2.04
CA ILE A 303 -32.29 27.56 1.31
C ILE A 303 -33.26 27.90 0.19
N GLY A 304 -33.71 29.16 0.20
CA GLY A 304 -34.35 29.75 -0.95
C GLY A 304 -35.83 30.06 -0.76
N SER A 305 -36.24 31.20 -1.31
CA SER A 305 -37.65 31.63 -1.28
C SER A 305 -37.86 32.59 -2.46
N PRO A 306 -39.07 33.13 -2.59
CA PRO A 306 -39.22 34.25 -3.54
C PRO A 306 -38.29 35.43 -3.28
N GLU A 307 -37.86 35.61 -2.02
CA GLU A 307 -36.89 36.67 -1.70
C GLU A 307 -35.50 36.42 -2.26
N GLY A 308 -35.17 35.18 -2.61
CA GLY A 308 -33.91 34.86 -3.26
C GLY A 308 -33.38 33.45 -2.98
N GLY A 309 -32.23 33.14 -3.60
CA GLY A 309 -31.55 31.84 -3.51
C GLY A 309 -30.16 31.96 -2.90
N HIS A 310 -29.21 31.17 -3.42
CA HIS A 310 -27.87 31.08 -2.81
C HIS A 310 -27.03 32.34 -2.99
N ASP A 311 -27.46 33.23 -3.86
CA ASP A 311 -26.77 34.51 -4.06
C ASP A 311 -27.47 35.68 -3.35
N SER A 312 -28.42 35.38 -2.46
CA SER A 312 -29.14 36.40 -1.69
C SER A 312 -28.91 36.35 -0.20
N ILE A 313 -29.28 37.43 0.47
CA ILE A 313 -29.22 37.52 1.92
C ILE A 313 -30.63 37.39 2.49
N HIS A 314 -30.78 36.62 3.55
CA HIS A 314 -32.03 36.55 4.33
C HIS A 314 -32.42 37.98 4.72
N PRO A 315 -33.65 38.42 4.38
CA PRO A 315 -34.06 39.79 4.69
C PRO A 315 -33.92 40.18 6.16
N ALA A 316 -34.14 39.24 7.07
CA ALA A 316 -33.97 39.56 8.49
C ALA A 316 -32.50 39.66 8.92
N LEU A 317 -31.55 39.25 8.08
CA LEU A 317 -30.12 39.52 8.36
C LEU A 317 -29.64 40.90 7.86
N GLY A 318 -30.43 41.53 7.00
CA GLY A 318 -30.10 42.84 6.43
C GLY A 318 -29.84 42.69 4.94
N THR A 319 -28.89 43.46 4.42
CA THR A 319 -28.57 43.52 2.99
C THR A 319 -27.12 43.13 2.70
N LEU A 320 -26.81 43.07 1.42
CA LEU A 320 -25.45 42.81 0.95
C LEU A 320 -24.43 43.79 1.54
N ASP A 321 -24.85 45.04 1.76
CA ASP A 321 -24.02 46.05 2.43
C ASP A 321 -23.74 45.76 3.90
N ASP A 322 -24.78 45.29 4.61
CA ASP A 322 -24.65 44.88 5.98
C ASP A 322 -23.67 43.69 6.04
N PHE A 323 -23.76 42.80 5.08
CA PHE A 323 -22.80 41.70 5.02
C PHE A 323 -21.38 42.19 4.76
N ASP A 324 -21.21 43.17 3.86
CA ASP A 324 -19.88 43.69 3.55
C ASP A 324 -19.26 44.30 4.83
N HIS A 325 -20.12 44.97 5.58
CA HIS A 325 -19.73 45.61 6.85
C HIS A 325 -19.21 44.56 7.82
N PHE A 326 -19.95 43.48 7.96
CA PHE A 326 -19.60 42.36 8.83
C PHE A 326 -18.27 41.73 8.43
N VAL A 327 -18.09 41.54 7.13
CA VAL A 327 -16.85 40.99 6.60
C VAL A 327 -15.68 41.92 6.85
N THR A 328 -15.91 43.22 6.69
CA THR A 328 -14.88 44.25 6.90
C THR A 328 -14.48 44.27 8.36
N GLU A 329 -15.47 44.29 9.26
CA GLU A 329 -15.21 44.28 10.71
C GLU A 329 -14.51 43.00 11.12
N ALA A 330 -14.90 41.89 10.51
CA ALA A 330 -14.20 40.64 10.81
C ALA A 330 -12.74 40.76 10.40
N GLY A 331 -12.51 41.30 9.19
CA GLY A 331 -11.14 41.51 8.66
C GLY A 331 -10.26 42.33 9.58
N LYS A 332 -10.76 43.46 10.06
CA LYS A 332 -9.98 44.28 10.98
C LYS A 332 -9.54 43.54 12.26
N LEU A 333 -10.25 42.47 12.63
CA LEU A 333 -9.95 41.71 13.84
C LEU A 333 -9.12 40.42 13.58
N GLY A 334 -8.76 40.17 12.33
CA GLY A 334 -7.96 39.00 11.95
C GLY A 334 -8.82 37.79 11.73
N LEU A 335 -10.08 38.03 11.38
CA LEU A 335 -11.02 36.96 11.17
C LEU A 335 -11.44 36.92 9.71
N GLU A 336 -11.36 35.74 9.13
CA GLU A 336 -11.84 35.49 7.75
C GLU A 336 -13.16 34.80 7.87
N ILE A 337 -14.01 34.99 6.89
CA ILE A 337 -15.34 34.41 6.93
C ILE A 337 -15.32 33.17 6.07
N ALA A 338 -15.91 32.10 6.60
CA ALA A 338 -16.23 30.91 5.86
C ALA A 338 -17.75 30.77 5.80
N LEU A 339 -18.30 30.72 4.59
CA LEU A 339 -19.71 30.51 4.39
C LEU A 339 -20.01 29.06 4.12
N ASP A 340 -21.18 28.63 4.57
CA ASP A 340 -21.65 27.30 4.29
C ASP A 340 -22.13 27.33 2.86
N PHE A 341 -21.77 26.33 2.07
CA PHE A 341 -22.34 26.17 0.74
C PHE A 341 -23.01 24.82 0.68
N ALA A 342 -24.33 24.84 0.62
CA ALA A 342 -25.14 23.63 0.67
C ALA A 342 -25.96 23.58 -0.62
N LEU A 343 -25.60 22.64 -1.49
CA LEU A 343 -26.17 22.58 -2.83
C LEU A 343 -27.43 21.71 -2.78
N GLN A 344 -28.51 22.40 -2.40
CA GLN A 344 -29.81 21.84 -2.13
C GLN A 344 -30.76 23.05 -2.04
N CYS A 345 -32.07 22.79 -1.98
CA CYS A 345 -33.10 23.83 -2.11
C CYS A 345 -34.28 23.55 -1.24
N SER A 346 -34.87 24.60 -0.66
CA SER A 346 -36.25 24.48 -0.15
C SER A 346 -37.14 24.37 -1.36
N PRO A 347 -38.37 23.88 -1.17
CA PRO A 347 -39.32 23.84 -2.31
C PRO A 347 -39.69 25.20 -2.85
N ASP A 348 -39.37 26.26 -2.10
CA ASP A 348 -39.68 27.61 -2.52
C ASP A 348 -38.50 28.31 -3.20
N HIS A 349 -37.40 27.61 -3.33
CA HIS A 349 -36.23 28.12 -4.03
C HIS A 349 -36.53 28.34 -5.52
N PRO A 350 -36.11 29.48 -6.08
CA PRO A 350 -36.36 29.83 -7.51
C PRO A 350 -35.99 28.75 -8.50
N TRP A 351 -34.90 28.07 -8.24
CA TRP A 351 -34.46 26.98 -9.09
C TRP A 351 -35.54 25.95 -9.37
N VAL A 352 -36.45 25.74 -8.41
CA VAL A 352 -37.47 24.68 -8.55
C VAL A 352 -38.30 24.88 -9.83
N HIS A 353 -38.65 26.14 -10.10
CA HIS A 353 -39.40 26.46 -11.31
C HIS A 353 -38.51 26.91 -12.46
N LYS A 354 -37.37 27.55 -12.19
CA LYS A 354 -36.47 28.00 -13.23
C LYS A 354 -35.61 26.90 -13.82
N HIS A 355 -35.26 25.90 -13.03
CA HIS A 355 -34.44 24.80 -13.53
C HIS A 355 -34.99 23.48 -13.04
N PRO A 356 -36.17 23.07 -13.52
CA PRO A 356 -36.74 21.82 -13.00
C PRO A 356 -35.82 20.62 -13.22
N GLU A 357 -35.01 20.68 -14.27
CA GLU A 357 -34.14 19.58 -14.67
C GLU A 357 -32.97 19.36 -13.69
N TRP A 358 -32.77 20.29 -12.77
CA TRP A 358 -31.81 20.09 -11.67
C TRP A 358 -32.40 19.31 -10.49
N PHE A 359 -33.56 18.67 -10.69
CA PHE A 359 -34.18 17.86 -9.66
C PHE A 359 -34.71 16.62 -10.28
N HIS A 360 -34.77 15.56 -9.50
CA HIS A 360 -35.32 14.34 -9.95
C HIS A 360 -36.78 14.33 -9.53
N HIS A 361 -37.64 14.11 -10.52
CA HIS A 361 -39.06 14.11 -10.33
C HIS A 361 -39.61 12.71 -10.50
N ARG A 362 -40.62 12.38 -9.72
CA ARG A 362 -41.21 11.08 -9.74
C ARG A 362 -42.37 11.13 -10.72
N PRO A 363 -42.96 9.97 -11.04
CA PRO A 363 -43.99 9.97 -12.06
C PRO A 363 -45.13 10.96 -11.85
N ASP A 364 -45.42 11.35 -10.61
CA ASP A 364 -46.50 12.31 -10.39
C ASP A 364 -46.01 13.77 -10.41
N GLY A 365 -44.74 13.98 -10.72
CA GLY A 365 -44.17 15.31 -10.79
C GLY A 365 -43.53 15.81 -9.50
N THR A 366 -43.70 15.10 -8.38
CA THR A 366 -43.12 15.57 -7.11
C THR A 366 -41.65 15.20 -6.96
N ILE A 367 -41.00 15.91 -6.07
CA ILE A 367 -39.61 15.71 -5.80
C ILE A 367 -39.53 15.21 -4.37
N ALA A 368 -38.98 14.01 -4.21
CA ALA A 368 -38.74 13.42 -2.91
C ALA A 368 -37.83 14.32 -2.11
N HIS A 369 -38.19 14.61 -0.87
CA HIS A 369 -37.28 15.36 0.01
C HIS A 369 -35.96 14.60 0.24
N ALA A 370 -34.91 15.34 0.56
CA ALA A 370 -33.61 14.76 0.85
C ALA A 370 -33.60 13.94 2.13
N GLU A 371 -32.69 12.97 2.18
CA GLU A 371 -32.52 12.05 3.30
C GLU A 371 -31.04 11.75 3.50
N ASN A 372 -30.72 11.22 4.68
CA ASN A 372 -29.36 10.79 5.03
C ASN A 372 -29.52 9.74 6.13
N PRO A 373 -30.05 8.56 5.78
CA PRO A 373 -30.67 7.65 6.76
C PRO A 373 -29.86 7.37 8.04
N PRO A 374 -30.54 7.30 9.20
CA PRO A 374 -32.00 7.40 9.39
C PRO A 374 -32.58 8.85 9.39
N LYS A 375 -31.73 9.87 9.17
CA LYS A 375 -32.15 11.29 9.16
C LYS A 375 -33.00 11.62 7.90
N LYS A 376 -34.10 12.35 8.11
CA LYS A 376 -34.97 12.82 7.04
C LYS A 376 -34.91 14.34 7.02
N TYR A 377 -34.91 14.88 5.80
CA TYR A 377 -34.84 16.33 5.59
C TYR A 377 -36.08 16.81 4.83
N GLN A 378 -37.23 16.75 5.48
CA GLN A 378 -38.53 17.06 4.83
C GLN A 378 -38.64 18.47 4.26
N ASP A 379 -37.75 19.36 4.68
CA ASP A 379 -37.77 20.77 4.28
C ASP A 379 -36.91 21.07 3.07
N ILE A 380 -36.22 20.07 2.51
CA ILE A 380 -35.40 20.32 1.33
C ILE A 380 -35.47 19.28 0.24
N TYR A 381 -35.10 19.73 -0.95
CA TYR A 381 -34.94 18.86 -2.09
C TYR A 381 -33.45 18.69 -2.38
N PRO A 382 -33.04 17.45 -2.74
CA PRO A 382 -31.69 17.27 -3.24
C PRO A 382 -31.64 17.63 -4.72
N ILE A 383 -30.45 18.00 -5.20
CA ILE A 383 -30.18 18.29 -6.59
C ILE A 383 -29.86 17.03 -7.37
N ALA A 384 -30.41 16.86 -8.58
CA ALA A 384 -30.00 15.78 -9.51
C ALA A 384 -29.01 16.36 -10.51
N PHE A 385 -27.98 15.60 -10.88
CA PHE A 385 -26.84 16.13 -11.67
C PHE A 385 -26.69 15.62 -13.08
N ASP A 386 -27.54 14.68 -13.51
CA ASP A 386 -27.31 14.03 -14.78
C ASP A 386 -28.11 14.56 -15.96
N ALA A 387 -28.99 15.53 -15.73
CA ALA A 387 -29.68 16.16 -16.83
C ALA A 387 -28.92 17.39 -17.31
N ASP A 388 -28.35 18.19 -16.40
CA ASP A 388 -27.69 19.43 -16.80
C ASP A 388 -26.46 19.71 -15.97
N PRO A 389 -25.47 18.80 -16.02
CA PRO A 389 -24.26 18.94 -15.25
C PRO A 389 -23.51 20.26 -15.56
N ASP A 390 -23.55 20.68 -16.80
CA ASP A 390 -22.85 21.91 -17.22
C ASP A 390 -23.51 23.14 -16.59
N GLY A 391 -24.83 23.21 -16.68
CA GLY A 391 -25.57 24.31 -16.07
C GLY A 391 -25.37 24.39 -14.55
N LEU A 392 -25.38 23.25 -13.88
CA LEU A 392 -25.13 23.24 -12.43
C LEU A 392 -23.73 23.71 -12.04
N ALA A 393 -22.72 23.30 -12.81
CA ALA A 393 -21.33 23.69 -12.54
C ALA A 393 -21.13 25.18 -12.78
N THR A 394 -21.66 25.66 -13.90
CA THR A 394 -21.62 27.08 -14.26
C THR A 394 -22.31 27.95 -13.22
N GLU A 395 -23.46 27.53 -12.73
CA GLU A 395 -24.15 28.32 -11.73
C GLU A 395 -23.47 28.23 -10.36
N THR A 396 -22.88 27.08 -10.04
CA THR A 396 -22.23 26.90 -8.74
C THR A 396 -20.99 27.79 -8.63
N VAL A 397 -20.15 27.80 -9.65
CA VAL A 397 -18.99 28.68 -9.62
C VAL A 397 -19.42 30.14 -9.68
N ARG A 398 -20.52 30.44 -10.36
CA ARG A 398 -21.03 31.82 -10.37
C ARG A 398 -21.38 32.28 -8.96
N ILE A 399 -22.06 31.41 -8.22
CA ILE A 399 -22.46 31.74 -6.88
C ILE A 399 -21.24 31.91 -6.00
N LEU A 400 -20.27 31.00 -6.12
CA LEU A 400 -19.06 31.09 -5.31
C LEU A 400 -18.27 32.35 -5.66
N ARG A 401 -18.14 32.64 -6.94
CA ARG A 401 -17.45 33.89 -7.33
C ARG A 401 -18.14 35.13 -6.78
N HIS A 402 -19.46 35.09 -6.68
CA HIS A 402 -20.19 36.19 -6.11
C HIS A 402 -19.74 36.43 -4.63
N TRP A 403 -19.73 35.39 -3.81
CA TRP A 403 -19.33 35.57 -2.43
C TRP A 403 -17.86 35.92 -2.32
N MET A 404 -17.04 35.33 -3.18
CA MET A 404 -15.61 35.68 -3.29
C MET A 404 -15.37 37.16 -3.63
N ASP A 405 -16.24 37.74 -4.45
CA ASP A 405 -16.20 39.18 -4.74
C ASP A 405 -16.47 39.98 -3.47
N HIS A 406 -17.17 39.38 -2.52
CA HIS A 406 -17.48 40.05 -1.26
C HIS A 406 -16.61 39.58 -0.12
N GLY A 407 -15.41 39.07 -0.44
CA GLY A 407 -14.36 38.82 0.57
C GLY A 407 -14.41 37.48 1.28
N VAL A 408 -15.27 36.58 0.81
CA VAL A 408 -15.32 35.21 1.35
C VAL A 408 -14.37 34.34 0.55
N ARG A 409 -13.29 33.88 1.20
CA ARG A 409 -12.27 33.06 0.52
C ARG A 409 -12.24 31.66 1.11
N ILE A 410 -13.25 31.31 1.88
CA ILE A 410 -13.36 29.97 2.46
C ILE A 410 -14.81 29.51 2.41
N PHE A 411 -15.03 28.27 1.99
CA PHE A 411 -16.37 27.68 1.92
C PHE A 411 -16.36 26.36 2.64
N ARG A 412 -17.35 26.18 3.50
CA ARG A 412 -17.61 24.93 4.17
C ARG A 412 -18.70 24.24 3.39
N VAL A 413 -18.38 23.15 2.70
CA VAL A 413 -19.29 22.54 1.75
C VAL A 413 -20.09 21.46 2.42
N ASP A 414 -21.40 21.65 2.51
CA ASP A 414 -22.26 20.77 3.29
C ASP A 414 -22.47 19.48 2.52
N ASN A 415 -22.25 18.36 3.20
CA ASN A 415 -22.48 17.03 2.66
C ASN A 415 -22.09 16.84 1.20
N PRO A 416 -20.81 17.05 0.90
CA PRO A 416 -20.39 16.92 -0.49
C PRO A 416 -20.52 15.49 -1.02
N HIS A 417 -20.55 14.53 -0.11
CA HIS A 417 -20.71 13.13 -0.45
C HIS A 417 -22.07 12.76 -0.97
N THR A 418 -23.02 13.68 -1.00
CA THR A 418 -24.32 13.43 -1.65
C THR A 418 -24.42 14.13 -3.02
N LYS A 419 -23.33 14.69 -3.49
CA LYS A 419 -23.25 15.20 -4.85
C LYS A 419 -22.05 14.49 -5.52
N PRO A 420 -22.02 14.42 -6.85
CA PRO A 420 -20.98 13.61 -7.48
C PRO A 420 -19.56 14.05 -7.16
N VAL A 421 -18.66 13.10 -7.03
CA VAL A 421 -17.27 13.41 -6.72
C VAL A 421 -16.63 14.24 -7.84
N ALA A 422 -16.93 13.86 -9.08
CA ALA A 422 -16.38 14.57 -10.20
C ALA A 422 -16.94 15.99 -10.33
N PHE A 423 -18.15 16.21 -9.82
CA PHE A 423 -18.70 17.57 -9.84
C PHE A 423 -17.81 18.45 -8.97
N TRP A 424 -17.47 18.00 -7.78
CA TRP A 424 -16.59 18.82 -6.92
C TRP A 424 -15.19 18.98 -7.53
N GLU A 425 -14.69 17.94 -8.18
CA GLU A 425 -13.35 18.04 -8.77
C GLU A 425 -13.30 19.16 -9.82
N ARG A 426 -14.35 19.26 -10.61
CA ARG A 426 -14.45 20.25 -11.64
C ARG A 426 -14.62 21.65 -11.05
N VAL A 427 -15.53 21.78 -10.10
CA VAL A 427 -15.82 23.04 -9.46
C VAL A 427 -14.61 23.59 -8.74
N ILE A 428 -13.99 22.77 -7.92
CA ILE A 428 -12.80 23.23 -7.20
C ILE A 428 -11.66 23.61 -8.15
N ALA A 429 -11.45 22.86 -9.22
CA ALA A 429 -10.41 23.19 -10.24
C ALA A 429 -10.72 24.51 -10.96
N ASP A 430 -11.98 24.74 -11.29
CA ASP A 430 -12.39 25.98 -11.91
C ASP A 430 -12.13 27.17 -10.96
N ILE A 431 -12.57 27.06 -9.71
CA ILE A 431 -12.38 28.16 -8.75
C ILE A 431 -10.91 28.37 -8.43
N ASN A 432 -10.15 27.30 -8.19
CA ASN A 432 -8.75 27.45 -7.79
C ASN A 432 -7.82 27.79 -8.95
N GLY A 433 -8.30 27.64 -10.19
CA GLY A 433 -7.55 28.05 -11.37
C GLY A 433 -7.43 29.56 -11.47
N THR A 434 -8.47 30.29 -11.08
CA THR A 434 -8.40 31.76 -11.03
C THR A 434 -8.05 32.26 -9.64
N ASP A 435 -8.52 31.54 -8.62
CA ASP A 435 -8.36 31.98 -7.24
C ASP A 435 -7.84 30.84 -6.40
N PRO A 436 -6.55 30.53 -6.54
CA PRO A 436 -5.94 29.39 -5.79
C PRO A 436 -5.97 29.53 -4.25
N ASP A 437 -6.20 30.74 -3.75
CA ASP A 437 -6.24 30.96 -2.31
C ASP A 437 -7.55 30.48 -1.63
N VAL A 438 -8.56 30.19 -2.44
CA VAL A 438 -9.83 29.77 -1.90
C VAL A 438 -9.68 28.39 -1.31
N ILE A 439 -10.28 28.20 -0.15
CA ILE A 439 -10.20 26.97 0.61
C ILE A 439 -11.56 26.34 0.71
N PHE A 440 -11.64 25.07 0.41
CA PHE A 440 -12.90 24.35 0.53
C PHE A 440 -12.75 23.31 1.61
N LEU A 441 -13.76 23.20 2.47
CA LEU A 441 -13.77 22.27 3.57
C LEU A 441 -14.90 21.26 3.40
N ALA A 442 -14.58 19.97 3.35
CA ALA A 442 -15.55 18.94 3.11
C ALA A 442 -16.23 18.49 4.40
N ALA A 443 -17.47 18.89 4.58
CA ALA A 443 -18.26 18.44 5.73
C ALA A 443 -18.95 17.15 5.41
N ALA A 444 -18.16 16.08 5.40
CA ALA A 444 -18.62 14.76 5.00
C ALA A 444 -18.25 13.76 6.05
N PHE A 445 -19.25 13.34 6.81
CA PHE A 445 -19.15 12.25 7.75
C PHE A 445 -19.73 11.07 7.06
N THR A 446 -18.84 10.24 6.52
CA THR A 446 -19.29 9.10 5.70
C THR A 446 -18.23 8.01 5.76
N ARG A 447 -18.30 7.07 4.85
CA ARG A 447 -17.34 5.98 4.81
C ARG A 447 -15.95 6.46 4.38
N PRO A 448 -14.91 5.73 4.79
CA PRO A 448 -13.54 6.19 4.57
C PRO A 448 -13.13 6.41 3.13
N ALA A 449 -13.58 5.54 2.23
CA ALA A 449 -13.22 5.69 0.84
C ALA A 449 -13.65 7.06 0.26
N MET A 450 -14.90 7.43 0.50
CA MET A 450 -15.44 8.71 -0.03
C MET A 450 -14.74 9.89 0.64
N MET A 451 -14.52 9.80 1.95
CA MET A 451 -13.80 10.85 2.66
C MET A 451 -12.42 11.13 2.05
N ALA A 452 -11.67 10.06 1.83
CA ALA A 452 -10.32 10.16 1.30
C ALA A 452 -10.39 10.67 -0.11
N THR A 453 -11.34 10.15 -0.91
CA THR A 453 -11.44 10.59 -2.28
C THR A 453 -11.74 12.10 -2.40
N LEU A 454 -12.58 12.64 -1.52
CA LEU A 454 -12.95 14.02 -1.60
C LEU A 454 -11.72 14.92 -1.38
N ALA A 455 -10.91 14.56 -0.40
CA ALA A 455 -9.67 15.27 -0.18
C ALA A 455 -8.75 15.15 -1.39
N GLN A 456 -8.61 13.96 -1.93
CA GLN A 456 -7.75 13.73 -3.09
C GLN A 456 -8.12 14.48 -4.32
N ILE A 457 -9.42 14.74 -4.53
CA ILE A 457 -9.84 15.43 -5.74
C ILE A 457 -9.85 16.91 -5.61
N GLY A 458 -9.42 17.45 -4.47
CA GLY A 458 -9.24 18.89 -4.33
C GLY A 458 -9.63 19.55 -3.02
N PHE A 459 -10.43 18.90 -2.18
CA PHE A 459 -10.85 19.57 -0.95
C PHE A 459 -9.67 19.88 -0.05
N GLN A 460 -9.46 21.16 0.21
CA GLN A 460 -8.33 21.58 1.03
C GLN A 460 -8.39 21.06 2.43
N GLN A 461 -9.58 20.89 2.97
CA GLN A 461 -9.71 20.49 4.36
C GLN A 461 -10.84 19.50 4.43
N SER A 462 -10.80 18.66 5.46
CA SER A 462 -11.82 17.64 5.68
C SER A 462 -12.27 17.61 7.14
N TYR A 463 -13.59 17.46 7.36
CA TYR A 463 -14.06 17.00 8.66
C TYR A 463 -13.68 15.53 8.81
N THR A 464 -13.66 15.07 10.07
CA THR A 464 -13.09 13.78 10.41
C THR A 464 -13.96 12.98 11.36
N TYR A 465 -13.47 11.82 11.79
CA TYR A 465 -14.14 11.03 12.80
C TYR A 465 -13.78 11.46 14.22
N PHE A 466 -13.20 12.65 14.38
CA PHE A 466 -12.64 13.10 15.70
C PHE A 466 -13.65 12.92 16.82
N THR A 467 -14.82 13.51 16.69
CA THR A 467 -15.82 13.45 17.80
C THR A 467 -16.15 12.01 18.25
N TRP A 468 -15.88 11.01 17.41
CA TRP A 468 -16.15 9.61 17.79
C TRP A 468 -14.87 8.85 18.12
N ARG A 469 -13.84 9.57 18.47
CA ARG A 469 -12.61 8.97 18.92
C ARG A 469 -12.37 9.60 20.28
N ASN A 470 -12.64 8.84 21.35
CA ASN A 470 -12.52 9.36 22.71
C ASN A 470 -11.68 8.59 23.67
N THR A 471 -11.50 7.29 23.47
CA THR A 471 -10.57 6.50 24.28
C THR A 471 -9.18 6.70 23.73
N LYS A 472 -8.19 6.32 24.54
CA LYS A 472 -6.80 6.48 24.18
C LYS A 472 -6.47 5.61 22.95
N GLN A 473 -6.92 4.37 22.94
CA GLN A 473 -6.71 3.54 21.76
C GLN A 473 -7.30 4.19 20.49
N GLU A 474 -8.49 4.76 20.61
CA GLU A 474 -9.18 5.35 19.46
C GLU A 474 -8.43 6.56 18.95
N LEU A 475 -7.95 7.38 19.86
CA LEU A 475 -7.27 8.64 19.48
C LEU A 475 -5.92 8.30 18.90
N THR A 476 -5.24 7.35 19.52
CA THR A 476 -3.91 6.94 19.09
C THR A 476 -4.00 6.32 17.70
N GLU A 477 -4.92 5.40 17.49
CA GLU A 477 -5.06 4.76 16.17
C GLU A 477 -5.43 5.77 15.12
N TYR A 478 -6.46 6.57 15.39
CA TYR A 478 -6.93 7.50 14.40
C TYR A 478 -5.92 8.58 14.03
N LEU A 479 -5.19 9.10 15.01
CA LEU A 479 -4.24 10.18 14.74
C LEU A 479 -2.98 9.66 14.08
N THR A 480 -2.61 8.41 14.37
CA THR A 480 -1.52 7.76 13.64
C THR A 480 -1.89 7.66 12.15
N GLU A 481 -3.16 7.41 11.86
CA GLU A 481 -3.63 7.38 10.47
C GLU A 481 -3.58 8.79 9.84
N LEU A 482 -4.12 9.80 10.54
CA LEU A 482 -4.19 11.14 9.98
C LEU A 482 -2.83 11.79 9.82
N SER A 483 -1.92 11.53 10.75
CA SER A 483 -0.59 12.14 10.71
C SER A 483 0.40 11.37 9.82
N GLY A 484 0.02 10.18 9.37
CA GLY A 484 0.85 9.39 8.47
C GLY A 484 0.55 9.62 7.01
N GLU A 485 0.28 8.56 6.28
CA GLU A 485 0.20 8.67 4.83
C GLU A 485 -0.95 9.54 4.36
N ALA A 486 -2.05 9.52 5.09
CA ALA A 486 -3.19 10.33 4.71
C ALA A 486 -2.91 11.84 4.73
N ALA A 487 -1.88 12.26 5.44
CA ALA A 487 -1.50 13.66 5.48
C ALA A 487 -0.99 14.21 4.15
N SER A 488 -0.75 13.35 3.18
CA SER A 488 -0.34 13.86 1.88
C SER A 488 -1.51 14.32 1.00
N TYR A 489 -2.74 14.06 1.41
CA TYR A 489 -3.90 14.51 0.66
C TYR A 489 -5.06 15.10 1.49
N MET A 490 -5.01 14.95 2.82
CA MET A 490 -6.09 15.35 3.71
C MET A 490 -5.57 16.23 4.80
N ARG A 491 -6.24 17.34 5.02
CA ARG A 491 -5.97 18.22 6.16
C ARG A 491 -7.18 18.23 7.06
N PRO A 492 -6.99 17.83 8.32
CA PRO A 492 -8.19 17.61 9.11
C PRO A 492 -8.55 18.84 9.88
N ASN A 493 -9.86 19.06 10.04
CA ASN A 493 -10.38 20.14 10.85
C ASN A 493 -11.15 19.50 12.00
N PHE A 494 -10.53 19.52 13.19
CA PHE A 494 -11.07 18.95 14.42
C PHE A 494 -12.08 19.87 15.15
N PHE A 495 -13.33 19.82 14.73
CA PHE A 495 -14.42 20.46 15.46
C PHE A 495 -14.78 19.54 16.61
N ALA A 496 -14.64 20.03 17.84
CA ALA A 496 -14.96 19.25 19.04
C ALA A 496 -16.45 19.02 19.18
N ASN A 497 -17.23 19.91 18.60
CA ASN A 497 -18.68 19.72 18.54
C ASN A 497 -19.17 20.40 17.27
N THR A 498 -20.39 20.11 16.86
CA THR A 498 -21.02 20.85 15.75
C THR A 498 -22.52 20.92 16.06
N PRO A 499 -23.27 21.70 15.28
CA PRO A 499 -24.69 21.78 15.63
C PRO A 499 -25.38 20.42 15.55
N ASP A 500 -24.74 19.48 14.87
CA ASP A 500 -25.29 18.15 14.68
C ASP A 500 -24.69 17.09 15.57
N ILE A 501 -23.69 17.44 16.37
CA ILE A 501 -22.93 16.44 17.14
C ILE A 501 -22.58 16.92 18.53
N LEU A 502 -23.33 16.40 19.49
CA LEU A 502 -23.04 16.49 20.90
C LEU A 502 -22.74 15.08 21.36
N HIS A 503 -21.47 14.72 21.42
CA HIS A 503 -21.12 13.34 21.82
C HIS A 503 -21.51 13.00 23.26
N ALA A 504 -21.88 11.72 23.49
CA ALA A 504 -22.12 11.19 24.81
C ALA A 504 -21.01 11.49 25.83
N TYR A 505 -19.77 11.59 25.37
CA TYR A 505 -18.64 11.90 26.22
C TYR A 505 -18.84 13.28 26.87
N LEU A 506 -19.37 14.23 26.10
CA LEU A 506 -19.62 15.57 26.60
C LEU A 506 -20.88 15.56 27.46
N GLN A 507 -21.88 14.81 27.03
CA GLN A 507 -23.12 14.70 27.79
C GLN A 507 -22.89 14.16 29.21
N HIS A 508 -22.10 13.11 29.35
CA HIS A 508 -21.90 12.48 30.65
C HIS A 508 -20.74 13.11 31.40
N GLY A 509 -19.87 13.80 30.68
CA GLY A 509 -18.61 14.28 31.26
C GLY A 509 -18.69 15.66 31.86
N GLY A 510 -19.62 16.46 31.36
CA GLY A 510 -19.74 17.81 31.85
C GLY A 510 -18.55 18.64 31.48
N ARG A 511 -18.31 19.68 32.27
CA ARG A 511 -17.28 20.68 31.91
C ARG A 511 -15.91 20.03 31.75
N PRO A 512 -15.53 19.15 32.69
CA PRO A 512 -14.23 18.46 32.52
C PRO A 512 -14.05 17.75 31.18
N ALA A 513 -15.12 17.25 30.58
CA ALA A 513 -15.02 16.61 29.28
C ALA A 513 -14.88 17.64 28.20
N PHE A 514 -15.55 18.78 28.34
CA PHE A 514 -15.37 19.88 27.38
C PHE A 514 -13.92 20.35 27.38
N GLU A 515 -13.31 20.38 28.55
CA GLU A 515 -11.92 20.83 28.68
C GLU A 515 -10.94 19.84 28.02
N VAL A 516 -11.16 18.55 28.27
CA VAL A 516 -10.36 17.53 27.62
C VAL A 516 -10.47 17.60 26.13
N ARG A 517 -11.68 17.70 25.59
CA ARG A 517 -11.81 17.67 24.13
C ARG A 517 -11.23 18.89 23.44
N ALA A 518 -11.22 20.05 24.12
CA ALA A 518 -10.60 21.25 23.53
C ALA A 518 -9.07 21.10 23.50
N VAL A 519 -8.52 20.51 24.55
CA VAL A 519 -7.07 20.34 24.62
C VAL A 519 -6.65 19.37 23.53
N LEU A 520 -7.28 18.20 23.52
CA LEU A 520 -7.11 17.24 22.45
C LEU A 520 -7.24 17.85 21.06
N ALA A 521 -8.30 18.58 20.80
CA ALA A 521 -8.52 19.02 19.42
C ALA A 521 -7.45 20.02 19.02
N ALA A 522 -7.16 20.92 19.94
CA ALA A 522 -6.25 22.05 19.69
C ALA A 522 -4.79 21.62 19.53
N THR A 523 -4.44 20.53 20.21
CA THR A 523 -3.07 20.10 20.22
C THR A 523 -2.81 19.01 19.20
N LEU A 524 -3.83 18.24 18.81
CA LEU A 524 -3.60 17.13 17.88
C LEU A 524 -3.78 17.51 16.44
N SER A 525 -4.51 18.58 16.15
CA SER A 525 -4.60 19.06 14.78
C SER A 525 -4.28 20.53 14.70
N PRO A 526 -3.55 20.94 13.65
CA PRO A 526 -3.29 22.35 13.46
C PRO A 526 -4.53 23.13 13.04
N THR A 527 -5.61 22.45 12.66
CA THR A 527 -6.91 23.10 12.51
C THR A 527 -7.93 22.44 13.40
N TRP A 528 -8.62 23.27 14.18
CA TRP A 528 -9.67 22.82 15.08
C TRP A 528 -10.71 23.90 15.15
N GLY A 529 -11.82 23.55 15.76
CA GLY A 529 -12.86 24.57 15.96
C GLY A 529 -13.92 24.11 16.94
N ILE A 530 -14.78 25.05 17.26
CA ILE A 530 -15.93 24.78 18.10
C ILE A 530 -17.15 25.52 17.54
N TYR A 531 -18.34 24.99 17.89
CA TYR A 531 -19.62 25.62 17.59
C TYR A 531 -20.11 26.31 18.88
N SER A 532 -20.43 27.61 18.76
CA SER A 532 -20.93 28.46 19.86
C SER A 532 -21.81 27.72 20.84
N GLY A 533 -21.50 27.87 22.13
CA GLY A 533 -22.19 27.13 23.18
C GLY A 533 -21.30 26.08 23.79
N TYR A 534 -20.32 25.63 23.03
CA TYR A 534 -19.28 24.73 23.53
C TYR A 534 -18.61 25.34 24.75
N GLU A 535 -18.32 26.63 24.67
CA GLU A 535 -17.68 27.36 25.78
C GLU A 535 -18.49 27.25 27.07
N LEU A 536 -19.80 27.15 26.94
CA LEU A 536 -20.70 27.15 28.08
C LEU A 536 -21.04 25.73 28.52
N CYS A 537 -20.45 24.75 27.87
CA CYS A 537 -20.65 23.37 28.23
C CYS A 537 -22.10 22.96 28.07
N GLU A 538 -22.74 23.49 27.02
CA GLU A 538 -24.09 23.09 26.70
C GLU A 538 -24.01 21.65 26.33
N ASN A 539 -24.70 20.81 27.08
CA ASN A 539 -24.58 19.38 26.87
C ASN A 539 -25.84 18.59 27.19
N THR A 540 -26.98 19.23 26.97
CA THR A 540 -28.24 18.59 27.16
C THR A 540 -28.71 18.04 25.83
N PRO A 541 -28.88 16.71 25.74
CA PRO A 541 -29.27 16.07 24.50
C PRO A 541 -30.76 16.14 24.32
N LEU A 542 -31.19 15.97 23.07
CA LEU A 542 -32.60 15.85 22.74
C LEU A 542 -33.27 14.71 23.51
N ARG A 543 -32.58 13.60 23.66
CA ARG A 543 -33.09 12.43 24.39
CA ARG A 543 -33.08 12.45 24.42
C ARG A 543 -31.89 11.56 24.66
N GLU A 544 -32.05 10.50 25.45
CA GLU A 544 -30.93 9.62 25.72
C GLU A 544 -30.53 8.88 24.45
N GLY A 545 -29.22 8.78 24.21
CA GLY A 545 -28.73 8.07 23.02
C GLY A 545 -28.83 8.85 21.73
N SER A 546 -29.05 10.16 21.85
CA SER A 546 -29.04 11.05 20.70
C SER A 546 -27.79 11.89 20.75
N GLU A 547 -27.31 12.33 19.59
CA GLU A 547 -26.23 13.30 19.53
C GLU A 547 -26.72 14.67 19.10
N GLU A 548 -28.04 14.84 19.06
CA GLU A 548 -28.68 16.15 18.87
C GLU A 548 -28.76 16.90 20.21
N TYR A 549 -28.51 18.21 20.17
CA TYR A 549 -28.85 19.12 21.26
C TYR A 549 -30.36 19.26 21.43
N LEU A 550 -30.80 19.38 22.68
CA LEU A 550 -32.14 19.85 22.97
C LEU A 550 -32.29 21.30 22.57
N ASP A 551 -33.46 21.65 22.02
CA ASP A 551 -33.73 23.03 21.61
C ASP A 551 -32.64 23.50 20.67
N SER A 552 -32.37 22.66 19.69
CA SER A 552 -31.25 22.91 18.77
C SER A 552 -31.40 24.26 18.07
N GLU A 553 -30.28 24.99 18.03
CA GLU A 553 -30.18 26.29 17.38
C GLU A 553 -30.53 26.26 15.88
N LYS A 554 -30.51 25.07 15.29
CA LYS A 554 -30.82 24.94 13.88
C LYS A 554 -32.27 25.29 13.59
N TYR A 555 -33.14 25.09 14.58
CA TYR A 555 -34.59 25.27 14.45
C TYR A 555 -35.14 26.47 15.25
N GLN A 556 -34.30 27.18 16.00
CA GLN A 556 -34.78 28.31 16.77
C GLN A 556 -33.69 29.31 17.08
N LEU A 557 -34.12 30.52 17.41
CA LEU A 557 -33.22 31.52 17.91
C LEU A 557 -32.72 31.03 19.28
N LYS A 558 -31.44 31.19 19.55
CA LYS A 558 -30.88 30.74 20.79
C LYS A 558 -30.07 31.85 21.45
N PRO A 559 -30.75 32.83 22.05
CA PRO A 559 -30.01 33.92 22.65
C PRO A 559 -29.21 33.40 23.84
N ARG A 560 -27.99 33.89 24.03
CA ARG A 560 -27.15 33.42 25.13
C ARG A 560 -26.60 34.58 25.94
N ASP A 561 -26.60 34.43 27.28
CA ASP A 561 -26.08 35.49 28.16
C ASP A 561 -24.55 35.34 28.34
N TRP A 562 -23.82 35.78 27.34
CA TRP A 562 -22.35 35.77 27.34
C TRP A 562 -21.72 36.54 28.48
N THR A 563 -22.24 37.73 28.76
CA THR A 563 -21.70 38.60 29.79
C THR A 563 -21.79 37.95 31.18
N ARG A 564 -22.92 37.31 31.43
CA ARG A 564 -23.13 36.61 32.69
C ARG A 564 -22.17 35.46 32.82
N ALA A 565 -22.10 34.62 31.79
CA ALA A 565 -21.24 33.44 31.87
C ALA A 565 -19.78 33.85 32.16
N ALA A 566 -19.35 34.96 31.57
CA ALA A 566 -18.00 35.44 31.74
C ALA A 566 -17.77 35.93 33.18
N ARG A 567 -18.72 36.69 33.69
CA ARG A 567 -18.72 37.20 35.08
C ARG A 567 -18.74 36.06 36.11
N GLU A 568 -19.50 35.00 35.85
CA GLU A 568 -19.70 33.92 36.82
C GLU A 568 -18.70 32.78 36.62
N GLY A 569 -17.79 32.93 35.66
CA GLY A 569 -16.80 31.92 35.37
C GLY A 569 -17.31 30.58 34.88
N THR A 570 -18.50 30.55 34.27
CA THR A 570 -19.14 29.31 33.83
C THR A 570 -18.94 29.13 32.33
N THR A 571 -17.81 29.61 31.82
CA THR A 571 -17.39 29.41 30.45
C THR A 571 -15.94 28.97 30.48
N ILE A 572 -15.56 28.19 29.49
CA ILE A 572 -14.18 27.79 29.32
C ILE A 572 -13.51 28.62 28.23
N ALA A 573 -14.13 29.72 27.86
CA ALA A 573 -13.48 30.69 27.00
C ALA A 573 -12.02 30.99 27.38
N PRO A 574 -11.69 31.09 28.68
CA PRO A 574 -10.28 31.35 29.00
C PRO A 574 -9.36 30.21 28.61
N LEU A 575 -9.75 28.97 28.88
CA LEU A 575 -9.00 27.81 28.42
C LEU A 575 -8.82 27.83 26.89
N VAL A 576 -9.89 28.09 26.16
CA VAL A 576 -9.85 28.14 24.70
C VAL A 576 -8.88 29.21 24.27
N THR A 577 -8.99 30.38 24.91
CA THR A 577 -8.14 31.52 24.59
C THR A 577 -6.67 31.15 24.80
N ARG A 578 -6.41 30.42 25.88
CA ARG A 578 -5.06 29.99 26.22
CA ARG A 578 -5.06 29.99 26.22
C ARG A 578 -4.59 28.98 25.17
N LEU A 579 -5.43 28.00 24.84
CA LEU A 579 -5.05 26.99 23.82
C LEU A 579 -4.62 27.61 22.50
N ASN A 580 -5.35 28.63 22.04
CA ASN A 580 -4.98 29.33 20.80
C ASN A 580 -3.72 30.19 20.89
N THR A 581 -3.50 30.82 22.05
CA THR A 581 -2.25 31.54 22.30
C THR A 581 -1.05 30.58 22.26
N ILE A 582 -1.17 29.45 22.95
CA ILE A 582 -0.12 28.42 22.90
C ILE A 582 0.14 28.01 21.45
N ARG A 583 -0.91 27.83 20.66
CA ARG A 583 -0.72 27.42 19.25
C ARG A 583 -0.01 28.51 18.43
N ARG A 584 -0.37 29.75 18.66
CA ARG A 584 0.28 30.89 18.00
C ARG A 584 1.74 31.08 18.42
N GLU A 585 2.10 30.58 19.60
CA GLU A 585 3.47 30.73 20.12
C GLU A 585 4.35 29.49 19.93
N ASN A 586 3.83 28.43 19.30
CA ASN A 586 4.55 27.14 19.23
C ASN A 586 4.35 26.52 17.88
N PRO A 587 5.31 26.74 16.97
CA PRO A 587 5.24 26.21 15.61
C PRO A 587 4.92 24.70 15.55
N ALA A 588 5.38 23.93 16.52
CA ALA A 588 5.05 22.50 16.56
C ALA A 588 3.53 22.22 16.47
N LEU A 589 2.69 23.11 17.03
CA LEU A 589 1.24 22.90 17.04
C LEU A 589 0.54 23.46 15.81
N ARG A 590 1.30 24.11 14.94
CA ARG A 590 0.83 24.61 13.66
C ARG A 590 1.17 23.68 12.49
N GLN A 591 1.45 22.43 12.83
CA GLN A 591 1.67 21.39 11.83
C GLN A 591 1.08 20.05 12.30
N LEU A 592 1.06 19.07 11.42
CA LEU A 592 0.30 17.86 11.64
C LEU A 592 1.11 16.58 11.65
N ARG A 593 2.10 16.48 10.78
CA ARG A 593 2.77 15.21 10.50
C ARG A 593 3.73 14.71 11.57
N ASP A 594 4.33 15.63 12.31
CA ASP A 594 5.27 15.27 13.37
C ASP A 594 4.50 15.13 14.65
N LEU A 595 4.32 13.88 15.06
CA LEU A 595 3.45 13.54 16.18
C LEU A 595 3.90 12.19 16.70
N HIS A 596 4.15 12.08 18.00
CA HIS A 596 4.54 10.79 18.57
C HIS A 596 3.81 10.49 19.86
N PHE A 597 3.35 9.26 20.01
CA PHE A 597 2.68 8.85 21.21
C PHE A 597 3.63 8.15 22.12
N HIS A 598 3.71 8.65 23.36
CA HIS A 598 4.57 8.10 24.43
C HIS A 598 3.76 7.24 25.40
N PRO A 599 4.29 6.08 25.78
CA PRO A 599 3.50 5.17 26.65
C PRO A 599 3.32 5.65 28.10
N THR A 600 2.12 5.38 28.64
CA THR A 600 1.81 5.59 30.04
C THR A 600 1.28 4.28 30.62
N ASP A 601 1.22 4.17 31.93
CA ASP A 601 0.76 2.93 32.55
C ASP A 601 -0.71 2.98 32.99
N LYS A 602 -1.47 3.95 32.47
CA LYS A 602 -2.93 4.02 32.74
C LYS A 602 -3.70 4.20 31.45
N GLU A 603 -4.70 3.36 31.25
CA GLU A 603 -5.48 3.40 30.02
C GLU A 603 -6.14 4.77 29.81
N GLU A 604 -6.42 5.50 30.88
CA GLU A 604 -7.11 6.78 30.76
C GLU A 604 -6.18 7.97 30.52
N VAL A 605 -4.89 7.75 30.55
CA VAL A 605 -3.95 8.84 30.37
C VAL A 605 -3.14 8.61 29.11
N ILE A 606 -3.23 9.60 28.21
CA ILE A 606 -2.56 9.59 26.93
C ILE A 606 -1.48 10.64 26.93
N ALA A 607 -0.39 10.38 26.24
CA ALA A 607 0.72 11.32 26.13
C ALA A 607 1.27 11.36 24.72
N TYR A 608 1.59 12.57 24.25
CA TYR A 608 2.14 12.75 22.93
C TYR A 608 3.01 13.98 22.83
N SER A 609 3.89 13.99 21.82
CA SER A 609 4.74 15.15 21.55
C SER A 609 4.69 15.50 20.08
N LYS A 610 4.98 16.76 19.77
CA LYS A 610 5.00 17.29 18.42
C LYS A 610 6.15 18.27 18.31
N ARG A 611 6.80 18.31 17.15
CA ARG A 611 8.02 19.08 16.96
C ARG A 611 8.12 19.77 15.62
N GLN A 612 8.87 20.87 15.60
CA GLN A 612 9.03 21.73 14.44
C GLN A 612 10.25 22.59 14.70
N GLY A 613 11.36 22.23 14.07
CA GLY A 613 12.64 22.85 14.38
C GLY A 613 12.95 22.61 15.83
N SER A 614 13.30 23.67 16.56
CA SER A 614 13.71 23.53 17.97
C SER A 614 12.55 23.65 18.94
N ASN A 615 11.34 23.66 18.41
CA ASN A 615 10.14 23.74 19.25
C ASN A 615 9.54 22.37 19.46
N THR A 616 9.47 21.96 20.70
CA THR A 616 8.91 20.69 21.07
C THR A 616 7.80 20.91 22.11
N VAL A 617 6.63 20.38 21.82
CA VAL A 617 5.50 20.47 22.72
C VAL A 617 5.07 19.08 23.15
N LEU A 618 4.89 18.93 24.45
CA LEU A 618 4.58 17.66 25.07
C LEU A 618 3.27 17.79 25.84
N VAL A 619 2.33 16.91 25.52
CA VAL A 619 1.00 16.96 26.08
C VAL A 619 0.65 15.65 26.79
N VAL A 620 0.04 15.76 27.95
CA VAL A 620 -0.43 14.64 28.72
C VAL A 620 -1.85 14.95 29.09
N VAL A 621 -2.78 14.06 28.76
CA VAL A 621 -4.19 14.36 29.01
C VAL A 621 -4.81 13.22 29.81
N ASN A 622 -5.64 13.57 30.78
CA ASN A 622 -6.51 12.60 31.46
C ASN A 622 -7.88 12.54 30.76
N LEU A 623 -8.17 11.42 30.11
CA LEU A 623 -9.39 11.27 29.32
C LEU A 623 -10.60 10.88 30.18
N ASP A 624 -10.36 10.63 31.46
CA ASP A 624 -11.43 10.40 32.41
C ASP A 624 -11.87 11.77 32.94
N PRO A 625 -13.11 12.18 32.60
CA PRO A 625 -13.62 13.48 33.06
C PRO A 625 -14.24 13.42 34.42
N ARG A 626 -14.31 12.24 35.01
CA ARG A 626 -15.06 12.02 36.26
C ARG A 626 -14.12 11.66 37.44
N HIS A 627 -13.01 10.96 37.19
CA HIS A 627 -12.09 10.55 38.28
C HIS A 627 -10.68 11.06 38.06
N THR A 628 -10.02 11.38 39.16
CA THR A 628 -8.62 11.71 39.17
C THR A 628 -7.78 10.49 38.77
N GLN A 629 -6.79 10.71 37.93
CA GLN A 629 -5.93 9.65 37.44
C GLN A 629 -4.49 10.02 37.70
N GLU A 630 -3.74 9.07 38.23
CA GLU A 630 -2.30 9.22 38.32
C GLU A 630 -1.63 8.15 37.47
N ALA A 631 -0.47 8.51 36.93
CA ALA A 631 0.27 7.64 36.05
C ALA A 631 1.72 8.03 35.94
N THR A 632 2.47 7.11 35.38
CA THR A 632 3.85 7.32 35.01
C THR A 632 3.89 7.43 33.51
N VAL A 633 4.40 8.56 33.02
CA VAL A 633 4.55 8.79 31.60
C VAL A 633 5.99 8.43 31.24
N SER A 634 6.18 7.38 30.46
CA SER A 634 7.52 6.91 30.09
C SER A 634 7.89 7.41 28.71
N LEU A 635 8.62 8.53 28.64
CA LEU A 635 8.95 9.13 27.37
C LEU A 635 9.99 8.35 26.58
N ASP A 636 9.67 8.12 25.31
CA ASP A 636 10.60 7.77 24.25
C ASP A 636 11.55 8.97 23.99
N MET A 637 12.69 8.97 24.66
CA MET A 637 13.60 10.11 24.69
C MET A 637 14.29 10.41 23.36
N PRO A 638 14.77 9.36 22.64
CA PRO A 638 15.35 9.61 21.31
C PRO A 638 14.40 10.32 20.34
N GLN A 639 13.11 10.08 20.51
CA GLN A 639 12.11 10.74 19.69
C GLN A 639 11.94 12.24 20.02
N LEU A 640 12.55 12.68 21.12
CA LEU A 640 12.60 14.09 21.46
C LEU A 640 13.93 14.71 21.11
N GLY A 641 14.83 13.91 20.55
CA GLY A 641 16.20 14.34 20.29
C GLY A 641 17.10 14.33 21.52
N LEU A 642 16.82 13.45 22.48
CA LEU A 642 17.58 13.38 23.73
C LEU A 642 18.04 11.97 24.05
N ASP A 643 19.06 11.86 24.89
CA ASP A 643 19.49 10.55 25.36
C ASP A 643 18.66 10.10 26.56
N TRP A 644 18.59 8.79 26.78
CA TRP A 644 17.73 8.15 27.80
C TRP A 644 17.91 8.72 29.19
N HIS A 645 19.16 9.02 29.52
CA HIS A 645 19.54 9.48 30.85
C HIS A 645 19.25 10.96 31.08
N GLU A 646 18.89 11.71 30.03
CA GLU A 646 18.79 13.16 30.15
C GLU A 646 17.54 13.61 30.88
N SER A 647 17.69 14.77 31.53
CA SER A 647 16.63 15.47 32.24
C SER A 647 16.33 16.68 31.38
N VAL A 648 15.07 17.10 31.35
CA VAL A 648 14.73 18.27 30.54
C VAL A 648 13.63 19.15 31.16
N PRO A 649 13.90 20.47 31.21
CA PRO A 649 12.89 21.32 31.81
C PRO A 649 11.72 21.60 30.85
N VAL A 650 10.52 21.59 31.41
CA VAL A 650 9.32 21.92 30.69
C VAL A 650 8.48 22.94 31.49
N ARG A 651 7.65 23.69 30.79
CA ARG A 651 6.68 24.55 31.43
C ARG A 651 5.30 24.16 30.94
N ASP A 652 4.39 23.93 31.87
CA ASP A 652 2.97 23.74 31.58
C ASP A 652 2.41 25.10 31.20
N GLU A 653 2.13 25.29 29.91
CA GLU A 653 1.66 26.58 29.40
C GLU A 653 0.22 26.91 29.85
N LEU A 654 -0.51 25.91 30.36
CA LEU A 654 -1.79 26.14 31.03
C LEU A 654 -1.64 26.83 32.37
N THR A 655 -0.53 26.62 33.09
CA THR A 655 -0.39 27.13 34.48
C THR A 655 0.79 28.07 34.74
N GLY A 656 1.77 28.11 33.85
CA GLY A 656 3.08 28.79 34.11
C GLY A 656 4.03 27.97 34.97
N GLU A 657 3.58 26.80 35.40
CA GLU A 657 4.33 25.97 36.36
C GLU A 657 5.35 25.12 35.60
N THR A 658 6.51 24.98 36.21
CA THR A 658 7.69 24.39 35.58
C THR A 658 8.08 23.11 36.28
N TYR A 659 8.44 22.09 35.50
CA TYR A 659 8.87 20.82 36.04
C TYR A 659 10.16 20.39 35.35
N HIS A 660 10.83 19.40 35.95
CA HIS A 660 11.95 18.73 35.30
C HIS A 660 11.54 17.27 35.03
N TRP A 661 11.48 16.91 33.76
CA TRP A 661 11.02 15.60 33.32
C TRP A 661 12.11 14.79 32.58
N GLY A 662 12.05 13.46 32.67
CA GLY A 662 12.90 12.56 31.86
C GLY A 662 12.23 11.24 31.45
N ARG A 663 13.06 10.24 31.18
CA ARG A 663 12.67 8.84 31.02
C ARG A 663 11.27 8.53 31.58
N ALA A 664 11.06 8.80 32.87
CA ALA A 664 9.85 8.40 33.58
C ALA A 664 9.31 9.50 34.54
N ASN A 665 8.08 9.95 34.32
CA ASN A 665 7.52 11.10 35.05
C ASN A 665 6.14 10.86 35.64
N TYR A 666 6.00 11.15 36.93
CA TYR A 666 4.74 11.04 37.64
C TYR A 666 3.81 12.24 37.32
N VAL A 667 2.59 11.95 36.89
CA VAL A 667 1.54 12.98 36.75
C VAL A 667 0.31 12.60 37.56
N ARG A 668 -0.43 13.64 37.96
CA ARG A 668 -1.66 13.48 38.74
C ARG A 668 -2.66 14.48 38.20
N LEU A 669 -3.68 13.98 37.48
CA LEU A 669 -4.60 14.84 36.78
C LEU A 669 -5.99 14.73 37.35
N GLU A 670 -6.47 15.87 37.84
CA GLU A 670 -7.70 15.96 38.61
C GLU A 670 -8.75 16.71 37.78
N PRO A 671 -9.84 16.03 37.39
CA PRO A 671 -10.89 16.66 36.58
C PRO A 671 -11.49 17.85 37.26
N GLY A 672 -11.69 18.93 36.50
CA GLY A 672 -12.10 20.23 37.07
C GLY A 672 -10.90 21.16 37.24
N ARG A 673 -9.89 20.70 37.99
CA ARG A 673 -8.68 21.47 38.23
C ARG A 673 -7.72 21.42 37.03
N THR A 674 -7.51 20.23 36.49
CA THR A 674 -6.46 19.97 35.50
C THR A 674 -6.88 18.95 34.44
N PRO A 675 -7.24 19.43 33.26
CA PRO A 675 -7.58 18.46 32.24
C PRO A 675 -6.36 17.72 31.68
N ALA A 676 -5.22 18.42 31.71
CA ALA A 676 -4.05 18.05 30.97
C ALA A 676 -2.85 18.89 31.36
N HIS A 677 -1.65 18.42 31.04
CA HIS A 677 -0.49 19.29 30.97
C HIS A 677 -0.22 19.56 29.52
N VAL A 678 -0.01 20.82 29.15
CA VAL A 678 0.43 21.16 27.80
C VAL A 678 1.78 21.85 27.89
N CYS A 679 2.86 21.09 27.81
CA CYS A 679 4.20 21.61 28.14
C CYS A 679 5.04 21.97 26.92
N THR A 680 5.82 23.03 27.01
CA THR A 680 6.88 23.29 26.06
C THR A 680 8.18 22.84 26.69
N VAL A 681 9.07 22.31 25.88
CA VAL A 681 10.42 21.96 26.32
C VAL A 681 11.23 23.25 26.38
N LEU A 682 11.82 23.55 27.53
CA LEU A 682 12.61 24.77 27.68
C LEU A 682 14.06 24.60 27.17
N ARG A 683 14.55 25.61 26.44
CA ARG A 683 15.91 25.65 25.87
C ARG A 683 16.71 26.81 26.46
N PRO B 35 -11.10 17.39 -18.67
CA PRO B 35 -11.50 16.10 -18.08
C PRO B 35 -11.19 16.00 -16.58
N THR B 36 -11.95 15.16 -15.86
CA THR B 36 -11.68 14.91 -14.46
C THR B 36 -10.98 13.58 -14.33
N VAL B 37 -10.14 13.48 -13.32
CA VAL B 37 -9.51 12.20 -12.99
C VAL B 37 -10.56 11.16 -12.60
N VAL B 38 -11.57 11.56 -11.83
CA VAL B 38 -12.56 10.57 -11.30
C VAL B 38 -13.75 10.59 -12.26
N GLY B 39 -14.35 9.42 -12.46
CA GLY B 39 -15.49 9.34 -13.36
C GLY B 39 -16.79 9.53 -12.62
N ARG B 40 -17.89 9.26 -13.30
CA ARG B 40 -19.22 9.53 -12.79
C ARG B 40 -19.49 8.64 -11.61
N ILE B 41 -19.16 7.36 -11.75
CA ILE B 41 -19.20 6.43 -10.64
C ILE B 41 -17.75 6.03 -10.31
N PRO B 42 -17.22 6.48 -9.16
CA PRO B 42 -15.85 6.23 -8.82
C PRO B 42 -15.43 4.77 -8.87
N VAL B 43 -14.41 4.50 -9.64
CA VAL B 43 -13.78 3.19 -9.59
C VAL B 43 -12.29 3.43 -9.47
N LEU B 44 -11.72 3.08 -8.33
CA LEU B 44 -10.39 3.54 -7.94
C LEU B 44 -9.54 2.37 -7.52
N ASP B 45 -8.22 2.54 -7.62
CA ASP B 45 -7.22 1.59 -7.10
C ASP B 45 -7.46 0.17 -7.53
N VAL B 46 -7.61 -0.05 -8.84
CA VAL B 46 -7.77 -1.42 -9.30
C VAL B 46 -6.47 -2.23 -9.08
N ARG B 47 -6.63 -3.44 -8.59
CA ARG B 47 -5.51 -4.31 -8.31
C ARG B 47 -5.82 -5.64 -8.92
N PRO B 48 -4.80 -6.42 -9.26
CA PRO B 48 -3.37 -6.17 -9.01
C PRO B 48 -2.82 -5.07 -9.89
N VAL B 49 -1.75 -4.46 -9.41
CA VAL B 49 -1.05 -3.45 -10.15
C VAL B 49 0.41 -3.60 -9.76
N VAL B 50 1.28 -3.45 -10.73
CA VAL B 50 2.71 -3.62 -10.50
C VAL B 50 3.37 -2.36 -11.03
N GLN B 51 4.12 -1.68 -10.16
CA GLN B 51 4.87 -0.48 -10.57
C GLN B 51 3.94 0.59 -11.16
N ARG B 52 2.82 0.81 -10.49
CA ARG B 52 1.82 1.79 -10.93
C ARG B 52 1.33 1.59 -12.39
N GLY B 53 1.27 0.36 -12.87
CA GLY B 53 0.81 0.08 -14.24
C GLY B 53 1.89 -0.02 -15.31
N ARG B 54 3.16 0.25 -14.97
CA ARG B 54 4.24 0.25 -15.96
C ARG B 54 4.82 -1.14 -16.25
N ARG B 55 4.39 -2.16 -15.50
CA ARG B 55 4.83 -3.55 -15.66
C ARG B 55 3.60 -4.40 -15.50
N PRO B 56 3.57 -5.55 -16.16
CA PRO B 56 2.32 -6.27 -16.06
C PRO B 56 2.23 -7.10 -14.83
N ALA B 57 1.02 -7.26 -14.34
CA ALA B 57 0.73 -8.33 -13.40
C ALA B 57 0.86 -9.66 -14.15
N LYS B 58 0.96 -10.76 -13.42
CA LYS B 58 1.24 -12.06 -14.03
C LYS B 58 0.15 -13.08 -13.80
N ALA B 59 0.02 -13.98 -14.78
CA ALA B 59 -0.72 -15.20 -14.58
C ALA B 59 -0.22 -16.24 -15.56
N VAL B 60 -0.73 -17.47 -15.42
CA VAL B 60 -0.51 -18.51 -16.42
C VAL B 60 -1.84 -19.02 -16.90
N THR B 61 -1.84 -19.57 -18.10
CA THR B 61 -2.99 -20.22 -18.67
C THR B 61 -3.70 -21.10 -17.65
N GLY B 62 -5.01 -20.87 -17.49
CA GLY B 62 -5.83 -21.65 -16.56
C GLY B 62 -5.82 -21.20 -15.12
N GLU B 63 -5.03 -20.20 -14.76
CA GLU B 63 -4.92 -19.76 -13.36
C GLU B 63 -5.98 -18.68 -13.02
N SER B 64 -6.60 -18.81 -11.86
CA SER B 64 -7.59 -17.87 -11.40
C SER B 64 -6.98 -16.91 -10.37
N PHE B 65 -7.44 -15.67 -10.40
CA PHE B 65 -7.00 -14.68 -9.44
C PHE B 65 -8.02 -13.57 -9.31
N GLU B 66 -7.92 -12.83 -8.23
CA GLU B 66 -8.90 -11.81 -7.92
C GLU B 66 -8.52 -10.45 -8.52
N VAL B 67 -9.43 -9.88 -9.32
CA VAL B 67 -9.33 -8.48 -9.69
C VAL B 67 -10.18 -7.68 -8.70
N SER B 68 -9.67 -6.58 -8.17
CA SER B 68 -10.40 -5.82 -7.18
C SER B 68 -10.32 -4.32 -7.42
N ALA B 69 -11.20 -3.59 -6.75
CA ALA B 69 -11.27 -2.14 -6.93
C ALA B 69 -12.06 -1.53 -5.84
N THR B 70 -11.85 -0.23 -5.63
CA THR B 70 -12.66 0.54 -4.70
C THR B 70 -13.74 1.23 -5.53
N VAL B 71 -15.01 0.84 -5.26
CA VAL B 71 -16.15 1.29 -6.02
C VAL B 71 -17.22 1.79 -5.06
N PHE B 72 -17.77 2.97 -5.34
CA PHE B 72 -18.80 3.58 -4.48
C PHE B 72 -19.41 4.68 -5.25
N ARG B 73 -20.50 5.27 -4.73
CA ARG B 73 -21.05 6.47 -5.36
C ARG B 73 -21.47 7.47 -4.34
N GLU B 74 -21.86 8.66 -4.82
CA GLU B 74 -22.41 9.69 -3.98
C GLU B 74 -23.83 9.32 -3.62
N GLY B 75 -24.24 9.74 -2.43
CA GLY B 75 -25.60 9.44 -1.96
C GLY B 75 -25.66 8.04 -1.42
N HIS B 76 -26.85 7.46 -1.34
CA HIS B 76 -27.08 6.18 -0.63
C HIS B 76 -27.59 5.07 -1.52
N ASP B 77 -27.70 5.36 -2.83
CA ASP B 77 -28.14 4.35 -3.75
C ASP B 77 -27.02 3.33 -3.98
N ALA B 78 -27.41 2.19 -4.50
CA ALA B 78 -26.50 1.07 -4.56
C ALA B 78 -25.69 1.14 -5.84
N VAL B 79 -24.48 0.60 -5.78
CA VAL B 79 -23.66 0.40 -6.96
C VAL B 79 -23.48 -1.07 -7.28
N GLY B 80 -23.10 -1.30 -8.53
CA GLY B 80 -22.63 -2.62 -8.98
C GLY B 80 -21.31 -2.47 -9.70
N ALA B 81 -20.65 -3.58 -9.96
CA ALA B 81 -19.42 -3.55 -10.73
C ALA B 81 -19.11 -4.89 -11.35
N ASN B 82 -18.22 -4.88 -12.34
CA ASN B 82 -17.88 -6.08 -13.09
C ASN B 82 -16.52 -5.96 -13.73
N VAL B 83 -15.92 -7.08 -14.10
CA VAL B 83 -14.55 -7.09 -14.66
C VAL B 83 -14.59 -7.44 -16.13
N VAL B 84 -13.92 -6.63 -16.93
CA VAL B 84 -13.82 -6.93 -18.34
C VAL B 84 -12.37 -7.28 -18.60
N LEU B 85 -12.16 -8.57 -18.82
CA LEU B 85 -10.87 -9.11 -19.11
C LEU B 85 -10.79 -9.26 -20.62
N ARG B 86 -9.83 -8.57 -21.25
CA ARG B 86 -9.68 -8.65 -22.70
C ARG B 86 -8.45 -9.44 -23.09
N ASP B 87 -8.59 -10.26 -24.13
CA ASP B 87 -7.51 -11.12 -24.60
C ASP B 87 -6.58 -10.38 -25.53
N PRO B 88 -5.51 -11.03 -26.00
CA PRO B 88 -4.54 -10.30 -26.82
C PRO B 88 -5.10 -9.73 -28.12
N ARG B 89 -6.19 -10.32 -28.63
CA ARG B 89 -6.88 -9.79 -29.81
C ARG B 89 -7.95 -8.78 -29.42
N GLY B 90 -8.09 -8.48 -28.13
CA GLY B 90 -9.07 -7.48 -27.67
C GLY B 90 -10.47 -7.99 -27.35
N ARG B 91 -10.71 -9.28 -27.54
CA ARG B 91 -12.01 -9.88 -27.28
C ARG B 91 -12.28 -9.97 -25.76
N PRO B 92 -13.42 -9.42 -25.32
CA PRO B 92 -13.75 -9.42 -23.89
C PRO B 92 -14.19 -10.79 -23.41
N GLY B 93 -13.98 -11.08 -22.14
CA GLY B 93 -14.32 -12.36 -21.59
C GLY B 93 -15.77 -12.38 -21.20
N PRO B 94 -16.18 -13.34 -20.38
CA PRO B 94 -17.60 -13.40 -20.05
C PRO B 94 -17.98 -12.37 -18.98
N TRP B 95 -19.27 -12.10 -18.88
CA TRP B 95 -19.84 -11.32 -17.79
C TRP B 95 -19.31 -11.80 -16.45
N THR B 96 -18.73 -10.88 -15.70
CA THR B 96 -18.01 -11.22 -14.47
C THR B 96 -18.32 -10.19 -13.38
N PRO B 97 -19.48 -10.32 -12.75
CA PRO B 97 -19.88 -9.35 -11.76
C PRO B 97 -19.04 -9.47 -10.50
N MET B 98 -18.91 -8.35 -9.80
CA MET B 98 -18.13 -8.27 -8.57
C MET B 98 -19.07 -8.18 -7.39
N ARG B 99 -18.51 -8.43 -6.23
CA ARG B 99 -19.24 -8.33 -4.99
CA ARG B 99 -19.24 -8.34 -4.98
C ARG B 99 -18.38 -7.53 -4.02
N GLU B 100 -19.02 -6.86 -3.07
CA GLU B 100 -18.26 -6.15 -2.03
C GLU B 100 -17.61 -7.22 -1.19
N LEU B 101 -16.32 -7.07 -0.95
CA LEU B 101 -15.53 -8.09 -0.25
C LEU B 101 -15.71 -8.15 1.28
N ALA B 102 -16.04 -7.03 1.90
CA ALA B 102 -16.34 -6.99 3.32
C ALA B 102 -17.25 -5.77 3.57
N PRO B 103 -18.27 -5.89 4.41
CA PRO B 103 -19.21 -4.77 4.57
C PRO B 103 -18.57 -3.43 5.02
N GLY B 104 -19.12 -2.33 4.53
CA GLY B 104 -18.60 -1.01 4.81
C GLY B 104 -17.25 -0.61 4.22
N THR B 105 -16.60 -1.47 3.41
CA THR B 105 -15.25 -1.16 2.93
C THR B 105 -15.22 -0.55 1.54
N ASP B 106 -16.29 -0.71 0.78
CA ASP B 106 -16.32 -0.29 -0.61
C ASP B 106 -15.24 -0.93 -1.48
N ARG B 107 -14.70 -2.06 -1.05
CA ARG B 107 -13.73 -2.80 -1.82
C ARG B 107 -14.46 -3.92 -2.47
N TRP B 108 -14.36 -3.99 -3.80
CA TRP B 108 -15.10 -4.97 -4.60
C TRP B 108 -14.15 -5.89 -5.36
N GLY B 109 -14.58 -7.15 -5.54
CA GLY B 109 -13.76 -8.16 -6.20
C GLY B 109 -14.49 -9.24 -6.98
N ALA B 110 -13.76 -9.85 -7.91
CA ALA B 110 -14.24 -10.99 -8.62
C ALA B 110 -13.07 -11.77 -9.18
N THR B 111 -13.28 -13.07 -9.30
CA THR B 111 -12.29 -13.97 -9.83
C THR B 111 -12.34 -14.03 -11.34
N VAL B 112 -11.18 -13.94 -11.97
CA VAL B 112 -11.06 -14.12 -13.40
C VAL B 112 -10.06 -15.25 -13.65
N THR B 113 -10.14 -15.84 -14.82
CA THR B 113 -9.29 -16.95 -15.19
C THR B 113 -8.64 -16.64 -16.53
N ALA B 114 -7.32 -16.72 -16.56
CA ALA B 114 -6.55 -16.41 -17.76
C ALA B 114 -6.63 -17.57 -18.70
N GLY B 115 -6.62 -17.29 -19.99
CA GLY B 115 -6.69 -18.31 -21.06
C GLY B 115 -5.37 -18.47 -21.83
N GLU B 116 -5.41 -18.30 -23.14
CA GLU B 116 -4.22 -18.42 -23.96
C GLU B 116 -3.16 -17.41 -23.51
N THR B 117 -1.92 -17.71 -23.86
CA THR B 117 -0.79 -16.88 -23.51
C THR B 117 -0.75 -15.59 -24.32
N GLY B 118 -0.11 -14.58 -23.74
CA GLY B 118 0.10 -13.30 -24.39
C GLY B 118 -0.22 -12.17 -23.43
N THR B 119 -0.33 -10.96 -23.98
CA THR B 119 -0.65 -9.76 -23.20
C THR B 119 -2.16 -9.47 -23.25
N TRP B 120 -2.77 -9.62 -22.09
CA TRP B 120 -4.16 -9.32 -21.85
C TRP B 120 -4.30 -7.93 -21.17
N SER B 121 -5.53 -7.48 -21.01
CA SER B 121 -5.83 -6.27 -20.25
C SER B 121 -7.09 -6.49 -19.42
N TYR B 122 -7.17 -5.79 -18.32
CA TYR B 122 -8.37 -5.83 -17.53
C TYR B 122 -8.81 -4.44 -17.08
N THR B 123 -10.12 -4.33 -17.01
CA THR B 123 -10.82 -3.09 -16.77
C THR B 123 -11.91 -3.43 -15.78
N VAL B 124 -12.17 -2.49 -14.87
CA VAL B 124 -13.31 -2.62 -13.98
C VAL B 124 -14.36 -1.59 -14.38
N GLU B 125 -15.60 -2.05 -14.54
CA GLU B 125 -16.72 -1.14 -14.85
C GLU B 125 -17.55 -1.04 -13.59
N ALA B 126 -17.88 0.19 -13.22
CA ALA B 126 -18.71 0.44 -12.05
C ALA B 126 -19.96 1.16 -12.54
N TRP B 127 -21.07 0.99 -11.82
CA TRP B 127 -22.37 1.50 -12.25
C TRP B 127 -23.38 1.65 -11.11
N GLY B 128 -24.32 2.56 -11.28
CA GLY B 128 -25.45 2.66 -10.39
C GLY B 128 -26.32 1.45 -10.63
N ASP B 129 -26.78 0.84 -9.54
CA ASP B 129 -27.64 -0.32 -9.62
C ASP B 129 -29.04 0.09 -9.14
N PRO B 130 -29.82 0.75 -10.00
CA PRO B 130 -31.11 1.29 -9.59
C PRO B 130 -32.11 0.24 -9.12
N VAL B 131 -32.03 -0.97 -9.63
CA VAL B 131 -32.98 -2.01 -9.21
C VAL B 131 -32.78 -2.47 -7.76
N THR B 132 -31.55 -2.73 -7.37
CA THR B 132 -31.30 -3.10 -5.98
C THR B 132 -31.80 -1.97 -5.06
N THR B 133 -31.55 -0.72 -5.47
CA THR B 133 -31.98 0.46 -4.72
C THR B 133 -33.49 0.55 -4.58
N TRP B 134 -34.18 0.33 -5.70
CA TRP B 134 -35.61 0.42 -5.71
C TRP B 134 -36.22 -0.71 -4.87
N ARG B 135 -35.67 -1.91 -4.99
CA ARG B 135 -36.13 -3.03 -4.18
C ARG B 135 -36.00 -2.78 -2.69
N HIS B 136 -34.81 -2.38 -2.25
CA HIS B 136 -34.59 -2.06 -0.86
C HIS B 136 -35.66 -1.09 -0.32
N HIS B 137 -36.01 -0.07 -1.10
CA HIS B 137 -36.97 0.93 -0.66
C HIS B 137 -38.39 0.39 -0.69
N ALA B 138 -38.73 -0.30 -1.77
CA ALA B 138 -40.04 -0.89 -1.96
C ALA B 138 -40.35 -1.87 -0.82
N ARG B 139 -39.37 -2.66 -0.41
CA ARG B 139 -39.55 -3.62 0.65
C ARG B 139 -39.95 -2.97 1.98
N ILE B 140 -39.53 -1.74 2.22
CA ILE B 140 -39.96 -1.03 3.44
C ILE B 140 -41.30 -0.32 3.21
N LYS B 141 -41.45 0.32 2.05
CA LYS B 141 -42.58 1.23 1.82
C LYS B 141 -43.92 0.56 1.56
N ILE B 142 -43.93 -0.60 0.87
CA ILE B 142 -45.19 -1.29 0.60
C ILE B 142 -45.87 -1.84 1.89
N PRO B 143 -45.11 -2.56 2.75
CA PRO B 143 -45.67 -2.96 4.04
C PRO B 143 -46.13 -1.80 4.91
N ALA B 144 -45.37 -0.71 4.94
CA ALA B 144 -45.74 0.48 5.71
C ALA B 144 -46.78 1.40 5.02
N GLY B 145 -47.24 1.03 3.82
CA GLY B 145 -48.30 1.75 3.11
C GLY B 145 -47.98 3.16 2.62
N LEU B 146 -46.71 3.48 2.39
CA LEU B 146 -46.29 4.85 2.02
C LEU B 146 -46.07 5.05 0.49
N ASP B 147 -46.97 5.79 -0.17
CA ASP B 147 -46.86 6.17 -1.59
C ASP B 147 -46.84 4.97 -2.52
N THR B 148 -47.65 3.96 -2.24
CA THR B 148 -47.48 2.66 -2.89
C THR B 148 -47.65 2.69 -4.42
N ASP B 149 -48.59 3.47 -4.94
CA ASP B 149 -48.81 3.56 -6.40
C ASP B 149 -47.61 4.17 -7.10
N LEU B 150 -47.05 5.16 -6.43
CA LEU B 150 -45.90 5.87 -6.95
C LEU B 150 -44.69 4.93 -6.95
N VAL B 151 -44.45 4.28 -5.81
CA VAL B 151 -43.32 3.35 -5.66
C VAL B 151 -43.40 2.25 -6.71
N LEU B 152 -44.55 1.60 -6.80
CA LEU B 152 -44.70 0.51 -7.76
C LEU B 152 -44.58 0.94 -9.23
N GLU B 153 -45.07 2.12 -9.57
CA GLU B 153 -44.91 2.63 -10.95
C GLU B 153 -43.43 2.97 -11.30
N GLU B 154 -42.68 3.44 -10.31
CA GLU B 154 -41.24 3.65 -10.44
C GLU B 154 -40.50 2.33 -10.73
N GLY B 155 -40.89 1.26 -10.03
CA GLY B 155 -40.38 -0.08 -10.32
C GLY B 155 -40.70 -0.53 -11.74
N ALA B 156 -41.94 -0.32 -12.17
CA ALA B 156 -42.37 -0.73 -13.48
C ALA B 156 -41.49 -0.12 -14.54
N ARG B 157 -41.19 1.17 -14.39
CA ARG B 157 -40.34 1.89 -15.33
C ARG B 157 -38.90 1.43 -15.40
N LEU B 158 -38.33 1.01 -14.27
CA LEU B 158 -36.97 0.41 -14.21
C LEU B 158 -36.99 -0.91 -14.98
N TYR B 159 -37.95 -1.77 -14.64
CA TYR B 159 -38.03 -3.10 -15.25
C TYR B 159 -38.25 -2.99 -16.78
N GLU B 160 -38.96 -1.95 -17.20
CA GLU B 160 -39.22 -1.66 -18.62
C GLU B 160 -37.89 -1.30 -19.30
N ARG B 161 -37.09 -0.46 -18.64
CA ARG B 161 -35.75 -0.14 -19.15
C ARG B 161 -34.83 -1.38 -19.18
N ALA B 162 -34.95 -2.21 -18.16
CA ALA B 162 -34.19 -3.46 -18.09
C ALA B 162 -34.50 -4.29 -19.32
N ALA B 163 -35.79 -4.50 -19.58
CA ALA B 163 -36.25 -5.35 -20.68
C ALA B 163 -35.77 -4.90 -22.06
N ALA B 164 -35.72 -3.59 -22.27
CA ALA B 164 -35.22 -3.00 -23.50
C ALA B 164 -33.88 -3.57 -23.96
N ASP B 165 -32.98 -3.75 -22.99
CA ASP B 165 -31.60 -4.20 -23.24
C ASP B 165 -31.38 -5.72 -23.24
N VAL B 166 -32.37 -6.49 -22.81
CA VAL B 166 -32.26 -7.96 -22.76
C VAL B 166 -32.39 -8.52 -24.19
N PRO B 167 -31.39 -9.32 -24.65
CA PRO B 167 -31.43 -9.86 -26.03
C PRO B 167 -32.32 -11.11 -26.25
N GLY B 168 -32.71 -11.82 -25.19
CA GLY B 168 -33.56 -13.01 -25.33
C GLY B 168 -35.05 -12.70 -25.26
N ARG B 169 -35.83 -13.23 -26.22
CA ARG B 169 -37.28 -13.01 -26.28
C ARG B 169 -37.96 -13.53 -25.01
N GLU B 170 -37.54 -14.72 -24.56
CA GLU B 170 -38.11 -15.36 -23.36
C GLU B 170 -37.79 -14.59 -22.07
N ASP B 171 -36.54 -14.12 -21.96
CA ASP B 171 -36.12 -13.27 -20.85
C ASP B 171 -36.92 -11.94 -20.85
N ARG B 172 -36.97 -11.27 -21.99
CA ARG B 172 -37.71 -10.02 -22.16
C ARG B 172 -39.17 -10.20 -21.74
N ARG B 173 -39.84 -11.22 -22.26
CA ARG B 173 -41.25 -11.53 -21.91
C ARG B 173 -41.45 -11.66 -20.37
N GLU B 174 -40.48 -12.26 -19.68
CA GLU B 174 -40.53 -12.44 -18.22
C GLU B 174 -40.56 -11.12 -17.47
N LEU B 175 -39.65 -10.21 -17.84
CA LEU B 175 -39.59 -8.86 -17.26
C LEU B 175 -40.86 -8.02 -17.56
N LEU B 176 -41.34 -8.07 -18.81
CA LEU B 176 -42.56 -7.33 -19.19
C LEU B 176 -43.81 -7.86 -18.45
N ALA B 177 -43.76 -9.10 -17.97
CA ALA B 177 -44.87 -9.68 -17.20
C ALA B 177 -44.88 -9.09 -15.79
N ALA B 178 -43.71 -9.00 -15.19
CA ALA B 178 -43.58 -8.34 -13.91
C ALA B 178 -43.93 -6.83 -14.00
N VAL B 179 -43.61 -6.20 -15.13
CA VAL B 179 -44.03 -4.81 -15.35
C VAL B 179 -45.57 -4.73 -15.29
N ASP B 180 -46.25 -5.60 -16.03
CA ASP B 180 -47.73 -5.57 -16.09
C ASP B 180 -48.36 -5.90 -14.72
N ALA B 181 -47.76 -6.85 -13.99
CA ALA B 181 -48.23 -7.16 -12.61
C ALA B 181 -47.97 -5.99 -11.63
N LEU B 182 -46.82 -5.32 -11.79
CA LEU B 182 -46.51 -4.10 -11.05
C LEU B 182 -47.51 -2.96 -11.31
N ARG B 183 -48.03 -2.88 -12.53
CA ARG B 183 -48.96 -1.82 -12.90
C ARG B 183 -50.44 -2.14 -12.65
N ASP B 184 -50.74 -3.37 -12.25
CA ASP B 184 -52.12 -3.81 -12.11
C ASP B 184 -52.72 -3.25 -10.80
N GLU B 185 -53.39 -2.09 -10.89
CA GLU B 185 -53.95 -1.38 -9.71
C GLU B 185 -55.11 -2.08 -9.01
N SER B 186 -55.63 -3.16 -9.60
CA SER B 186 -56.69 -3.95 -8.96
C SER B 186 -56.19 -5.01 -7.97
N ARG B 187 -54.88 -5.24 -7.90
CA ARG B 187 -54.29 -6.21 -6.97
C ARG B 187 -53.70 -5.48 -5.76
N PRO B 188 -53.64 -6.16 -4.59
CA PRO B 188 -53.00 -5.62 -3.40
C PRO B 188 -51.56 -5.23 -3.69
N ALA B 189 -51.08 -4.20 -3.00
CA ALA B 189 -49.72 -3.71 -3.18
C ALA B 189 -48.67 -4.81 -2.94
N ALA B 190 -48.87 -5.62 -1.90
CA ALA B 190 -47.91 -6.69 -1.53
C ALA B 190 -47.69 -7.67 -2.67
N SER B 191 -48.75 -8.00 -3.42
CA SER B 191 -48.66 -8.96 -4.50
C SER B 191 -48.17 -8.37 -5.82
N ARG B 192 -48.48 -7.09 -6.09
CA ARG B 192 -47.89 -6.37 -7.24
C ARG B 192 -46.35 -6.32 -7.12
N LEU B 193 -45.88 -6.06 -5.91
CA LEU B 193 -44.45 -6.09 -5.56
C LEU B 193 -43.84 -7.50 -5.65
N ALA B 194 -44.46 -8.49 -4.99
CA ALA B 194 -43.97 -9.86 -5.02
C ALA B 194 -43.69 -10.38 -6.44
N ALA B 195 -44.52 -9.97 -7.40
CA ALA B 195 -44.37 -10.37 -8.82
C ALA B 195 -43.07 -9.88 -9.47
N ALA B 196 -42.47 -8.84 -8.88
CA ALA B 196 -41.19 -8.29 -9.31
C ALA B 196 -39.96 -8.83 -8.55
N LEU B 197 -40.20 -9.70 -7.54
CA LEU B 197 -39.11 -10.28 -6.71
C LEU B 197 -38.98 -11.79 -6.85
N THR B 198 -39.49 -12.34 -7.94
CA THR B 198 -39.46 -13.80 -8.15
C THR B 198 -38.05 -14.26 -8.49
N PRO B 199 -37.67 -15.48 -8.09
CA PRO B 199 -36.38 -16.01 -8.55
C PRO B 199 -36.17 -15.98 -10.07
N GLN B 200 -37.24 -16.05 -10.86
CA GLN B 200 -37.11 -16.02 -12.35
C GLN B 200 -36.70 -14.64 -12.88
N VAL B 201 -37.25 -13.59 -12.27
CA VAL B 201 -36.83 -12.24 -12.56
C VAL B 201 -35.39 -12.02 -12.04
N ASP B 202 -35.14 -12.39 -10.79
CA ASP B 202 -33.78 -12.34 -10.22
C ASP B 202 -32.72 -12.84 -11.17
N ALA B 203 -32.98 -13.98 -11.81
CA ALA B 203 -32.03 -14.61 -12.71
C ALA B 203 -31.83 -13.84 -14.02
N VAL B 204 -32.89 -13.24 -14.56
CA VAL B 204 -32.74 -12.41 -15.75
C VAL B 204 -31.87 -11.15 -15.44
N LEU B 205 -32.14 -10.53 -14.30
CA LEU B 205 -31.42 -9.32 -13.88
C LEU B 205 -29.97 -9.59 -13.46
N ALA B 206 -29.73 -10.73 -12.80
CA ALA B 206 -28.36 -11.15 -12.48
C ALA B 206 -27.55 -11.37 -13.76
N ARG B 207 -28.20 -11.87 -14.81
CA ARG B 207 -27.52 -12.10 -16.09
C ARG B 207 -27.46 -10.84 -16.96
N HIS B 208 -28.48 -9.98 -16.89
CA HIS B 208 -28.53 -8.74 -17.71
C HIS B 208 -29.05 -7.55 -16.94
N PRO B 209 -28.21 -6.99 -16.06
CA PRO B 209 -28.76 -6.04 -15.12
C PRO B 209 -28.82 -4.64 -15.70
N LEU B 210 -29.65 -3.81 -15.08
CA LEU B 210 -29.79 -2.43 -15.51
C LEU B 210 -28.67 -1.65 -14.86
N ARG B 211 -27.75 -1.13 -15.65
CA ARG B 211 -26.55 -0.45 -15.19
C ARG B 211 -26.65 1.03 -15.58
N ASP B 212 -26.72 1.92 -14.58
CA ASP B 212 -26.65 3.35 -14.82
C ASP B 212 -25.20 3.89 -14.75
N LEU B 213 -24.95 4.87 -15.61
CA LEU B 213 -23.81 5.74 -15.52
C LEU B 213 -22.50 4.94 -15.52
N VAL B 214 -22.46 3.92 -16.36
CA VAL B 214 -21.34 3.01 -16.45
C VAL B 214 -20.02 3.80 -16.61
N THR B 215 -19.07 3.48 -15.75
CA THR B 215 -17.82 4.19 -15.65
C THR B 215 -16.69 3.15 -15.61
N SER B 216 -15.64 3.43 -16.36
CA SER B 216 -14.61 2.46 -16.59
C SER B 216 -13.27 2.91 -16.00
N SER B 217 -12.53 1.98 -15.44
CA SER B 217 -11.13 2.23 -15.07
C SER B 217 -10.29 2.27 -16.33
N ASP B 218 -9.06 2.80 -16.26
CA ASP B 218 -8.12 2.62 -17.39
C ASP B 218 -7.62 1.19 -17.40
N PRO B 219 -7.40 0.61 -18.58
CA PRO B 219 -6.94 -0.76 -18.69
C PRO B 219 -5.62 -1.03 -17.98
N LEU B 220 -5.51 -2.19 -17.36
CA LEU B 220 -4.23 -2.61 -16.74
C LEU B 220 -3.72 -3.83 -17.46
N PRO B 221 -2.40 -3.91 -17.70
CA PRO B 221 -1.81 -5.03 -18.42
C PRO B 221 -1.64 -6.30 -17.59
N LEU B 222 -1.94 -7.44 -18.21
CA LEU B 222 -1.77 -8.76 -17.61
C LEU B 222 -0.92 -9.59 -18.59
N LEU B 223 0.19 -10.12 -18.11
CA LEU B 223 1.01 -11.04 -18.92
C LEU B 223 0.65 -12.48 -18.57
N VAL B 224 0.16 -13.21 -19.55
CA VAL B 224 -0.20 -14.60 -19.31
C VAL B 224 0.83 -15.50 -19.96
N GLU B 225 1.37 -16.44 -19.17
CA GLU B 225 2.47 -17.27 -19.63
C GLU B 225 2.11 -18.72 -19.44
N ARG B 226 2.97 -19.61 -19.94
CA ARG B 226 2.61 -21.04 -20.02
C ARG B 226 2.59 -21.67 -18.66
N GLU B 227 1.88 -22.79 -18.55
CA GLU B 227 1.64 -23.46 -17.28
C GLU B 227 2.91 -23.64 -16.48
N ARG B 228 3.99 -24.03 -17.16
CA ARG B 228 5.25 -24.39 -16.50
C ARG B 228 5.91 -23.24 -15.73
N ALA B 229 5.57 -21.99 -16.09
CA ALA B 229 6.11 -20.83 -15.36
C ALA B 229 5.65 -20.86 -13.94
N LEU B 230 4.43 -21.34 -13.70
CA LEU B 230 3.90 -21.41 -12.33
C LEU B 230 4.06 -22.79 -11.69
N TYR B 231 3.91 -23.85 -12.50
CA TYR B 231 3.73 -25.22 -11.99
C TYR B 231 4.77 -26.18 -12.59
N GLY B 232 5.52 -26.82 -11.71
CA GLY B 232 6.47 -27.84 -12.12
C GLY B 232 7.32 -28.37 -10.98
N ALA B 233 7.77 -29.62 -11.12
CA ALA B 233 8.73 -30.18 -10.19
C ALA B 233 10.11 -30.24 -10.85
N TRP B 234 11.10 -29.72 -10.13
CA TRP B 234 12.46 -29.55 -10.65
C TRP B 234 13.48 -30.45 -9.96
N TYR B 235 14.39 -31.01 -10.73
CA TYR B 235 15.49 -31.83 -10.21
C TYR B 235 16.83 -31.34 -10.75
N GLU B 236 17.74 -31.01 -9.84
CA GLU B 236 19.07 -30.55 -10.20
C GLU B 236 20.11 -31.64 -10.02
N PHE B 237 20.93 -31.87 -11.05
CA PHE B 237 22.08 -32.74 -10.93
C PHE B 237 23.21 -32.40 -11.91
N PHE B 238 24.40 -32.88 -11.58
CA PHE B 238 25.64 -32.64 -12.32
C PHE B 238 25.91 -33.83 -13.24
N PRO B 239 25.77 -33.64 -14.54
CA PRO B 239 26.01 -34.77 -15.47
C PRO B 239 27.36 -35.47 -15.26
N ARG B 240 28.40 -34.68 -15.00
CA ARG B 240 29.76 -35.21 -14.85
C ARG B 240 29.88 -36.23 -13.72
N SER B 241 29.01 -36.17 -12.73
CA SER B 241 29.04 -37.13 -11.62
C SER B 241 28.50 -38.50 -12.02
N GLU B 242 27.78 -38.58 -13.14
CA GLU B 242 27.16 -39.81 -13.57
C GLU B 242 27.98 -40.45 -14.70
N GLY B 243 29.15 -40.97 -14.29
CA GLY B 243 30.04 -41.65 -15.21
C GLY B 243 30.10 -43.15 -14.94
N THR B 244 31.24 -43.76 -15.27
CA THR B 244 31.40 -45.21 -15.20
C THR B 244 32.69 -45.51 -14.49
N PRO B 245 32.92 -46.80 -14.16
CA PRO B 245 34.21 -47.17 -13.58
C PRO B 245 35.38 -46.89 -14.51
N HIS B 246 35.20 -47.15 -15.80
CA HIS B 246 36.27 -46.93 -16.77
C HIS B 246 36.41 -45.45 -17.19
N THR B 247 35.35 -44.65 -17.02
CA THR B 247 35.37 -43.20 -17.31
C THR B 247 34.58 -42.40 -16.24
N PRO B 248 35.22 -42.09 -15.11
CA PRO B 248 34.54 -41.47 -13.93
C PRO B 248 33.81 -40.16 -14.26
N HIS B 249 34.41 -39.36 -15.13
CA HIS B 249 33.79 -38.12 -15.55
C HIS B 249 32.70 -38.46 -16.58
N GLY B 250 31.45 -38.27 -16.16
CA GLY B 250 30.28 -38.53 -16.98
C GLY B 250 30.24 -37.70 -18.24
N THR B 251 29.48 -38.19 -19.22
CA THR B 251 29.22 -37.48 -20.47
C THR B 251 27.73 -37.26 -20.58
N PHE B 252 27.32 -36.48 -21.56
CA PHE B 252 25.90 -36.41 -21.83
C PHE B 252 25.28 -37.76 -22.19
N ARG B 253 26.06 -38.65 -22.79
CA ARG B 253 25.58 -40.00 -23.12
C ARG B 253 25.41 -40.90 -21.90
N THR B 254 26.35 -40.86 -20.96
CA THR B 254 26.16 -41.63 -19.73
C THR B 254 25.10 -40.98 -18.85
N ALA B 255 25.15 -39.66 -18.73
CA ALA B 255 24.20 -38.94 -17.86
C ALA B 255 22.75 -39.07 -18.28
N ALA B 256 22.49 -39.28 -19.57
CA ALA B 256 21.14 -39.57 -20.05
C ALA B 256 20.54 -40.84 -19.40
N ARG B 257 21.39 -41.77 -18.96
CA ARG B 257 20.94 -43.02 -18.36
C ARG B 257 20.22 -42.73 -17.01
N ARG B 258 20.54 -41.58 -16.44
CA ARG B 258 19.96 -41.15 -15.19
C ARG B 258 18.55 -40.53 -15.36
N LEU B 259 18.19 -40.16 -16.58
CA LEU B 259 16.91 -39.47 -16.81
C LEU B 259 15.69 -40.33 -16.50
N PRO B 260 15.70 -41.64 -16.87
CA PRO B 260 14.48 -42.40 -16.60
C PRO B 260 14.09 -42.39 -15.15
N ALA B 261 15.06 -42.48 -14.25
CA ALA B 261 14.79 -42.44 -12.82
C ALA B 261 14.28 -41.05 -12.36
N ILE B 262 14.81 -39.98 -12.95
CA ILE B 262 14.28 -38.66 -12.67
C ILE B 262 12.79 -38.55 -13.10
N ALA B 263 12.47 -38.95 -14.32
CA ALA B 263 11.07 -38.97 -14.79
C ALA B 263 10.16 -39.87 -13.93
N ALA B 264 10.72 -40.97 -13.44
CA ALA B 264 9.96 -41.91 -12.60
C ALA B 264 9.62 -41.29 -11.25
N MET B 265 10.45 -40.34 -10.80
CA MET B 265 10.16 -39.65 -9.57
C MET B 265 9.13 -38.54 -9.79
N GLY B 266 8.68 -38.38 -11.02
CA GLY B 266 7.61 -37.42 -11.34
C GLY B 266 8.10 -35.99 -11.48
N PHE B 267 9.34 -35.82 -11.89
CA PHE B 267 9.86 -34.47 -12.14
C PHE B 267 9.53 -34.06 -13.57
N ASP B 268 9.54 -32.74 -13.80
CA ASP B 268 9.23 -32.18 -15.12
C ASP B 268 10.39 -31.42 -15.71
N VAL B 269 11.27 -30.91 -14.85
CA VAL B 269 12.38 -30.08 -15.30
C VAL B 269 13.69 -30.61 -14.74
N VAL B 270 14.70 -30.66 -15.59
CA VAL B 270 16.02 -31.04 -15.14
C VAL B 270 16.90 -29.79 -15.20
N TYR B 271 17.42 -29.39 -14.04
CA TYR B 271 18.28 -28.22 -13.96
C TYR B 271 19.75 -28.66 -13.90
N LEU B 272 20.52 -28.23 -14.90
CA LEU B 272 21.92 -28.57 -15.04
C LEU B 272 22.76 -27.39 -14.67
N PRO B 273 23.74 -27.61 -13.79
CA PRO B 273 24.72 -26.57 -13.57
C PRO B 273 25.48 -26.30 -14.88
N PRO B 274 26.27 -25.23 -14.92
CA PRO B 274 26.88 -24.88 -16.19
C PRO B 274 27.64 -26.05 -16.86
N ILE B 275 27.40 -26.18 -18.16
CA ILE B 275 27.89 -27.31 -18.95
C ILE B 275 29.02 -26.91 -19.89
N HIS B 276 29.66 -25.78 -19.60
CA HIS B 276 30.72 -25.26 -20.44
C HIS B 276 32.10 -25.69 -19.98
N PRO B 277 33.13 -25.42 -20.80
CA PRO B 277 34.49 -25.67 -20.31
C PRO B 277 34.74 -24.88 -19.03
N ILE B 278 35.68 -25.33 -18.24
CA ILE B 278 35.94 -24.81 -16.93
C ILE B 278 37.38 -24.36 -16.85
N GLY B 279 37.63 -23.15 -16.35
CA GLY B 279 38.98 -22.60 -16.36
C GLY B 279 39.96 -23.41 -15.52
N THR B 280 41.27 -23.16 -15.76
CA THR B 280 42.39 -23.76 -15.01
C THR B 280 43.06 -22.77 -14.06
N THR B 281 43.16 -21.49 -14.41
CA THR B 281 43.84 -20.50 -13.54
C THR B 281 42.97 -20.24 -12.29
N HIS B 282 43.58 -20.37 -11.11
CA HIS B 282 42.90 -20.27 -9.81
C HIS B 282 41.78 -21.28 -9.63
N ARG B 283 41.84 -22.39 -10.40
CA ARG B 283 40.89 -23.48 -10.22
C ARG B 283 40.83 -23.90 -8.78
N LYS B 284 39.64 -24.11 -8.26
CA LYS B 284 39.48 -24.53 -6.87
C LYS B 284 39.55 -26.03 -6.76
N GLY B 285 40.07 -26.53 -5.65
CA GLY B 285 40.10 -27.97 -5.34
C GLY B 285 38.95 -28.40 -4.45
N ARG B 286 39.01 -29.65 -4.00
CA ARG B 286 37.96 -30.28 -3.19
CA ARG B 286 37.96 -30.28 -3.20
C ARG B 286 37.67 -29.50 -1.90
N ASN B 287 36.41 -29.49 -1.49
CA ASN B 287 35.98 -28.74 -0.29
C ASN B 287 36.36 -27.25 -0.35
N ASN B 288 36.26 -26.67 -1.54
CA ASN B 288 36.46 -25.25 -1.71
C ASN B 288 37.84 -24.81 -1.27
N THR B 289 38.86 -25.58 -1.66
CA THR B 289 40.24 -25.20 -1.38
C THR B 289 40.77 -24.38 -2.55
N LEU B 290 41.81 -23.59 -2.30
CA LEU B 290 42.29 -22.63 -3.29
C LEU B 290 43.11 -23.24 -4.41
N SER B 291 43.77 -24.37 -4.15
CA SER B 291 44.68 -25.01 -5.12
C SER B 291 44.19 -26.37 -5.59
N ALA B 292 43.84 -26.47 -6.87
CA ALA B 292 43.47 -27.74 -7.47
C ALA B 292 44.69 -28.60 -7.67
N THR B 293 44.56 -29.91 -7.49
CA THR B 293 45.59 -30.85 -7.92
C THR B 293 45.36 -31.14 -9.40
N GLY B 294 46.21 -31.98 -9.98
CA GLY B 294 46.11 -32.29 -11.39
C GLY B 294 44.84 -33.03 -11.77
N ASP B 295 44.27 -33.83 -10.86
CA ASP B 295 43.01 -34.54 -11.14
C ASP B 295 41.72 -33.68 -10.95
N ASP B 296 41.77 -32.71 -10.04
CA ASP B 296 40.60 -31.97 -9.63
C ASP B 296 39.84 -31.38 -10.82
N VAL B 297 38.52 -31.48 -10.78
CA VAL B 297 37.69 -31.12 -11.93
C VAL B 297 37.27 -29.66 -11.95
N GLY B 298 37.32 -29.02 -10.78
CA GLY B 298 36.95 -27.63 -10.67
C GLY B 298 35.44 -27.42 -10.60
N VAL B 299 35.08 -26.15 -10.52
CA VAL B 299 33.71 -25.72 -10.30
C VAL B 299 33.04 -25.34 -11.62
N PRO B 300 31.91 -25.96 -11.95
CA PRO B 300 31.28 -25.65 -13.23
C PRO B 300 30.98 -24.17 -13.47
N TRP B 301 30.75 -23.40 -12.40
CA TRP B 301 30.49 -21.97 -12.50
C TRP B 301 31.71 -21.13 -12.89
N ALA B 302 32.89 -21.74 -12.89
CA ALA B 302 34.09 -21.05 -13.32
C ALA B 302 34.26 -21.21 -14.84
N ILE B 303 33.41 -20.51 -15.57
CA ILE B 303 33.18 -20.79 -16.96
C ILE B 303 34.28 -20.23 -17.88
N GLY B 304 34.76 -21.08 -18.78
CA GLY B 304 35.52 -20.64 -19.94
C GLY B 304 36.98 -21.02 -19.93
N SER B 305 37.47 -21.40 -21.11
CA SER B 305 38.86 -21.76 -21.31
C SER B 305 39.13 -21.52 -22.82
N PRO B 306 40.37 -21.72 -23.25
CA PRO B 306 40.60 -21.73 -24.69
C PRO B 306 39.71 -22.73 -25.45
N GLU B 307 39.25 -23.81 -24.80
CA GLU B 307 38.30 -24.74 -25.44
C GLU B 307 36.94 -24.12 -25.74
N GLY B 308 36.62 -23.01 -25.07
CA GLY B 308 35.37 -22.27 -25.34
C GLY B 308 34.77 -21.53 -24.15
N GLY B 309 33.69 -20.80 -24.41
CA GLY B 309 32.98 -19.99 -23.42
C GLY B 309 31.54 -20.47 -23.19
N HIS B 310 30.62 -19.54 -23.00
CA HIS B 310 29.24 -19.89 -22.65
C HIS B 310 28.43 -20.54 -23.78
N ASP B 311 28.94 -20.51 -24.99
CA ASP B 311 28.30 -21.20 -26.12
C ASP B 311 28.96 -22.53 -26.47
N SER B 312 29.81 -23.04 -25.58
CA SER B 312 30.52 -24.32 -25.79
C SER B 312 30.17 -25.39 -24.81
N ILE B 313 30.51 -26.62 -25.15
CA ILE B 313 30.35 -27.75 -24.27
C ILE B 313 31.71 -28.14 -23.68
N HIS B 314 31.76 -28.43 -22.38
CA HIS B 314 32.95 -29.01 -21.73
C HIS B 314 33.36 -30.26 -22.49
N PRO B 315 34.62 -30.33 -22.97
CA PRO B 315 35.04 -31.49 -23.77
C PRO B 315 34.82 -32.85 -23.12
N ALA B 316 34.92 -32.93 -21.81
CA ALA B 316 34.64 -34.19 -21.12
C ALA B 316 33.14 -34.55 -21.05
N LEU B 317 32.26 -33.62 -21.37
CA LEU B 317 30.81 -33.93 -21.44
C LEU B 317 30.39 -34.44 -22.82
N GLY B 318 31.28 -34.27 -23.82
CA GLY B 318 31.03 -34.71 -25.19
C GLY B 318 30.89 -33.50 -26.10
N THR B 319 30.01 -33.62 -27.09
CA THR B 319 29.80 -32.59 -28.11
C THR B 319 28.38 -32.05 -28.12
N LEU B 320 28.16 -31.04 -28.95
CA LEU B 320 26.84 -30.47 -29.13
C LEU B 320 25.80 -31.52 -29.56
N ASP B 321 26.23 -32.51 -30.33
CA ASP B 321 25.38 -33.66 -30.72
C ASP B 321 25.00 -34.57 -29.54
N ASP B 322 25.97 -34.81 -28.65
CA ASP B 322 25.69 -35.55 -27.44
C ASP B 322 24.67 -34.78 -26.60
N PHE B 323 24.82 -33.47 -26.54
CA PHE B 323 23.86 -32.66 -25.85
C PHE B 323 22.46 -32.76 -26.49
N ASP B 324 22.40 -32.73 -27.82
CA ASP B 324 21.11 -32.80 -28.51
C ASP B 324 20.43 -34.12 -28.17
N HIS B 325 21.24 -35.18 -28.10
CA HIS B 325 20.77 -36.52 -27.75
C HIS B 325 20.14 -36.49 -26.38
N PHE B 326 20.84 -35.86 -25.43
CA PHE B 326 20.39 -35.76 -24.05
C PHE B 326 19.08 -35.02 -23.96
N VAL B 327 18.99 -33.93 -24.70
CA VAL B 327 17.77 -33.12 -24.70
C VAL B 327 16.60 -33.91 -25.30
N THR B 328 16.90 -34.67 -26.35
CA THR B 328 15.90 -35.46 -27.04
C THR B 328 15.39 -36.55 -26.10
N GLU B 329 16.31 -37.26 -25.43
CA GLU B 329 15.95 -38.32 -24.48
C GLU B 329 15.21 -37.76 -23.28
N ALA B 330 15.60 -36.57 -22.84
CA ALA B 330 14.85 -35.92 -21.80
C ALA B 330 13.41 -35.66 -22.29
N GLY B 331 13.28 -35.11 -23.50
CA GLY B 331 11.95 -34.81 -24.09
C GLY B 331 11.03 -36.01 -24.18
N LYS B 332 11.54 -37.15 -24.64
CA LYS B 332 10.76 -38.37 -24.67
C LYS B 332 10.21 -38.82 -23.31
N LEU B 333 10.82 -38.37 -22.23
CA LEU B 333 10.40 -38.74 -20.87
C LEU B 333 9.55 -37.66 -20.15
N GLY B 334 9.28 -36.55 -20.84
CA GLY B 334 8.47 -35.47 -20.27
C GLY B 334 9.31 -34.50 -19.46
N LEU B 335 10.60 -34.44 -19.78
CA LEU B 335 11.52 -33.60 -19.07
C LEU B 335 12.08 -32.50 -19.98
N GLU B 336 12.01 -31.27 -19.50
CA GLU B 336 12.56 -30.11 -20.16
C GLU B 336 13.84 -29.80 -19.47
N ILE B 337 14.78 -29.21 -20.20
CA ILE B 337 16.06 -28.89 -19.65
C ILE B 337 16.09 -27.42 -19.28
N ALA B 338 16.59 -27.13 -18.08
CA ALA B 338 16.94 -25.77 -17.66
C ALA B 338 18.44 -25.70 -17.48
N LEU B 339 19.08 -24.80 -18.23
CA LEU B 339 20.51 -24.58 -18.09
C LEU B 339 20.75 -23.45 -17.11
N ASP B 340 21.86 -23.54 -16.39
CA ASP B 340 22.33 -22.45 -15.59
C ASP B 340 22.94 -21.43 -16.52
N PHE B 341 22.63 -20.15 -16.32
CA PHE B 341 23.29 -19.06 -17.02
C PHE B 341 23.91 -18.16 -15.98
N ALA B 342 25.23 -18.19 -15.91
CA ALA B 342 25.98 -17.46 -14.96
C ALA B 342 26.89 -16.49 -15.73
N LEU B 343 26.57 -15.20 -15.63
CA LEU B 343 27.26 -14.19 -16.40
C LEU B 343 28.48 -13.73 -15.59
N GLN B 344 29.54 -14.50 -15.78
CA GLN B 344 30.81 -14.38 -15.08
C GLN B 344 31.81 -15.29 -15.84
N CYS B 345 33.10 -15.20 -15.53
CA CYS B 345 34.19 -15.83 -16.33
C CYS B 345 35.27 -16.35 -15.46
N SER B 346 35.82 -17.51 -15.82
CA SER B 346 37.14 -17.85 -15.30
C SER B 346 38.14 -16.90 -15.95
N PRO B 347 39.35 -16.76 -15.36
CA PRO B 347 40.38 -15.92 -15.98
C PRO B 347 40.85 -16.42 -17.33
N ASP B 348 40.50 -17.66 -17.68
CA ASP B 348 40.91 -18.25 -18.97
C ASP B 348 39.82 -18.14 -20.03
N HIS B 349 38.71 -17.54 -19.67
CA HIS B 349 37.61 -17.31 -20.60
C HIS B 349 38.08 -16.34 -21.70
N PRO B 350 37.80 -16.66 -22.97
CA PRO B 350 38.18 -15.83 -24.11
C PRO B 350 37.84 -14.32 -24.00
N TRP B 351 36.67 -14.03 -23.43
CA TRP B 351 36.26 -12.65 -23.16
C TRP B 351 37.31 -11.79 -22.45
N VAL B 352 38.12 -12.40 -21.60
CA VAL B 352 39.08 -11.63 -20.80
C VAL B 352 40.04 -10.83 -21.69
N HIS B 353 40.48 -11.45 -22.79
CA HIS B 353 41.36 -10.75 -23.72
C HIS B 353 40.58 -10.15 -24.89
N LYS B 354 39.46 -10.75 -25.29
CA LYS B 354 38.69 -10.22 -26.42
C LYS B 354 37.85 -9.03 -26.05
N HIS B 355 37.36 -8.98 -24.82
CA HIS B 355 36.52 -7.86 -24.39
C HIS B 355 36.95 -7.39 -23.00
N PRO B 356 38.13 -6.78 -22.91
CA PRO B 356 38.58 -6.38 -21.59
C PRO B 356 37.63 -5.40 -20.92
N GLU B 357 36.91 -4.63 -21.73
CA GLU B 357 36.02 -3.59 -21.22
C GLU B 357 34.80 -4.16 -20.51
N TRP B 358 34.60 -5.48 -20.62
CA TRP B 358 33.53 -6.13 -19.86
C TRP B 358 33.95 -6.52 -18.45
N PHE B 359 35.08 -5.98 -18.00
CA PHE B 359 35.58 -6.25 -16.64
C PHE B 359 36.10 -4.98 -16.07
N HIS B 360 36.09 -4.92 -14.74
CA HIS B 360 36.59 -3.80 -13.98
C HIS B 360 38.02 -4.13 -13.59
N HIS B 361 38.93 -3.27 -14.03
CA HIS B 361 40.35 -3.46 -13.81
C HIS B 361 40.82 -2.45 -12.77
N ARG B 362 41.79 -2.86 -11.98
CA ARG B 362 42.33 -2.02 -10.94
C ARG B 362 43.55 -1.32 -11.54
N PRO B 363 44.12 -0.35 -10.83
CA PRO B 363 45.24 0.41 -11.42
C PRO B 363 46.41 -0.40 -11.96
N ASP B 364 46.64 -1.60 -11.44
CA ASP B 364 47.72 -2.44 -11.95
C ASP B 364 47.27 -3.37 -13.09
N GLY B 365 46.02 -3.22 -13.54
CA GLY B 365 45.54 -3.99 -14.68
C GLY B 365 44.90 -5.32 -14.29
N THR B 366 44.96 -5.71 -13.02
CA THR B 366 44.30 -6.94 -12.59
C THR B 366 42.80 -6.76 -12.33
N ILE B 367 42.11 -7.88 -12.37
CA ILE B 367 40.70 -7.93 -12.13
C ILE B 367 40.52 -8.68 -10.81
N ALA B 368 39.92 -8.00 -9.83
CA ALA B 368 39.53 -8.61 -8.56
C ALA B 368 38.57 -9.75 -8.80
N HIS B 369 38.84 -10.88 -8.19
CA HIS B 369 37.89 -11.98 -8.26
C HIS B 369 36.55 -11.57 -7.63
N ALA B 370 35.48 -12.24 -8.06
CA ALA B 370 34.16 -12.03 -7.54
C ALA B 370 34.03 -12.44 -6.07
N GLU B 371 33.08 -11.79 -5.38
CA GLU B 371 32.76 -12.03 -3.98
C GLU B 371 31.26 -11.90 -3.75
N ASN B 372 30.81 -12.42 -2.62
CA ASN B 372 29.41 -12.34 -2.19
C ASN B 372 29.46 -12.50 -0.68
N PRO B 373 29.98 -11.48 0.03
CA PRO B 373 30.47 -11.68 1.41
C PRO B 373 29.51 -12.44 2.37
N PRO B 374 30.07 -13.34 3.22
CA PRO B 374 31.51 -13.61 3.42
C PRO B 374 32.15 -14.57 2.38
N LYS B 375 31.36 -15.02 1.40
CA LYS B 375 31.84 -15.97 0.37
C LYS B 375 32.82 -15.28 -0.62
N LYS B 376 33.92 -15.96 -0.93
CA LYS B 376 34.89 -15.49 -1.90
C LYS B 376 34.91 -16.46 -3.09
N TYR B 377 35.03 -15.91 -4.30
CA TYR B 377 35.03 -16.69 -5.53
C TYR B 377 36.36 -16.45 -6.30
N GLN B 378 37.46 -16.94 -5.73
CA GLN B 378 38.80 -16.71 -6.27
C GLN B 378 39.00 -17.24 -7.70
N ASP B 379 38.11 -18.13 -8.16
CA ASP B 379 38.20 -18.74 -9.48
C ASP B 379 37.45 -18.00 -10.58
N ILE B 380 36.74 -16.92 -10.23
CA ILE B 380 36.06 -16.16 -11.27
C ILE B 380 36.22 -14.65 -11.21
N TYR B 381 35.96 -14.04 -12.36
CA TYR B 381 35.83 -12.60 -12.46
C TYR B 381 34.37 -12.22 -12.62
N PRO B 382 33.92 -11.17 -11.91
CA PRO B 382 32.62 -10.58 -12.23
C PRO B 382 32.70 -9.70 -13.48
N ILE B 383 31.57 -9.55 -14.15
CA ILE B 383 31.43 -8.69 -15.31
C ILE B 383 31.11 -7.27 -14.89
N ALA B 384 31.71 -6.26 -15.54
CA ALA B 384 31.33 -4.84 -15.38
C ALA B 384 30.43 -4.48 -16.55
N PHE B 385 29.40 -3.65 -16.32
CA PHE B 385 28.38 -3.37 -17.34
C PHE B 385 28.34 -1.96 -17.91
N ASP B 386 29.14 -1.04 -17.40
CA ASP B 386 28.97 0.36 -17.78
C ASP B 386 29.90 0.88 -18.88
N ALA B 387 30.80 0.04 -19.37
CA ALA B 387 31.61 0.41 -20.52
C ALA B 387 30.97 -0.05 -21.83
N ASP B 388 30.37 -1.24 -21.86
CA ASP B 388 29.79 -1.74 -23.11
C ASP B 388 28.50 -2.51 -22.87
N PRO B 389 27.48 -1.81 -22.35
CA PRO B 389 26.22 -2.46 -22.06
C PRO B 389 25.58 -3.06 -23.31
N ASP B 390 25.74 -2.40 -24.45
CA ASP B 390 25.12 -2.87 -25.70
C ASP B 390 25.75 -4.18 -26.16
N GLY B 391 27.07 -4.25 -26.12
CA GLY B 391 27.80 -5.45 -26.47
C GLY B 391 27.46 -6.65 -25.56
N LEU B 392 27.37 -6.41 -24.26
CA LEU B 392 27.03 -7.47 -23.30
C LEU B 392 25.62 -8.00 -23.50
N ALA B 393 24.67 -7.10 -23.79
CA ALA B 393 23.29 -7.51 -24.02
C ALA B 393 23.19 -8.33 -25.31
N THR B 394 23.80 -7.82 -26.37
CA THR B 394 23.83 -8.48 -27.67
C THR B 394 24.43 -9.88 -27.57
N GLU B 395 25.54 -10.02 -26.84
CA GLU B 395 26.18 -11.31 -26.72
C GLU B 395 25.39 -12.25 -25.80
N THR B 396 24.73 -11.70 -24.79
CA THR B 396 23.97 -12.50 -23.86
C THR B 396 22.78 -13.13 -24.57
N VAL B 397 22.03 -12.33 -25.32
CA VAL B 397 20.89 -12.90 -26.04
C VAL B 397 21.35 -13.83 -27.14
N ARG B 398 22.51 -13.58 -27.73
CA ARG B 398 23.07 -14.51 -28.73
C ARG B 398 23.32 -15.88 -28.09
N ILE B 399 23.90 -15.88 -26.90
CA ILE B 399 24.20 -17.13 -26.20
C ILE B 399 22.92 -17.85 -25.84
N LEU B 400 21.93 -17.12 -25.35
CA LEU B 400 20.67 -17.72 -24.98
C LEU B 400 19.95 -18.26 -26.21
N ARG B 401 19.95 -17.50 -27.31
CA ARG B 401 19.31 -17.99 -28.55
C ARG B 401 19.99 -19.25 -29.07
N HIS B 402 21.30 -19.37 -28.87
CA HIS B 402 21.99 -20.59 -29.25
C HIS B 402 21.44 -21.81 -28.49
N TRP B 403 21.33 -21.73 -27.16
CA TRP B 403 20.81 -22.87 -26.39
C TRP B 403 19.34 -23.13 -26.69
N MET B 404 18.60 -22.05 -26.91
CA MET B 404 17.19 -22.15 -27.35
C MET B 404 17.04 -22.88 -28.70
N ASP B 405 18.01 -22.70 -29.60
CA ASP B 405 18.02 -23.44 -30.89
C ASP B 405 18.20 -24.94 -30.62
N HIS B 406 18.78 -25.27 -29.48
CA HIS B 406 18.99 -26.66 -29.11
C HIS B 406 17.99 -27.16 -28.06
N GLY B 407 16.82 -26.54 -28.00
CA GLY B 407 15.71 -27.07 -27.22
C GLY B 407 15.68 -26.70 -25.75
N VAL B 408 16.56 -25.79 -25.31
CA VAL B 408 16.54 -25.28 -23.93
C VAL B 408 15.62 -24.06 -23.89
N ARG B 409 14.49 -24.18 -23.19
CA ARG B 409 13.51 -23.10 -23.12
C ARG B 409 13.37 -22.61 -21.69
N ILE B 410 14.35 -22.96 -20.84
CA ILE B 410 14.36 -22.50 -19.45
C ILE B 410 15.79 -22.20 -19.04
N PHE B 411 16.00 -21.06 -18.40
CA PHE B 411 17.31 -20.68 -17.87
C PHE B 411 17.19 -20.33 -16.43
N ARG B 412 18.09 -20.89 -15.63
CA ARG B 412 18.24 -20.57 -14.23
C ARG B 412 19.37 -19.58 -14.17
N VAL B 413 19.07 -18.32 -13.85
CA VAL B 413 20.04 -17.25 -13.94
C VAL B 413 20.73 -17.09 -12.60
N ASP B 414 22.04 -17.33 -12.56
CA ASP B 414 22.80 -17.38 -11.32
C ASP B 414 23.02 -15.94 -10.85
N ASN B 415 22.72 -15.70 -9.58
CA ASN B 415 22.95 -14.42 -8.93
C ASN B 415 22.65 -13.18 -9.79
N PRO B 416 21.41 -13.07 -10.24
CA PRO B 416 21.10 -11.92 -11.07
C PRO B 416 21.25 -10.58 -10.33
N HIS B 417 21.13 -10.60 -9.02
CA HIS B 417 21.26 -9.41 -8.21
C HIS B 417 22.65 -8.81 -8.17
N THR B 418 23.64 -9.46 -8.81
CA THR B 418 24.97 -8.87 -8.94
C THR B 418 25.21 -8.30 -10.33
N LYS B 419 24.18 -8.27 -11.15
CA LYS B 419 24.21 -7.61 -12.45
C LYS B 419 23.05 -6.60 -12.46
N PRO B 420 23.16 -5.56 -13.27
CA PRO B 420 22.12 -4.53 -13.20
C PRO B 420 20.70 -4.98 -13.47
N VAL B 421 19.76 -4.42 -12.71
CA VAL B 421 18.35 -4.80 -12.86
C VAL B 421 17.86 -4.51 -14.28
N ALA B 422 18.23 -3.36 -14.79
CA ALA B 422 17.80 -2.98 -16.12
C ALA B 422 18.42 -3.87 -17.21
N PHE B 423 19.59 -4.44 -16.93
CA PHE B 423 20.19 -5.35 -17.89
C PHE B 423 19.28 -6.54 -18.04
N TRP B 424 18.82 -7.11 -16.93
CA TRP B 424 17.90 -8.24 -17.05
C TRP B 424 16.57 -7.85 -17.69
N GLU B 425 16.07 -6.66 -17.41
CA GLU B 425 14.80 -6.24 -17.98
C GLU B 425 14.88 -6.22 -19.53
N ARG B 426 16.02 -5.72 -20.02
CA ARG B 426 16.27 -5.58 -21.43
C ARG B 426 16.44 -6.94 -22.11
N VAL B 427 17.26 -7.79 -21.48
CA VAL B 427 17.51 -9.12 -21.97
C VAL B 427 16.25 -9.96 -22.01
N ILE B 428 15.51 -9.99 -20.92
CA ILE B 428 14.28 -10.79 -20.86
C ILE B 428 13.24 -10.30 -21.88
N ALA B 429 13.13 -8.99 -22.05
CA ALA B 429 12.19 -8.42 -23.04
C ALA B 429 12.60 -8.78 -24.49
N ASP B 430 13.90 -8.76 -24.77
CA ASP B 430 14.41 -9.14 -26.09
C ASP B 430 14.10 -10.62 -26.34
N ILE B 431 14.42 -11.49 -25.39
CA ILE B 431 14.20 -12.93 -25.58
C ILE B 431 12.71 -13.27 -25.63
N ASN B 432 11.92 -12.69 -24.76
CA ASN B 432 10.50 -13.05 -24.72
C ASN B 432 9.69 -12.46 -25.85
N GLY B 433 10.23 -11.44 -26.52
CA GLY B 433 9.57 -10.79 -27.66
C GLY B 433 9.52 -11.69 -28.88
N THR B 434 10.54 -12.51 -29.09
CA THR B 434 10.51 -13.52 -30.14
C THR B 434 10.05 -14.87 -29.60
N ASP B 435 10.42 -15.18 -28.36
CA ASP B 435 10.18 -16.50 -27.77
C ASP B 435 9.54 -16.39 -26.39
N PRO B 436 8.24 -16.08 -26.35
CA PRO B 436 7.56 -15.78 -25.09
C PRO B 436 7.47 -17.00 -24.17
N ASP B 437 7.70 -18.19 -24.73
CA ASP B 437 7.65 -19.43 -23.93
C ASP B 437 8.89 -19.66 -23.04
N VAL B 438 9.96 -18.89 -23.27
CA VAL B 438 11.16 -19.03 -22.48
C VAL B 438 10.92 -18.53 -21.07
N ILE B 439 11.40 -19.30 -20.10
CA ILE B 439 11.22 -19.04 -18.70
C ILE B 439 12.57 -18.74 -18.03
N PHE B 440 12.63 -17.65 -17.29
CA PHE B 440 13.82 -17.30 -16.58
C PHE B 440 13.55 -17.41 -15.09
N LEU B 441 14.48 -18.04 -14.37
CA LEU B 441 14.36 -18.24 -12.94
C LEU B 441 15.45 -17.48 -12.20
N ALA B 442 15.07 -16.59 -11.30
CA ALA B 442 16.05 -15.76 -10.60
C ALA B 442 16.62 -16.44 -9.36
N ALA B 443 17.87 -16.88 -9.44
CA ALA B 443 18.54 -17.44 -8.28
C ALA B 443 19.20 -16.36 -7.48
N ALA B 444 18.37 -15.63 -6.73
CA ALA B 444 18.81 -14.49 -5.98
C ALA B 444 18.33 -14.58 -4.55
N PHE B 445 19.25 -14.89 -3.65
CA PHE B 445 19.00 -14.89 -2.23
C PHE B 445 19.58 -13.61 -1.70
N THR B 446 18.73 -12.61 -1.54
CA THR B 446 19.16 -11.28 -1.23
C THR B 446 18.05 -10.57 -0.48
N ARG B 447 18.14 -9.25 -0.38
CA ARG B 447 17.15 -8.46 0.31
C ARG B 447 15.82 -8.42 -0.47
N PRO B 448 14.71 -8.17 0.23
CA PRO B 448 13.38 -8.28 -0.37
C PRO B 448 13.11 -7.34 -1.53
N ALA B 449 13.61 -6.12 -1.46
CA ALA B 449 13.35 -5.14 -2.50
C ALA B 449 13.88 -5.60 -3.85
N MET B 450 15.10 -6.09 -3.86
CA MET B 450 15.73 -6.59 -5.10
C MET B 450 15.05 -7.85 -5.59
N MET B 451 14.73 -8.78 -4.68
CA MET B 451 13.98 -10.01 -5.07
C MET B 451 12.65 -9.73 -5.76
N ALA B 452 11.88 -8.82 -5.19
CA ALA B 452 10.62 -8.41 -5.75
C ALA B 452 10.86 -7.72 -7.04
N THR B 453 11.82 -6.81 -7.10
CA THR B 453 12.04 -6.04 -8.32
C THR B 453 12.40 -6.98 -9.50
N LEU B 454 13.17 -8.00 -9.23
CA LEU B 454 13.61 -8.88 -10.30
C LEU B 454 12.40 -9.56 -10.94
N ALA B 455 11.50 -10.04 -10.09
CA ALA B 455 10.29 -10.68 -10.58
C ALA B 455 9.48 -9.64 -11.36
N GLN B 456 9.32 -8.46 -10.82
CA GLN B 456 8.54 -7.43 -11.50
C GLN B 456 9.06 -7.02 -12.87
N ILE B 457 10.37 -7.08 -13.08
CA ILE B 457 10.92 -6.64 -14.35
C ILE B 457 10.97 -7.74 -15.39
N GLY B 458 10.48 -8.94 -15.05
CA GLY B 458 10.33 -9.99 -16.01
C GLY B 458 10.65 -11.40 -15.60
N PHE B 459 11.36 -11.62 -14.51
CA PHE B 459 11.72 -13.00 -14.15
C PHE B 459 10.50 -13.82 -13.88
N GLN B 460 10.29 -14.85 -14.70
CA GLN B 460 9.12 -15.69 -14.56
C GLN B 460 9.05 -16.38 -13.24
N GLN B 461 10.18 -16.71 -12.66
CA GLN B 461 10.21 -17.50 -11.42
C GLN B 461 11.26 -16.95 -10.53
N SER B 462 11.14 -17.18 -9.22
CA SER B 462 12.10 -16.68 -8.24
C SER B 462 12.42 -17.75 -7.21
N TYR B 463 13.69 -17.88 -6.86
CA TYR B 463 14.06 -18.58 -5.63
C TYR B 463 13.61 -17.70 -4.46
N THR B 464 13.50 -18.32 -3.29
CA THR B 464 12.84 -17.71 -2.14
C THR B 464 13.62 -17.96 -0.84
N TYR B 465 13.04 -17.49 0.28
CA TYR B 465 13.60 -17.74 1.58
C TYR B 465 13.15 -19.08 2.16
N PHE B 466 12.59 -19.98 1.36
CA PHE B 466 11.98 -21.23 1.86
C PHE B 466 12.87 -21.99 2.82
N THR B 467 14.09 -22.31 2.39
CA THR B 467 14.97 -23.12 3.22
C THR B 467 15.23 -22.53 4.62
N TRP B 468 14.99 -21.22 4.79
CA TRP B 468 15.18 -20.58 6.10
C TRP B 468 13.84 -20.28 6.82
N ARG B 469 12.81 -20.99 6.40
CA ARG B 469 11.51 -20.89 7.06
C ARG B 469 11.16 -22.30 7.46
N ASN B 470 11.34 -22.62 8.75
CA ASN B 470 11.17 -24.00 9.25
C ASN B 470 10.23 -24.19 10.40
N THR B 471 10.04 -23.17 11.24
CA THR B 471 9.02 -23.22 12.29
C THR B 471 7.67 -22.90 11.67
N LYS B 472 6.61 -23.20 12.40
CA LYS B 472 5.26 -22.99 11.94
C LYS B 472 4.99 -21.50 11.74
N GLN B 473 5.40 -20.68 12.69
CA GLN B 473 5.25 -19.27 12.53
C GLN B 473 5.95 -18.75 11.24
N GLU B 474 7.16 -19.24 10.98
CA GLU B 474 7.94 -18.79 9.85
C GLU B 474 7.30 -19.21 8.55
N LEU B 475 6.76 -20.43 8.51
CA LEU B 475 6.15 -20.93 7.29
C LEU B 475 4.86 -20.21 7.03
N THR B 476 4.09 -20.03 8.10
CA THR B 476 2.79 -19.41 8.01
C THR B 476 2.94 -17.96 7.55
N GLU B 477 3.83 -17.21 8.19
CA GLU B 477 4.04 -15.80 7.79
C GLU B 477 4.54 -15.69 6.36
N TYR B 478 5.57 -16.46 6.03
CA TYR B 478 6.15 -16.34 4.71
C TYR B 478 5.20 -16.77 3.59
N LEU B 479 4.41 -17.81 3.80
CA LEU B 479 3.54 -18.30 2.73
C LEU B 479 2.32 -17.43 2.57
N THR B 480 1.88 -16.81 3.67
CA THR B 480 0.84 -15.80 3.56
C THR B 480 1.32 -14.65 2.65
N GLU B 481 2.59 -14.28 2.76
CA GLU B 481 3.17 -13.23 1.90
C GLU B 481 3.22 -13.67 0.42
N LEU B 482 3.75 -14.87 0.18
CA LEU B 482 3.89 -15.35 -1.20
C LEU B 482 2.57 -15.62 -1.91
N SER B 483 1.57 -16.10 -1.17
CA SER B 483 0.27 -16.41 -1.75
C SER B 483 -0.67 -15.22 -1.83
N GLY B 484 -0.30 -14.10 -1.21
CA GLY B 484 -1.09 -12.87 -1.27
C GLY B 484 -0.70 -11.96 -2.42
N GLU B 485 -0.44 -10.69 -2.13
CA GLU B 485 -0.25 -9.71 -3.21
C GLU B 485 0.97 -9.96 -4.05
N ALA B 486 2.02 -10.51 -3.45
CA ALA B 486 3.23 -10.79 -4.21
C ALA B 486 2.98 -11.77 -5.37
N ALA B 487 1.94 -12.58 -5.28
CA ALA B 487 1.62 -13.54 -6.33
C ALA B 487 1.20 -12.89 -7.64
N SER B 488 0.99 -11.59 -7.66
CA SER B 488 0.73 -10.94 -8.95
C SER B 488 1.98 -10.67 -9.80
N TYR B 489 3.18 -10.87 -9.24
CA TYR B 489 4.42 -10.63 -9.97
C TYR B 489 5.52 -11.66 -9.75
N MET B 490 5.36 -12.52 -8.75
CA MET B 490 6.40 -13.48 -8.35
C MET B 490 5.84 -14.87 -8.32
N ARG B 491 6.56 -15.81 -8.94
CA ARG B 491 6.22 -17.21 -8.87
C ARG B 491 7.37 -17.92 -8.15
N PRO B 492 7.08 -18.60 -7.03
CA PRO B 492 8.18 -19.10 -6.26
C PRO B 492 8.51 -20.50 -6.64
N ASN B 493 9.81 -20.82 -6.57
CA ASN B 493 10.32 -22.16 -6.78
C ASN B 493 10.97 -22.61 -5.48
N PHE B 494 10.27 -23.50 -4.77
CA PHE B 494 10.71 -24.08 -3.50
C PHE B 494 11.68 -25.26 -3.63
N PHE B 495 12.95 -24.93 -3.75
CA PHE B 495 14.01 -25.94 -3.65
C PHE B 495 14.24 -26.20 -2.18
N ALA B 496 14.04 -27.44 -1.76
CA ALA B 496 14.22 -27.84 -0.38
C ALA B 496 15.69 -27.83 0.01
N ASN B 497 16.55 -28.00 -0.98
CA ASN B 497 17.97 -27.88 -0.77
C ASN B 497 18.59 -27.40 -2.07
N THR B 498 19.84 -26.93 -2.03
CA THR B 498 20.60 -26.63 -3.25
C THR B 498 22.06 -26.94 -2.98
N PRO B 499 22.91 -26.90 -4.02
CA PRO B 499 24.29 -27.28 -3.74
C PRO B 499 24.93 -26.37 -2.72
N ASP B 500 24.34 -25.20 -2.53
CA ASP B 500 24.86 -24.20 -1.60
C ASP B 500 24.14 -24.17 -0.25
N ILE B 501 23.08 -24.97 -0.07
CA ILE B 501 22.23 -24.85 1.12
C ILE B 501 21.78 -26.20 1.65
N LEU B 502 22.43 -26.60 2.72
CA LEU B 502 22.03 -27.73 3.54
C LEU B 502 21.64 -27.15 4.88
N HIS B 503 20.36 -26.90 5.09
CA HIS B 503 19.93 -26.23 6.35
C HIS B 503 20.19 -27.10 7.58
N ALA B 504 20.49 -26.43 8.69
CA ALA B 504 20.64 -27.08 10.00
C ALA B 504 19.48 -28.00 10.38
N TYR B 505 18.28 -27.69 9.89
CA TYR B 505 17.09 -28.50 10.12
C TYR B 505 17.28 -29.91 9.53
N LEU B 506 17.90 -29.98 8.36
CA LEU B 506 18.16 -31.27 7.72
C LEU B 506 19.36 -31.93 8.37
N GLN B 507 20.36 -31.13 8.73
CA GLN B 507 21.56 -31.65 9.45
C GLN B 507 21.23 -32.31 10.79
N HIS B 508 20.38 -31.69 11.60
CA HIS B 508 20.01 -32.24 12.91
C HIS B 508 18.82 -33.19 12.83
N GLY B 509 18.03 -33.11 11.76
CA GLY B 509 16.77 -33.83 11.70
C GLY B 509 16.87 -35.21 11.07
N GLY B 510 17.86 -35.39 10.21
CA GLY B 510 18.01 -36.66 9.52
C GLY B 510 16.89 -36.91 8.53
N ARG B 511 16.63 -38.17 8.24
CA ARG B 511 15.66 -38.51 7.20
C ARG B 511 14.28 -37.90 7.48
N PRO B 512 13.79 -38.03 8.73
CA PRO B 512 12.47 -37.44 9.01
C PRO B 512 12.36 -35.95 8.66
N ALA B 513 13.46 -35.21 8.74
CA ALA B 513 13.43 -33.80 8.36
C ALA B 513 13.40 -33.67 6.86
N PHE B 514 14.11 -34.55 6.17
CA PHE B 514 14.01 -34.55 4.70
C PHE B 514 12.59 -34.81 4.22
N GLU B 515 11.88 -35.71 4.90
CA GLU B 515 10.49 -36.03 4.57
C GLU B 515 9.55 -34.85 4.80
N VAL B 516 9.71 -34.20 5.93
CA VAL B 516 8.92 -33.00 6.22
C VAL B 516 9.14 -31.92 5.20
N ARG B 517 10.40 -31.61 4.86
CA ARG B 517 10.65 -30.52 3.93
C ARG B 517 10.16 -30.81 2.50
N ALA B 518 10.15 -32.06 2.09
CA ALA B 518 9.60 -32.40 0.77
C ALA B 518 8.08 -32.22 0.73
N VAL B 519 7.42 -32.60 1.81
CA VAL B 519 5.97 -32.49 1.88
C VAL B 519 5.61 -31.01 1.83
N LEU B 520 6.22 -30.26 2.72
CA LEU B 520 6.06 -28.80 2.76
C LEU B 520 6.30 -28.17 1.39
N ALA B 521 7.42 -28.49 0.75
CA ALA B 521 7.78 -27.77 -0.47
C ALA B 521 6.79 -28.10 -1.58
N ALA B 522 6.44 -29.38 -1.66
CA ALA B 522 5.57 -29.90 -2.72
C ALA B 522 4.14 -29.43 -2.62
N THR B 523 3.69 -29.20 -1.38
CA THR B 523 2.28 -28.88 -1.15
C THR B 523 2.06 -27.38 -0.99
N LEU B 524 3.08 -26.63 -0.59
CA LEU B 524 2.92 -25.20 -0.42
C LEU B 524 3.21 -24.39 -1.66
N SER B 525 4.01 -24.89 -2.59
CA SER B 525 4.22 -24.16 -3.85
C SER B 525 3.93 -25.07 -5.03
N PRO B 526 3.36 -24.51 -6.12
CA PRO B 526 3.17 -25.30 -7.33
C PRO B 526 4.46 -25.57 -8.06
N THR B 527 5.54 -24.88 -7.71
CA THR B 527 6.85 -25.25 -8.19
C THR B 527 7.76 -25.52 -7.03
N TRP B 528 8.41 -26.68 -7.07
CA TRP B 528 9.37 -27.07 -6.06
C TRP B 528 10.44 -27.89 -6.74
N GLY B 529 11.51 -28.13 -6.01
CA GLY B 529 12.58 -28.95 -6.55
C GLY B 529 13.57 -29.41 -5.49
N ILE B 530 14.44 -30.32 -5.90
CA ILE B 530 15.49 -30.82 -5.04
C ILE B 530 16.76 -30.95 -5.86
N TYR B 531 17.89 -30.89 -5.13
CA TYR B 531 19.20 -31.13 -5.71
C TYR B 531 19.62 -32.55 -5.32
N SER B 532 19.98 -33.35 -6.34
CA SER B 532 20.39 -34.76 -6.23
C SER B 532 21.19 -35.03 -4.98
N GLY B 533 20.81 -36.08 -4.27
CA GLY B 533 21.38 -36.40 -2.98
C GLY B 533 20.42 -36.11 -1.83
N TYR B 534 19.49 -35.20 -2.06
CA TYR B 534 18.40 -34.95 -1.15
C TYR B 534 17.67 -36.28 -0.85
N GLU B 535 17.45 -37.07 -1.90
CA GLU B 535 16.73 -38.35 -1.77
C GLU B 535 17.42 -39.25 -0.78
N LEU B 536 18.74 -39.13 -0.70
CA LEU B 536 19.56 -40.03 0.11
C LEU B 536 19.82 -39.47 1.50
N CYS B 537 19.24 -38.31 1.75
CA CYS B 537 19.37 -37.67 3.05
C CYS B 537 20.83 -37.33 3.35
N GLU B 538 21.55 -36.92 2.31
CA GLU B 538 22.90 -36.43 2.49
C GLU B 538 22.79 -35.18 3.32
N ASN B 539 23.37 -35.20 4.51
CA ASN B 539 23.21 -34.10 5.44
C ASN B 539 24.41 -33.86 6.31
N THR B 540 25.59 -34.18 5.78
CA THR B 540 26.82 -33.96 6.49
C THR B 540 27.33 -32.59 6.05
N PRO B 541 27.45 -31.66 7.00
CA PRO B 541 27.93 -30.34 6.68
C PRO B 541 29.43 -30.30 6.62
N LEU B 542 29.96 -29.27 5.98
CA LEU B 542 31.39 -29.00 5.95
C LEU B 542 31.95 -28.83 7.36
N ARG B 543 31.21 -28.18 8.24
CA ARG B 543 31.59 -27.99 9.64
C ARG B 543 30.32 -27.56 10.38
N GLU B 544 30.37 -27.47 11.70
CA GLU B 544 29.20 -27.02 12.46
C GLU B 544 28.88 -25.55 12.14
N GLY B 545 27.60 -25.25 11.96
CA GLY B 545 27.18 -23.89 11.67
C GLY B 545 27.43 -23.44 10.24
N SER B 546 27.71 -24.40 9.36
CA SER B 546 27.84 -24.13 7.93
C SER B 546 26.61 -24.66 7.24
N GLU B 547 26.26 -24.08 6.11
CA GLU B 547 25.21 -24.65 5.25
C GLU B 547 25.78 -25.30 3.98
N GLU B 548 27.10 -25.44 3.93
CA GLU B 548 27.79 -26.17 2.86
C GLU B 548 27.81 -27.66 3.20
N TYR B 549 27.66 -28.50 2.18
CA TYR B 549 27.89 -29.94 2.24
C TYR B 549 29.37 -30.25 2.33
N LEU B 550 29.72 -31.26 3.10
CA LEU B 550 31.06 -31.84 3.06
C LEU B 550 31.29 -32.52 1.71
N ASP B 551 32.51 -32.40 1.19
CA ASP B 551 32.85 -33.00 -0.10
C ASP B 551 31.84 -32.55 -1.15
N SER B 552 31.62 -31.25 -1.17
CA SER B 552 30.60 -30.69 -2.05
C SER B 552 30.86 -31.09 -3.50
N GLU B 553 29.76 -31.47 -4.16
CA GLU B 553 29.76 -31.83 -5.59
C GLU B 553 30.20 -30.69 -6.54
N LYS B 554 30.20 -29.47 -6.03
CA LYS B 554 30.63 -28.33 -6.82
C LYS B 554 32.12 -28.42 -7.18
N TYR B 555 32.91 -29.08 -6.33
CA TYR B 555 34.36 -29.17 -6.45
C TYR B 555 34.89 -30.57 -6.76
N GLN B 556 34.00 -31.56 -6.85
CA GLN B 556 34.46 -32.90 -7.17
C GLN B 556 33.38 -33.73 -7.83
N LEU B 557 33.81 -34.81 -8.49
CA LEU B 557 32.91 -35.83 -8.96
C LEU B 557 32.31 -36.49 -7.75
N LYS B 558 30.99 -36.69 -7.79
CA LYS B 558 30.33 -37.30 -6.67
C LYS B 558 29.52 -38.48 -7.14
N PRO B 559 30.20 -39.61 -7.40
CA PRO B 559 29.44 -40.74 -7.88
C PRO B 559 28.52 -41.23 -6.78
N ARG B 560 27.30 -41.61 -7.13
CA ARG B 560 26.37 -42.14 -6.14
C ARG B 560 25.82 -43.47 -6.62
N ASP B 561 25.80 -44.45 -5.73
CA ASP B 561 25.31 -45.78 -6.07
C ASP B 561 23.79 -45.77 -5.90
N TRP B 562 23.10 -45.23 -6.90
CA TRP B 562 21.63 -45.17 -6.94
C TRP B 562 20.95 -46.54 -6.81
N THR B 563 21.48 -47.54 -7.50
CA THR B 563 20.87 -48.88 -7.49
C THR B 563 20.90 -49.52 -6.10
N ARG B 564 22.01 -49.31 -5.41
CA ARG B 564 22.17 -49.77 -4.05
C ARG B 564 21.19 -49.06 -3.12
N ALA B 565 21.16 -47.73 -3.17
CA ALA B 565 20.24 -46.98 -2.29
C ALA B 565 18.78 -47.42 -2.44
N ALA B 566 18.40 -47.70 -3.68
CA ALA B 566 17.03 -48.12 -3.96
C ALA B 566 16.77 -49.52 -3.39
N ARG B 567 17.72 -50.43 -3.61
CA ARG B 567 17.68 -51.79 -3.07
C ARG B 567 17.63 -51.78 -1.54
N GLU B 568 18.40 -50.88 -0.92
CA GLU B 568 18.54 -50.86 0.54
C GLU B 568 17.51 -49.95 1.21
N GLY B 569 16.64 -49.33 0.42
CA GLY B 569 15.57 -48.49 0.94
C GLY B 569 16.02 -47.22 1.66
N THR B 570 17.24 -46.77 1.40
CA THR B 570 17.81 -45.63 2.12
C THR B 570 17.63 -44.38 1.30
N THR B 571 16.55 -44.31 0.54
CA THR B 571 16.20 -43.17 -0.24
C THR B 571 14.72 -42.87 0.01
N ILE B 572 14.37 -41.59 -0.09
CA ILE B 572 12.98 -41.16 0.00
C ILE B 572 12.43 -40.86 -1.39
N ALA B 573 13.11 -41.34 -2.42
CA ALA B 573 12.56 -41.34 -3.76
C ALA B 573 11.08 -41.77 -3.84
N PRO B 574 10.68 -42.81 -3.08
CA PRO B 574 9.27 -43.18 -3.13
C PRO B 574 8.30 -42.10 -2.62
N LEU B 575 8.64 -41.45 -1.52
CA LEU B 575 7.88 -40.30 -1.01
C LEU B 575 7.81 -39.15 -2.02
N VAL B 576 8.95 -38.83 -2.61
CA VAL B 576 9.03 -37.80 -3.63
C VAL B 576 8.13 -38.17 -4.80
N THR B 577 8.22 -39.42 -5.22
CA THR B 577 7.43 -39.92 -6.34
C THR B 577 5.94 -39.77 -6.04
N ARG B 578 5.57 -40.08 -4.81
CA ARG B 578 4.19 -40.00 -4.39
C ARG B 578 3.74 -38.53 -4.36
N LEU B 579 4.57 -37.65 -3.80
CA LEU B 579 4.24 -36.21 -3.75
C LEU B 579 3.94 -35.64 -5.13
N ASN B 580 4.74 -36.00 -6.13
CA ASN B 580 4.50 -35.52 -7.49
C ASN B 580 3.27 -36.11 -8.17
N THR B 581 2.97 -37.39 -7.89
CA THR B 581 1.76 -38.00 -8.37
C THR B 581 0.53 -37.28 -7.79
N ILE B 582 0.52 -37.07 -6.49
CA ILE B 582 -0.56 -36.33 -5.84
C ILE B 582 -0.72 -34.96 -6.50
N ARG B 583 0.37 -34.26 -6.80
CA ARG B 583 0.30 -32.94 -7.44
C ARG B 583 -0.32 -33.03 -8.83
N ARG B 584 0.06 -34.06 -9.59
CA ARG B 584 -0.49 -34.27 -10.92
C ARG B 584 -1.96 -34.65 -10.91
N GLU B 585 -2.43 -35.18 -9.79
CA GLU B 585 -3.81 -35.61 -9.67
C GLU B 585 -4.74 -34.62 -8.94
N ASN B 586 -4.20 -33.49 -8.49
CA ASN B 586 -4.96 -32.56 -7.67
C ASN B 586 -4.68 -31.13 -8.08
N PRO B 587 -5.56 -30.56 -8.91
CA PRO B 587 -5.39 -29.18 -9.41
C PRO B 587 -5.11 -28.14 -8.31
N ALA B 588 -5.67 -28.33 -7.12
CA ALA B 588 -5.40 -27.43 -6.00
C ALA B 588 -3.91 -27.24 -5.73
N LEU B 589 -3.09 -28.27 -5.97
CA LEU B 589 -1.63 -28.19 -5.70
C LEU B 589 -0.82 -27.66 -6.88
N ARG B 590 -1.49 -27.41 -8.00
CA ARG B 590 -0.91 -26.80 -9.19
C ARG B 590 -1.19 -25.29 -9.30
N GLN B 591 -1.52 -24.67 -8.16
CA GLN B 591 -1.71 -23.25 -8.06
C GLN B 591 -1.21 -22.76 -6.72
N LEU B 592 -1.17 -21.45 -6.59
CA LEU B 592 -0.47 -20.83 -5.49
C LEU B 592 -1.32 -19.95 -4.58
N ARG B 593 -2.25 -19.21 -5.16
CA ARG B 593 -2.96 -18.13 -4.45
C ARG B 593 -4.01 -18.54 -3.43
N ASP B 594 -4.65 -19.68 -3.65
CA ASP B 594 -5.66 -20.21 -2.74
C ASP B 594 -4.97 -21.12 -1.72
N LEU B 595 -4.84 -20.60 -0.50
CA LEU B 595 -4.08 -21.26 0.56
C LEU B 595 -4.57 -20.74 1.89
N HIS B 596 -4.97 -21.63 2.79
CA HIS B 596 -5.44 -21.18 4.08
C HIS B 596 -4.83 -21.99 5.22
N PHE B 597 -4.40 -21.32 6.27
CA PHE B 597 -3.88 -21.99 7.45
C PHE B 597 -4.95 -22.18 8.52
N HIS B 598 -5.10 -23.43 8.97
CA HIS B 598 -6.06 -23.83 10.01
C HIS B 598 -5.37 -24.02 11.35
N PRO B 599 -5.97 -23.52 12.44
CA PRO B 599 -5.28 -23.56 13.75
C PRO B 599 -5.20 -24.94 14.41
N THR B 600 -4.06 -25.22 15.04
CA THR B 600 -3.84 -26.45 15.81
C THR B 600 -3.39 -26.03 17.20
N ASP B 601 -3.44 -26.94 18.16
CA ASP B 601 -3.06 -26.59 19.53
C ASP B 601 -1.63 -27.02 19.89
N LYS B 602 -0.79 -27.32 18.91
CA LYS B 602 0.63 -27.65 19.15
C LYS B 602 1.51 -26.82 18.22
N GLU B 603 2.51 -26.15 18.79
CA GLU B 603 3.41 -25.28 18.02
C GLU B 603 4.15 -26.04 16.90
N GLU B 604 4.36 -27.35 17.06
CA GLU B 604 5.08 -28.16 16.09
C GLU B 604 4.20 -28.73 14.98
N VAL B 605 2.89 -28.58 15.10
CA VAL B 605 1.99 -29.11 14.07
C VAL B 605 1.30 -27.96 13.33
N ILE B 606 1.50 -27.96 12.00
CA ILE B 606 0.94 -26.95 11.10
C ILE B 606 -0.09 -27.59 10.17
N ALA B 607 -1.15 -26.85 9.85
CA ALA B 607 -2.20 -27.35 8.98
C ALA B 607 -2.65 -26.31 7.98
N TYR B 608 -2.91 -26.75 6.76
CA TYR B 608 -3.36 -25.86 5.70
C TYR B 608 -4.17 -26.55 4.65
N SER B 609 -4.95 -25.80 3.90
CA SER B 609 -5.73 -26.32 2.78
C SER B 609 -5.55 -25.46 1.55
N LYS B 610 -5.78 -26.05 0.39
CA LYS B 610 -5.69 -25.37 -0.90
C LYS B 610 -6.79 -25.90 -1.79
N ARG B 611 -7.35 -25.03 -2.63
CA ARG B 611 -8.53 -25.36 -3.43
C ARG B 611 -8.46 -24.83 -4.84
N GLN B 612 -9.17 -25.52 -5.74
CA GLN B 612 -9.23 -25.19 -7.16
C GLN B 612 -10.44 -25.94 -7.72
N GLY B 613 -11.51 -25.19 -7.96
CA GLY B 613 -12.81 -25.78 -8.32
C GLY B 613 -13.22 -26.69 -7.20
N SER B 614 -13.61 -27.92 -7.54
CA SER B 614 -14.12 -28.86 -6.54
C SER B 614 -13.01 -29.71 -5.88
N ASN B 615 -11.76 -29.38 -6.15
CA ASN B 615 -10.64 -30.09 -5.58
C ASN B 615 -10.13 -29.33 -4.37
N THR B 616 -10.19 -30.00 -3.23
CA THR B 616 -9.69 -29.47 -1.99
C THR B 616 -8.66 -30.43 -1.39
N VAL B 617 -7.48 -29.91 -1.12
CA VAL B 617 -6.43 -30.68 -0.49
C VAL B 617 -6.12 -30.09 0.88
N LEU B 618 -6.05 -30.98 1.87
CA LEU B 618 -5.84 -30.61 3.23
C LEU B 618 -4.57 -31.31 3.78
N VAL B 619 -3.64 -30.53 4.29
CA VAL B 619 -2.33 -31.02 4.71
C VAL B 619 -2.05 -30.70 6.18
N VAL B 620 -1.53 -31.67 6.91
CA VAL B 620 -1.17 -31.51 8.30
C VAL B 620 0.23 -32.06 8.41
N VAL B 621 1.15 -31.29 8.95
CA VAL B 621 2.54 -31.72 9.02
C VAL B 621 3.06 -31.60 10.44
N ASN B 622 3.84 -32.59 10.85
CA ASN B 622 4.61 -32.51 12.09
C ASN B 622 6.01 -32.00 11.77
N LEU B 623 6.32 -30.78 12.21
CA LEU B 623 7.60 -30.14 11.92
C LEU B 623 8.72 -30.58 12.88
N ASP B 624 8.36 -31.35 13.91
CA ASP B 624 9.33 -31.99 14.78
C ASP B 624 9.79 -33.32 14.14
N PRO B 625 11.07 -33.38 13.70
CA PRO B 625 11.59 -34.57 13.06
C PRO B 625 12.09 -35.61 14.06
N ARG B 626 12.06 -35.27 15.34
CA ARG B 626 12.70 -36.06 16.39
C ARG B 626 11.69 -36.68 17.40
N HIS B 627 10.56 -36.01 17.66
CA HIS B 627 9.52 -36.55 18.57
C HIS B 627 8.16 -36.66 17.92
N THR B 628 7.42 -37.68 18.36
CA THR B 628 6.02 -37.84 18.01
C THR B 628 5.17 -36.70 18.59
N GLN B 629 4.27 -36.16 17.77
CA GLN B 629 3.41 -35.05 18.19
C GLN B 629 1.95 -35.41 17.95
N GLU B 630 1.12 -35.12 18.95
CA GLU B 630 -0.31 -35.24 18.82
C GLU B 630 -0.95 -33.88 19.05
N ALA B 631 -2.06 -33.66 18.35
CA ALA B 631 -2.72 -32.36 18.36
C ALA B 631 -4.15 -32.47 17.87
N THR B 632 -4.88 -31.40 18.13
CA THR B 632 -6.21 -31.22 17.61
C THR B 632 -6.10 -30.18 16.53
N VAL B 633 -6.55 -30.53 15.33
CA VAL B 633 -6.59 -29.59 14.21
C VAL B 633 -8.00 -29.05 14.14
N SER B 634 -8.17 -27.75 14.41
CA SER B 634 -9.50 -27.12 14.38
C SER B 634 -9.74 -26.40 13.05
N LEU B 635 -10.43 -27.05 12.12
CA LEU B 635 -10.63 -26.49 10.78
C LEU B 635 -11.63 -25.34 10.75
N ASP B 636 -11.20 -24.25 10.13
CA ASP B 636 -12.06 -23.19 9.61
C ASP B 636 -12.94 -23.77 8.47
N MET B 637 -14.14 -24.21 8.84
CA MET B 637 -15.02 -24.96 7.92
C MET B 637 -15.60 -24.12 6.77
N PRO B 638 -16.04 -22.88 7.03
CA PRO B 638 -16.51 -22.02 5.93
C PRO B 638 -15.45 -21.82 4.84
N GLN B 639 -14.19 -21.82 5.22
CA GLN B 639 -13.10 -21.69 4.27
C GLN B 639 -12.93 -22.92 3.37
N LEU B 640 -13.60 -24.03 3.73
CA LEU B 640 -13.62 -25.23 2.88
C LEU B 640 -14.93 -25.33 2.10
N GLY B 641 -15.82 -24.34 2.28
CA GLY B 641 -17.14 -24.36 1.67
C GLY B 641 -18.13 -25.22 2.44
N LEU B 642 -17.93 -25.38 3.74
CA LEU B 642 -18.79 -26.25 4.55
C LEU B 642 -19.33 -25.55 5.79
N ASP B 643 -20.43 -26.06 6.35
CA ASP B 643 -20.97 -25.53 7.60
C ASP B 643 -20.24 -26.16 8.80
N TRP B 644 -20.23 -25.43 9.92
CA TRP B 644 -19.45 -25.80 11.12
C TRP B 644 -19.70 -27.22 11.61
N HIS B 645 -20.96 -27.63 11.51
CA HIS B 645 -21.42 -28.92 12.00
C HIS B 645 -21.09 -30.09 11.06
N GLU B 646 -20.66 -29.82 9.83
CA GLU B 646 -20.52 -30.88 8.84
C GLU B 646 -19.32 -31.79 9.09
N SER B 647 -19.48 -33.04 8.65
CA SER B 647 -18.43 -34.06 8.66
C SER B 647 -18.02 -34.21 7.21
N VAL B 648 -16.75 -34.51 6.94
CA VAL B 648 -16.31 -34.70 5.56
C VAL B 648 -15.24 -35.79 5.39
N PRO B 649 -15.44 -36.70 4.42
CA PRO B 649 -14.48 -37.79 4.26
C PRO B 649 -13.24 -37.32 3.51
N VAL B 650 -12.10 -37.79 3.98
CA VAL B 650 -10.82 -37.49 3.37
C VAL B 650 -10.03 -38.77 3.20
N ARG B 651 -9.13 -38.79 2.24
CA ARG B 651 -8.18 -39.89 2.11
C ARG B 651 -6.77 -39.32 2.20
N ASP B 652 -5.96 -39.90 3.08
CA ASP B 652 -4.52 -39.59 3.13
C ASP B 652 -3.86 -40.24 1.92
N GLU B 653 -3.47 -39.42 0.95
CA GLU B 653 -2.91 -39.92 -0.30
C GLU B 653 -1.51 -40.52 -0.13
N LEU B 654 -0.88 -40.24 1.01
CA LEU B 654 0.36 -40.91 1.38
C LEU B 654 0.16 -42.39 1.73
N THR B 655 -1.02 -42.74 2.27
CA THR B 655 -1.23 -44.08 2.80
C THR B 655 -2.38 -44.89 2.17
N GLY B 656 -3.31 -44.22 1.48
CA GLY B 656 -4.59 -44.85 1.06
C GLY B 656 -5.66 -44.92 2.17
N GLU B 657 -5.28 -44.44 3.36
CA GLU B 657 -6.09 -44.50 4.58
C GLU B 657 -7.14 -43.39 4.58
N THR B 658 -8.36 -43.73 5.00
CA THR B 658 -9.51 -42.82 4.93
C THR B 658 -9.99 -42.45 6.32
N TYR B 659 -10.32 -41.19 6.52
CA TYR B 659 -10.87 -40.71 7.79
C TYR B 659 -12.10 -39.86 7.54
N HIS B 660 -12.87 -39.62 8.60
CA HIS B 660 -13.95 -38.64 8.58
C HIS B 660 -13.61 -37.48 9.53
N TRP B 661 -13.43 -36.29 8.96
CA TRP B 661 -12.95 -35.10 9.68
C TRP B 661 -13.98 -33.96 9.71
N GLY B 662 -13.98 -33.14 10.77
CA GLY B 662 -14.80 -31.93 10.84
C GLY B 662 -14.17 -30.80 11.64
N ARG B 663 -15.01 -29.92 12.18
CA ARG B 663 -14.65 -28.87 13.15
C ARG B 663 -13.31 -29.12 13.86
N ALA B 664 -13.19 -30.28 14.53
CA ALA B 664 -12.03 -30.59 15.38
C ALA B 664 -11.56 -32.05 15.22
N ASN B 665 -10.29 -32.24 14.85
CA ASN B 665 -9.76 -33.57 14.50
C ASN B 665 -8.45 -33.92 15.19
N TYR B 666 -8.43 -35.09 15.84
CA TYR B 666 -7.22 -35.65 16.47
C TYR B 666 -6.23 -36.22 15.44
N VAL B 667 -4.99 -35.73 15.45
CA VAL B 667 -3.90 -36.34 14.68
C VAL B 667 -2.75 -36.77 15.56
N ARG B 668 -2.02 -37.78 15.11
CA ARG B 668 -0.87 -38.32 15.83
C ARG B 668 0.21 -38.60 14.80
N LEU B 669 1.27 -37.81 14.83
CA LEU B 669 2.28 -37.88 13.80
C LEU B 669 3.64 -38.31 14.34
N GLU B 670 4.11 -39.44 13.83
CA GLU B 670 5.27 -40.11 14.34
C GLU B 670 6.43 -40.02 13.32
N PRO B 671 7.53 -39.34 13.67
CA PRO B 671 8.69 -39.24 12.77
C PRO B 671 9.25 -40.59 12.36
N GLY B 672 9.55 -40.73 11.07
CA GLY B 672 9.93 -42.02 10.48
C GLY B 672 8.74 -42.70 9.81
N ARG B 673 7.67 -42.93 10.57
CA ARG B 673 6.46 -43.59 10.04
C ARG B 673 5.56 -42.60 9.27
N THR B 674 5.35 -41.40 9.81
CA THR B 674 4.37 -40.43 9.25
C THR B 674 4.85 -38.97 9.39
N PRO B 675 5.40 -38.41 8.31
CA PRO B 675 5.77 -37.00 8.40
C PRO B 675 4.56 -36.05 8.49
N ALA B 676 3.45 -36.48 7.89
CA ALA B 676 2.34 -35.61 7.57
C ALA B 676 1.13 -36.43 7.11
N HIS B 677 -0.05 -35.83 7.14
CA HIS B 677 -1.18 -36.30 6.33
C HIS B 677 -1.31 -35.39 5.13
N VAL B 678 -1.43 -35.94 3.94
CA VAL B 678 -1.76 -35.15 2.76
C VAL B 678 -3.10 -35.64 2.21
N CYS B 679 -4.19 -35.03 2.65
CA CYS B 679 -5.52 -35.56 2.36
C CYS B 679 -6.25 -34.86 1.23
N THR B 680 -6.99 -35.62 0.44
CA THR B 680 -7.95 -35.03 -0.49
C THR B 680 -9.33 -35.17 0.13
N VAL B 681 -10.17 -34.16 -0.09
CA VAL B 681 -11.56 -34.20 0.35
C VAL B 681 -12.32 -35.07 -0.65
N LEU B 682 -12.98 -36.13 -0.15
CA LEU B 682 -13.72 -37.04 -1.04
C LEU B 682 -15.11 -36.47 -1.34
N ARG B 683 -15.48 -36.51 -2.63
CA ARG B 683 -16.70 -35.83 -3.10
C ARG B 683 -17.44 -36.66 -4.16
C1 SHG C . -25.46 20.00 6.39
C2 SHG C . -25.61 20.53 7.89
C3 SHG C . -26.81 19.89 8.64
C4 SHG C . -28.09 19.85 7.70
C5 SHG C . -27.70 19.07 6.46
C6 SHG C . -28.86 18.78 5.55
O3 SHG C . -27.09 20.58 9.84
O4 SHG C . -29.21 19.25 8.40
O5 SHG C . -26.79 19.93 5.68
O6 SHG C . -28.78 19.88 4.65
F2 SHG C . -24.44 20.27 8.53
C1 GLC C . -30.07 20.28 8.96
C2 GLC C . -31.03 19.76 10.06
C3 GLC C . -32.16 18.97 9.42
C4 GLC C . -32.86 19.87 8.37
C5 GLC C . -31.83 20.29 7.34
C6 GLC C . -32.39 21.13 6.20
O2 GLC C . -30.27 19.04 11.14
O3 GLC C . -33.14 18.54 10.39
O4 GLC C . -33.91 19.13 7.70
O5 GLC C . -30.77 21.04 7.97
O6 GLC C . -32.96 22.29 6.75
C1 SHG D . 25.74 -19.30 -8.49
C2 SHG D . 25.78 -20.75 -7.87
C3 SHG D . 26.90 -20.92 -6.80
C4 SHG D . 28.23 -20.31 -7.32
C5 SHG D . 27.93 -18.82 -7.59
C6 SHG D . 29.14 -18.00 -7.87
O3 SHG D . 27.07 -22.31 -6.50
O4 SHG D . 29.28 -20.50 -6.34
O5 SHG D . 27.10 -18.78 -8.80
O6 SHG D . 29.17 -18.06 -9.27
F2 SHG D . 24.53 -21.03 -7.32
C1 GLC D . 30.10 -21.67 -6.68
C2 GLC D . 30.98 -22.13 -5.49
C3 GLC D . 32.15 -21.16 -5.24
C4 GLC D . 32.96 -20.98 -6.54
C5 GLC D . 32.00 -20.47 -7.60
C6 GLC D . 32.67 -20.18 -8.93
O2 GLC D . 30.15 -22.39 -4.28
O3 GLC D . 33.05 -21.65 -4.20
O4 GLC D . 34.03 -20.06 -6.35
O5 GLC D . 30.92 -21.42 -7.84
O6 GLC D . 33.23 -21.40 -9.41
#